data_3H36
# 
_entry.id   3H36 
# 
_audit_conform.dict_name       mmcif_pdbx.dic 
_audit_conform.dict_version    5.399 
_audit_conform.dict_location   http://mmcif.pdb.org/dictionaries/ascii/mmcif_pdbx.dic 
# 
loop_
_database_2.database_id 
_database_2.database_code 
_database_2.pdbx_database_accession 
_database_2.pdbx_DOI 
PDB   3H36         pdb_00003h36 10.2210/pdb3h36/pdb 
RCSB  RCSB052633   ?            ?                   
WWPDB D_1000052633 ?            ?                   
# 
loop_
_pdbx_audit_revision_history.ordinal 
_pdbx_audit_revision_history.data_content_type 
_pdbx_audit_revision_history.major_revision 
_pdbx_audit_revision_history.minor_revision 
_pdbx_audit_revision_history.revision_date 
1 'Structure model' 1 0 2009-05-12 
2 'Structure model' 1 1 2011-07-13 
3 'Structure model' 1 2 2017-11-01 
4 'Structure model' 1 3 2024-11-20 
# 
_pdbx_audit_revision_details.ordinal             1 
_pdbx_audit_revision_details.revision_ordinal    1 
_pdbx_audit_revision_details.data_content_type   'Structure model' 
_pdbx_audit_revision_details.provider            repository 
_pdbx_audit_revision_details.type                'Initial release' 
_pdbx_audit_revision_details.description         ? 
_pdbx_audit_revision_details.details             ? 
# 
loop_
_pdbx_audit_revision_group.ordinal 
_pdbx_audit_revision_group.revision_ordinal 
_pdbx_audit_revision_group.data_content_type 
_pdbx_audit_revision_group.group 
1 2 'Structure model' Advisory                    
2 2 'Structure model' 'Version format compliance' 
3 3 'Structure model' 'Refinement description'    
4 4 'Structure model' 'Data collection'           
5 4 'Structure model' 'Database references'       
6 4 'Structure model' 'Derived calculations'      
7 4 'Structure model' 'Structure summary'         
# 
loop_
_pdbx_audit_revision_category.ordinal 
_pdbx_audit_revision_category.revision_ordinal 
_pdbx_audit_revision_category.data_content_type 
_pdbx_audit_revision_category.category 
1 3 'Structure model' software                     
2 4 'Structure model' chem_comp_atom               
3 4 'Structure model' chem_comp_bond               
4 4 'Structure model' database_2                   
5 4 'Structure model' pdbx_entry_details           
6 4 'Structure model' pdbx_modification_feature    
7 4 'Structure model' pdbx_struct_special_symmetry 
8 4 'Structure model' struct_conn                  
9 4 'Structure model' struct_site                  
# 
loop_
_pdbx_audit_revision_item.ordinal 
_pdbx_audit_revision_item.revision_ordinal 
_pdbx_audit_revision_item.data_content_type 
_pdbx_audit_revision_item.item 
1  4 'Structure model' '_database_2.pdbx_DOI'                         
2  4 'Structure model' '_database_2.pdbx_database_accession'          
3  4 'Structure model' '_pdbx_entry_details.has_protein_modification' 
4  4 'Structure model' '_struct_conn.pdbx_leaving_atom_flag'          
5  4 'Structure model' '_struct_conn.ptnr1_auth_comp_id'              
6  4 'Structure model' '_struct_conn.ptnr1_auth_seq_id'               
7  4 'Structure model' '_struct_conn.ptnr1_label_asym_id'             
8  4 'Structure model' '_struct_conn.ptnr1_label_atom_id'             
9  4 'Structure model' '_struct_conn.ptnr1_label_comp_id'             
10 4 'Structure model' '_struct_conn.ptnr1_label_seq_id'              
11 4 'Structure model' '_struct_conn.ptnr2_auth_comp_id'              
12 4 'Structure model' '_struct_conn.ptnr2_auth_seq_id'               
13 4 'Structure model' '_struct_conn.ptnr2_label_asym_id'             
14 4 'Structure model' '_struct_conn.ptnr2_label_atom_id'             
15 4 'Structure model' '_struct_conn.ptnr2_label_comp_id'             
16 4 'Structure model' '_struct_conn.ptnr2_label_seq_id'              
17 4 'Structure model' '_struct_site.pdbx_auth_asym_id'               
18 4 'Structure model' '_struct_site.pdbx_auth_comp_id'               
19 4 'Structure model' '_struct_site.pdbx_auth_seq_id'                
# 
_pdbx_database_status.entry_id                        3H36 
_pdbx_database_status.deposit_site                    RCSB 
_pdbx_database_status.process_site                    RCSB 
_pdbx_database_status.recvd_initial_deposition_date   2009-04-15 
_pdbx_database_status.status_code                     REL 
_pdbx_database_status.status_code_sf                  REL 
_pdbx_database_status.status_code_mr                  ? 
_pdbx_database_status.SG_entry                        Y 
_pdbx_database_status.pdb_format_compatible           Y 
_pdbx_database_status.status_code_cs                  ? 
_pdbx_database_status.methods_development_category    ? 
_pdbx_database_status.status_code_nmr_data            ? 
# 
_pdbx_database_related.db_name        TargetDB 
_pdbx_database_related.db_id          apc63929.2 
_pdbx_database_related.details        . 
_pdbx_database_related.content_type   unspecified 
# 
loop_
_audit_author.name 
_audit_author.pdbx_ordinal 
'Cuff, M.E.'                                    1 
'Hatzos, C.'                                    2 
'Jedrzejczak, R.'                               3 
'Joachimiak, A.'                                4 
'Midwest Center for Structural Genomics (MCSG)' 5 
# 
_citation.id                        primary 
_citation.title                     
'Structure of an uncharacterized domain in polyribonucleotide nucleotidyltransferase from Streptococcus mutans UA159' 
_citation.journal_abbrev            'TO BE PUBLISHED' 
_citation.journal_volume            ? 
_citation.page_first                ? 
_citation.page_last                 ? 
_citation.year                      ? 
_citation.journal_id_ASTM           ? 
_citation.country                   ? 
_citation.journal_id_ISSN           ? 
_citation.journal_id_CSD            0353 
_citation.book_publisher            ? 
_citation.pdbx_database_id_PubMed   ? 
_citation.pdbx_database_id_DOI      ? 
# 
loop_
_citation_author.citation_id 
_citation_author.name 
_citation_author.ordinal 
_citation_author.identifier_ORCID 
primary 'Cuff, M.E.'      1 ? 
primary 'Hatzos, C.'      2 ? 
primary 'Jedrzejczak, R.' 3 ? 
primary 'Joachimiak, A.'  4 ? 
# 
loop_
_entity.id 
_entity.type 
_entity.src_method 
_entity.pdbx_description 
_entity.formula_weight 
_entity.pdbx_number_of_molecules 
_entity.pdbx_ec 
_entity.pdbx_mutation 
_entity.pdbx_fragment 
_entity.details 
1 polymer     man 'Polyribonucleotide nucleotidyltransferase' 10867.694 1  2.7.7.8 ? 'residues 231-320' ? 
2 non-polymer syn 'CALCIUM ION'                               40.078    1  ?       ? ?                  ? 
3 non-polymer syn 1,2-ETHANEDIOL                              62.068    1  ?       ? ?                  ? 
4 water       nat water                                       18.015    90 ?       ? ?                  ? 
# 
_entity_name_com.entity_id   1 
_entity_name_com.name        'Polynucleotide phosphorylase, PNPase, 1.10.10.400.hmm mega family domain' 
# 
_entity_poly.entity_id                      1 
_entity_poly.type                           'polypeptide(L)' 
_entity_poly.nstd_linkage                   no 
_entity_poly.nstd_monomer                   yes 
_entity_poly.pdbx_seq_one_letter_code       
;SNAVELLQVDADLQAEIVGKYNADLQKAVQIEEKKASEIATEAVKEHVTAEYEERYAEHEEHDRI(MSE)RDVAEILEQ
(MSE)EHAEVRRLITEDKVRPD
;
_entity_poly.pdbx_seq_one_letter_code_can   
;SNAVELLQVDADLQAEIVGKYNADLQKAVQIEEKKASEIATEAVKEHVTAEYEERYAEHEEHDRIMRDVAEILEQMEHAE
VRRLITEDKVRPD
;
_entity_poly.pdbx_strand_id                 A 
_entity_poly.pdbx_target_identifier         apc63929.2 
# 
loop_
_pdbx_entity_nonpoly.entity_id 
_pdbx_entity_nonpoly.name 
_pdbx_entity_nonpoly.comp_id 
2 'CALCIUM ION'  CA  
3 1,2-ETHANEDIOL EDO 
4 water          HOH 
# 
loop_
_entity_poly_seq.entity_id 
_entity_poly_seq.num 
_entity_poly_seq.mon_id 
_entity_poly_seq.hetero 
1 1  SER n 
1 2  ASN n 
1 3  ALA n 
1 4  VAL n 
1 5  GLU n 
1 6  LEU n 
1 7  LEU n 
1 8  GLN n 
1 9  VAL n 
1 10 ASP n 
1 11 ALA n 
1 12 ASP n 
1 13 LEU n 
1 14 GLN n 
1 15 ALA n 
1 16 GLU n 
1 17 ILE n 
1 18 VAL n 
1 19 GLY n 
1 20 LYS n 
1 21 TYR n 
1 22 ASN n 
1 23 ALA n 
1 24 ASP n 
1 25 LEU n 
1 26 GLN n 
1 27 LYS n 
1 28 ALA n 
1 29 VAL n 
1 30 GLN n 
1 31 ILE n 
1 32 GLU n 
1 33 GLU n 
1 34 LYS n 
1 35 LYS n 
1 36 ALA n 
1 37 SER n 
1 38 GLU n 
1 39 ILE n 
1 40 ALA n 
1 41 THR n 
1 42 GLU n 
1 43 ALA n 
1 44 VAL n 
1 45 LYS n 
1 46 GLU n 
1 47 HIS n 
1 48 VAL n 
1 49 THR n 
1 50 ALA n 
1 51 GLU n 
1 52 TYR n 
1 53 GLU n 
1 54 GLU n 
1 55 ARG n 
1 56 TYR n 
1 57 ALA n 
1 58 GLU n 
1 59 HIS n 
1 60 GLU n 
1 61 GLU n 
1 62 HIS n 
1 63 ASP n 
1 64 ARG n 
1 65 ILE n 
1 66 MSE n 
1 67 ARG n 
1 68 ASP n 
1 69 VAL n 
1 70 ALA n 
1 71 GLU n 
1 72 ILE n 
1 73 LEU n 
1 74 GLU n 
1 75 GLN n 
1 76 MSE n 
1 77 GLU n 
1 78 HIS n 
1 79 ALA n 
1 80 GLU n 
1 81 VAL n 
1 82 ARG n 
1 83 ARG n 
1 84 LEU n 
1 85 ILE n 
1 86 THR n 
1 87 GLU n 
1 88 ASP n 
1 89 LYS n 
1 90 VAL n 
1 91 ARG n 
1 92 PRO n 
1 93 ASP n 
# 
_entity_src_gen.entity_id                          1 
_entity_src_gen.pdbx_src_id                        1 
_entity_src_gen.pdbx_alt_source_flag               sample 
_entity_src_gen.pdbx_seq_type                      ? 
_entity_src_gen.pdbx_beg_seq_num                   ? 
_entity_src_gen.pdbx_end_seq_num                   ? 
_entity_src_gen.gene_src_common_name               ? 
_entity_src_gen.gene_src_genus                     ? 
_entity_src_gen.pdbx_gene_src_gene                 'pnp, pnpA, SMU_155' 
_entity_src_gen.gene_src_species                   ? 
_entity_src_gen.gene_src_strain                    UA159 
_entity_src_gen.gene_src_tissue                    ? 
_entity_src_gen.gene_src_tissue_fraction           ? 
_entity_src_gen.gene_src_details                   ? 
_entity_src_gen.pdbx_gene_src_fragment             ? 
_entity_src_gen.pdbx_gene_src_scientific_name      'Streptococcus mutans' 
_entity_src_gen.pdbx_gene_src_ncbi_taxonomy_id     1309 
_entity_src_gen.pdbx_gene_src_variant              ? 
_entity_src_gen.pdbx_gene_src_cell_line            ? 
_entity_src_gen.pdbx_gene_src_atcc                 ? 
_entity_src_gen.pdbx_gene_src_organ                ? 
_entity_src_gen.pdbx_gene_src_organelle            ? 
_entity_src_gen.pdbx_gene_src_cell                 ? 
_entity_src_gen.pdbx_gene_src_cellular_location    ? 
_entity_src_gen.host_org_common_name               ? 
_entity_src_gen.pdbx_host_org_scientific_name      'Escherichia coli' 
_entity_src_gen.pdbx_host_org_ncbi_taxonomy_id     562 
_entity_src_gen.host_org_genus                     ? 
_entity_src_gen.pdbx_host_org_gene                 ? 
_entity_src_gen.pdbx_host_org_organ                ? 
_entity_src_gen.host_org_species                   ? 
_entity_src_gen.pdbx_host_org_tissue               ? 
_entity_src_gen.pdbx_host_org_tissue_fraction      ? 
_entity_src_gen.pdbx_host_org_strain               BL21 
_entity_src_gen.pdbx_host_org_variant              ? 
_entity_src_gen.pdbx_host_org_cell_line            ? 
_entity_src_gen.pdbx_host_org_atcc                 ? 
_entity_src_gen.pdbx_host_org_culture_collection   ? 
_entity_src_gen.pdbx_host_org_cell                 ? 
_entity_src_gen.pdbx_host_org_organelle            ? 
_entity_src_gen.pdbx_host_org_cellular_location    ? 
_entity_src_gen.pdbx_host_org_vector_type          plasmid 
_entity_src_gen.pdbx_host_org_vector               ? 
_entity_src_gen.host_org_details                   ? 
_entity_src_gen.expression_system_id               ? 
_entity_src_gen.plasmid_name                       pMCSG19 
_entity_src_gen.plasmid_details                    ? 
_entity_src_gen.pdbx_description                   ? 
# 
loop_
_chem_comp.id 
_chem_comp.type 
_chem_comp.mon_nstd_flag 
_chem_comp.name 
_chem_comp.pdbx_synonyms 
_chem_comp.formula 
_chem_comp.formula_weight 
ALA 'L-peptide linking' y ALANINE          ?                 'C3 H7 N O2'     89.093  
ARG 'L-peptide linking' y ARGININE         ?                 'C6 H15 N4 O2 1' 175.209 
ASN 'L-peptide linking' y ASPARAGINE       ?                 'C4 H8 N2 O3'    132.118 
ASP 'L-peptide linking' y 'ASPARTIC ACID'  ?                 'C4 H7 N O4'     133.103 
CA  non-polymer         . 'CALCIUM ION'    ?                 'Ca 2'           40.078  
EDO non-polymer         . 1,2-ETHANEDIOL   'ETHYLENE GLYCOL' 'C2 H6 O2'       62.068  
GLN 'L-peptide linking' y GLUTAMINE        ?                 'C5 H10 N2 O3'   146.144 
GLU 'L-peptide linking' y 'GLUTAMIC ACID'  ?                 'C5 H9 N O4'     147.129 
GLY 'peptide linking'   y GLYCINE          ?                 'C2 H5 N O2'     75.067  
HIS 'L-peptide linking' y HISTIDINE        ?                 'C6 H10 N3 O2 1' 156.162 
HOH non-polymer         . WATER            ?                 'H2 O'           18.015  
ILE 'L-peptide linking' y ISOLEUCINE       ?                 'C6 H13 N O2'    131.173 
LEU 'L-peptide linking' y LEUCINE          ?                 'C6 H13 N O2'    131.173 
LYS 'L-peptide linking' y LYSINE           ?                 'C6 H15 N2 O2 1' 147.195 
MSE 'L-peptide linking' n SELENOMETHIONINE ?                 'C5 H11 N O2 Se' 196.106 
PRO 'L-peptide linking' y PROLINE          ?                 'C5 H9 N O2'     115.130 
SER 'L-peptide linking' y SERINE           ?                 'C3 H7 N O3'     105.093 
THR 'L-peptide linking' y THREONINE        ?                 'C4 H9 N O3'     119.119 
TYR 'L-peptide linking' y TYROSINE         ?                 'C9 H11 N O3'    181.189 
VAL 'L-peptide linking' y VALINE           ?                 'C5 H11 N O2'    117.146 
# 
loop_
_pdbx_poly_seq_scheme.asym_id 
_pdbx_poly_seq_scheme.entity_id 
_pdbx_poly_seq_scheme.seq_id 
_pdbx_poly_seq_scheme.mon_id 
_pdbx_poly_seq_scheme.ndb_seq_num 
_pdbx_poly_seq_scheme.pdb_seq_num 
_pdbx_poly_seq_scheme.auth_seq_num 
_pdbx_poly_seq_scheme.pdb_mon_id 
_pdbx_poly_seq_scheme.auth_mon_id 
_pdbx_poly_seq_scheme.pdb_strand_id 
_pdbx_poly_seq_scheme.pdb_ins_code 
_pdbx_poly_seq_scheme.hetero 
A 1 1  SER 1  228 ?   ?   ?   A . n 
A 1 2  ASN 2  229 ?   ?   ?   A . n 
A 1 3  ALA 3  230 ?   ?   ?   A . n 
A 1 4  VAL 4  231 ?   ?   ?   A . n 
A 1 5  GLU 5  232 ?   ?   ?   A . n 
A 1 6  LEU 6  233 ?   ?   ?   A . n 
A 1 7  LEU 7  234 ?   ?   ?   A . n 
A 1 8  GLN 8  235 235 GLN GLN A . n 
A 1 9  VAL 9  236 236 VAL VAL A . n 
A 1 10 ASP 10 237 237 ASP ASP A . n 
A 1 11 ALA 11 238 238 ALA ALA A . n 
A 1 12 ASP 12 239 239 ASP ASP A . n 
A 1 13 LEU 13 240 240 LEU LEU A . n 
A 1 14 GLN 14 241 241 GLN GLN A . n 
A 1 15 ALA 15 242 242 ALA ALA A . n 
A 1 16 GLU 16 243 243 GLU GLU A . n 
A 1 17 ILE 17 244 244 ILE ILE A . n 
A 1 18 VAL 18 245 245 VAL VAL A . n 
A 1 19 GLY 19 246 246 GLY GLY A . n 
A 1 20 LYS 20 247 247 LYS LYS A . n 
A 1 21 TYR 21 248 248 TYR TYR A . n 
A 1 22 ASN 22 249 249 ASN ASN A . n 
A 1 23 ALA 23 250 250 ALA ALA A . n 
A 1 24 ASP 24 251 251 ASP ASP A . n 
A 1 25 LEU 25 252 252 LEU LEU A . n 
A 1 26 GLN 26 253 253 GLN GLN A . n 
A 1 27 LYS 27 254 254 LYS LYS A . n 
A 1 28 ALA 28 255 255 ALA ALA A . n 
A 1 29 VAL 29 256 256 VAL VAL A . n 
A 1 30 GLN 30 257 257 GLN GLN A . n 
A 1 31 ILE 31 258 258 ILE ILE A . n 
A 1 32 GLU 32 259 259 GLU GLU A . n 
A 1 33 GLU 33 260 260 GLU GLU A . n 
A 1 34 LYS 34 261 261 LYS LYS A . n 
A 1 35 LYS 35 262 262 LYS LYS A . n 
A 1 36 ALA 36 263 263 ALA ALA A . n 
A 1 37 SER 37 264 264 SER SER A . n 
A 1 38 GLU 38 265 265 GLU GLU A . n 
A 1 39 ILE 39 266 266 ILE ILE A . n 
A 1 40 ALA 40 267 267 ALA ALA A . n 
A 1 41 THR 41 268 268 THR THR A . n 
A 1 42 GLU 42 269 269 GLU GLU A . n 
A 1 43 ALA 43 270 270 ALA ALA A . n 
A 1 44 VAL 44 271 271 VAL VAL A . n 
A 1 45 LYS 45 272 272 LYS LYS A . n 
A 1 46 GLU 46 273 273 GLU GLU A . n 
A 1 47 HIS 47 274 274 HIS HIS A . n 
A 1 48 VAL 48 275 275 VAL VAL A . n 
A 1 49 THR 49 276 276 THR THR A . n 
A 1 50 ALA 50 277 277 ALA ALA A . n 
A 1 51 GLU 51 278 278 GLU GLU A . n 
A 1 52 TYR 52 279 279 TYR TYR A . n 
A 1 53 GLU 53 280 280 GLU GLU A . n 
A 1 54 GLU 54 281 281 GLU GLU A . n 
A 1 55 ARG 55 282 282 ARG ARG A . n 
A 1 56 TYR 56 283 283 TYR TYR A . n 
A 1 57 ALA 57 284 284 ALA ALA A . n 
A 1 58 GLU 58 285 285 GLU GLU A . n 
A 1 59 HIS 59 286 286 HIS HIS A . n 
A 1 60 GLU 60 287 287 GLU GLU A . n 
A 1 61 GLU 61 288 288 GLU GLU A . n 
A 1 62 HIS 62 289 289 HIS HIS A . n 
A 1 63 ASP 63 290 290 ASP ASP A . n 
A 1 64 ARG 64 291 291 ARG ARG A . n 
A 1 65 ILE 65 292 292 ILE ILE A . n 
A 1 66 MSE 66 293 293 MSE MSE A . n 
A 1 67 ARG 67 294 294 ARG ARG A . n 
A 1 68 ASP 68 295 295 ASP ASP A . n 
A 1 69 VAL 69 296 296 VAL VAL A . n 
A 1 70 ALA 70 297 297 ALA ALA A . n 
A 1 71 GLU 71 298 298 GLU GLU A . n 
A 1 72 ILE 72 299 299 ILE ILE A . n 
A 1 73 LEU 73 300 300 LEU LEU A . n 
A 1 74 GLU 74 301 301 GLU GLU A . n 
A 1 75 GLN 75 302 302 GLN GLN A . n 
A 1 76 MSE 76 303 303 MSE MSE A . n 
A 1 77 GLU 77 304 304 GLU GLU A . n 
A 1 78 HIS 78 305 305 HIS HIS A . n 
A 1 79 ALA 79 306 306 ALA ALA A . n 
A 1 80 GLU 80 307 307 GLU GLU A . n 
A 1 81 VAL 81 308 308 VAL VAL A . n 
A 1 82 ARG 82 309 309 ARG ARG A . n 
A 1 83 ARG 83 310 310 ARG ARG A . n 
A 1 84 LEU 84 311 311 LEU LEU A . n 
A 1 85 ILE 85 312 312 ILE ILE A . n 
A 1 86 THR 86 313 ?   ?   ?   A . n 
A 1 87 GLU 87 314 ?   ?   ?   A . n 
A 1 88 ASP 88 315 ?   ?   ?   A . n 
A 1 89 LYS 89 316 ?   ?   ?   A . n 
A 1 90 VAL 90 317 ?   ?   ?   A . n 
A 1 91 ARG 91 318 ?   ?   ?   A . n 
A 1 92 PRO 92 319 ?   ?   ?   A . n 
A 1 93 ASP 93 320 ?   ?   ?   A . n 
# 
loop_
_pdbx_nonpoly_scheme.asym_id 
_pdbx_nonpoly_scheme.entity_id 
_pdbx_nonpoly_scheme.mon_id 
_pdbx_nonpoly_scheme.ndb_seq_num 
_pdbx_nonpoly_scheme.pdb_seq_num 
_pdbx_nonpoly_scheme.auth_seq_num 
_pdbx_nonpoly_scheme.pdb_mon_id 
_pdbx_nonpoly_scheme.auth_mon_id 
_pdbx_nonpoly_scheme.pdb_strand_id 
_pdbx_nonpoly_scheme.pdb_ins_code 
B 2 CA  1  1   1  CA  CA  A . 
C 3 EDO 1  321 1  EDO EDO A . 
D 4 HOH 1  2   2  HOH HOH A . 
D 4 HOH 2  3   3  HOH HOH A . 
D 4 HOH 3  4   4  HOH HOH A . 
D 4 HOH 4  5   5  HOH HOH A . 
D 4 HOH 5  6   6  HOH HOH A . 
D 4 HOH 6  7   7  HOH HOH A . 
D 4 HOH 7  8   8  HOH HOH A . 
D 4 HOH 8  9   9  HOH HOH A . 
D 4 HOH 9  10  10 HOH HOH A . 
D 4 HOH 10 11  11 HOH HOH A . 
D 4 HOH 11 12  12 HOH HOH A . 
D 4 HOH 12 13  13 HOH HOH A . 
D 4 HOH 13 14  14 HOH HOH A . 
D 4 HOH 14 15  15 HOH HOH A . 
D 4 HOH 15 16  16 HOH HOH A . 
D 4 HOH 16 17  17 HOH HOH A . 
D 4 HOH 17 18  18 HOH HOH A . 
D 4 HOH 18 19  19 HOH HOH A . 
D 4 HOH 19 20  20 HOH HOH A . 
D 4 HOH 20 21  21 HOH HOH A . 
D 4 HOH 21 22  22 HOH HOH A . 
D 4 HOH 22 23  23 HOH HOH A . 
D 4 HOH 23 24  24 HOH HOH A . 
D 4 HOH 24 25  25 HOH HOH A . 
D 4 HOH 25 26  26 HOH HOH A . 
D 4 HOH 26 27  27 HOH HOH A . 
D 4 HOH 27 28  28 HOH HOH A . 
D 4 HOH 28 29  29 HOH HOH A . 
D 4 HOH 29 30  30 HOH HOH A . 
D 4 HOH 30 31  31 HOH HOH A . 
D 4 HOH 31 32  32 HOH HOH A . 
D 4 HOH 32 33  33 HOH HOH A . 
D 4 HOH 33 34  34 HOH HOH A . 
D 4 HOH 34 35  35 HOH HOH A . 
D 4 HOH 35 36  36 HOH HOH A . 
D 4 HOH 36 37  37 HOH HOH A . 
D 4 HOH 37 38  38 HOH HOH A . 
D 4 HOH 38 39  39 HOH HOH A . 
D 4 HOH 39 40  40 HOH HOH A . 
D 4 HOH 40 41  41 HOH HOH A . 
D 4 HOH 41 42  42 HOH HOH A . 
D 4 HOH 42 43  43 HOH HOH A . 
D 4 HOH 43 44  44 HOH HOH A . 
D 4 HOH 44 45  45 HOH HOH A . 
D 4 HOH 45 46  46 HOH HOH A . 
D 4 HOH 46 47  47 HOH HOH A . 
D 4 HOH 47 48  48 HOH HOH A . 
D 4 HOH 48 49  49 HOH HOH A . 
D 4 HOH 49 50  50 HOH HOH A . 
D 4 HOH 50 51  51 HOH HOH A . 
D 4 HOH 51 52  52 HOH HOH A . 
D 4 HOH 52 53  53 HOH HOH A . 
D 4 HOH 53 54  54 HOH HOH A . 
D 4 HOH 54 55  55 HOH HOH A . 
D 4 HOH 55 56  56 HOH HOH A . 
D 4 HOH 56 57  57 HOH HOH A . 
D 4 HOH 57 58  58 HOH HOH A . 
D 4 HOH 58 59  59 HOH HOH A . 
D 4 HOH 59 60  60 HOH HOH A . 
D 4 HOH 60 61  61 HOH HOH A . 
D 4 HOH 61 62  62 HOH HOH A . 
D 4 HOH 62 63  63 HOH HOH A . 
D 4 HOH 63 64  64 HOH HOH A . 
D 4 HOH 64 65  65 HOH HOH A . 
D 4 HOH 65 66  66 HOH HOH A . 
D 4 HOH 66 67  67 HOH HOH A . 
D 4 HOH 67 68  68 HOH HOH A . 
D 4 HOH 68 69  69 HOH HOH A . 
D 4 HOH 69 70  70 HOH HOH A . 
D 4 HOH 70 71  71 HOH HOH A . 
D 4 HOH 71 72  72 HOH HOH A . 
D 4 HOH 72 73  73 HOH HOH A . 
D 4 HOH 73 74  74 HOH HOH A . 
D 4 HOH 74 75  75 HOH HOH A . 
D 4 HOH 75 76  76 HOH HOH A . 
D 4 HOH 76 77  77 HOH HOH A . 
D 4 HOH 77 78  78 HOH HOH A . 
D 4 HOH 78 79  79 HOH HOH A . 
D 4 HOH 79 80  80 HOH HOH A . 
D 4 HOH 80 81  81 HOH HOH A . 
D 4 HOH 81 82  82 HOH HOH A . 
D 4 HOH 82 83  83 HOH HOH A . 
D 4 HOH 83 84  84 HOH HOH A . 
D 4 HOH 84 85  85 HOH HOH A . 
D 4 HOH 85 86  86 HOH HOH A . 
D 4 HOH 86 87  87 HOH HOH A . 
D 4 HOH 87 88  88 HOH HOH A . 
D 4 HOH 88 89  89 HOH HOH A . 
D 4 HOH 89 90  90 HOH HOH A . 
D 4 HOH 90 322 1  HOH HOH A . 
# 
loop_
_pdbx_unobs_or_zero_occ_atoms.id 
_pdbx_unobs_or_zero_occ_atoms.PDB_model_num 
_pdbx_unobs_or_zero_occ_atoms.polymer_flag 
_pdbx_unobs_or_zero_occ_atoms.occupancy_flag 
_pdbx_unobs_or_zero_occ_atoms.auth_asym_id 
_pdbx_unobs_or_zero_occ_atoms.auth_comp_id 
_pdbx_unobs_or_zero_occ_atoms.auth_seq_id 
_pdbx_unobs_or_zero_occ_atoms.PDB_ins_code 
_pdbx_unobs_or_zero_occ_atoms.auth_atom_id 
_pdbx_unobs_or_zero_occ_atoms.label_alt_id 
_pdbx_unobs_or_zero_occ_atoms.label_asym_id 
_pdbx_unobs_or_zero_occ_atoms.label_comp_id 
_pdbx_unobs_or_zero_occ_atoms.label_seq_id 
_pdbx_unobs_or_zero_occ_atoms.label_atom_id 
1 1 Y 1 A GLU 287 ? CG  ? A GLU 60 CG  
2 1 Y 1 A GLU 287 ? CD  ? A GLU 60 CD  
3 1 Y 1 A GLU 287 ? OE1 ? A GLU 60 OE1 
4 1 Y 1 A GLU 287 ? OE2 ? A GLU 60 OE2 
# 
loop_
_software.pdbx_ordinal 
_software.name 
_software.version 
_software.date 
_software.type 
_software.contact_author 
_software.contact_author_email 
_software.classification 
_software.location 
_software.language 
_software.citation_id 
1  DENZO       .     ?               package 'Zbyszek Otwinowski' hkl@hkl-xray.com       'data reduction'  
http://www.hkl-xray.com/                     ?          ? 
2  SCALEPACK   .     ?               package 'Zbyszek Otwinowski' hkl@hkl-xray.com       'data scaling'    
http://www.hkl-xray.com/                     ?          ? 
3  MLPHARE     .     ?               other   'Eleanor J. Dodson'  ccp4@ccp4.ac.uk        phasing           
http://www.ccp4.ac.uk/dist/html/mlphare.html Fortran_77 ? 
4  DM          6.0   ?               program 'Kevin Cowtan'       kowtan@ysbl.york.ac.uk phasing           
http://www.ccp4.ac.uk/dist/html/dm.html      Fortran_77 ? 
5  REFMAC      .     ?               program 'Garib N. Murshudov' garib@ysbl.york.ac.uk  refinement        
http://www.ccp4.ac.uk/dist/html/refmac5.html Fortran_77 ? 
6  PDB_EXTRACT 3.005 'June 11, 2008' package PDB                  help@deposit.rcsb.org  'data extraction' 
http://sw-tools.pdb.org/apps/PDB_EXTRACT/    C++        ? 
7  SBC-Collect .     ?               ?       ?                    ?                      'data collection' ? ?          ? 
8  HKL-3000    .     ?               ?       ?                    ?                      'data reduction'  ? ?          ? 
9  HKL-3000    .     ?               ?       ?                    ?                      'data scaling'    ? ?          ? 
10 HKL-3000    .     ?               ?       ?                    ?                      phasing           ? ?          ? 
11 SHELXD      .     ?               ?       ?                    ?                      phasing           ? ?          ? 
12 SHELXE      .     ?               ?       ?                    ?                      'model building'  ? ?          ? 
13 SOLVE       .     ?               ?       ?                    ?                      phasing           ? ?          ? 
14 RESOLVE     .     ?               ?       ?                    ?                      phasing           ? ?          ? 
15 ARP/wARP    .     ?               ?       ?                    ?                      'model building'  ? ?          ? 
16 CCP4        .     ?               ?       ?                    ?                      phasing           ? ?          ? 
17 O           .     ?               ?       ?                    ?                      'model building'  ? ?          ? 
18 Coot        .     ?               ?       ?                    ?                      'model building'  ? ?          ? 
# 
_cell.length_a           59.312 
_cell.length_b           59.312 
_cell.length_c           93.090 
_cell.angle_alpha        90.000 
_cell.angle_beta         90.000 
_cell.angle_gamma        120.000 
_cell.entry_id           3H36 
_cell.pdbx_unique_axis   ? 
_cell.Z_PDB              12 
_cell.length_a_esd       ? 
_cell.length_b_esd       ? 
_cell.length_c_esd       ? 
_cell.angle_alpha_esd    ? 
_cell.angle_beta_esd     ? 
_cell.angle_gamma_esd    ? 
# 
_symmetry.space_group_name_H-M             'P 61 2 2' 
_symmetry.entry_id                         3H36 
_symmetry.Int_Tables_number                178 
_symmetry.pdbx_full_space_group_name_H-M   ? 
_symmetry.cell_setting                     ? 
_symmetry.space_group_name_Hall            ? 
# 
_exptl.crystals_number   1 
_exptl.entry_id          3H36 
_exptl.method            'X-RAY DIFFRACTION' 
# 
_exptl_crystal.id                    1 
_exptl_crystal.density_Matthews      2.17 
_exptl_crystal.density_meas          ? 
_exptl_crystal.density_percent_sol   43.44 
_exptl_crystal.description           ? 
_exptl_crystal.F_000                 ? 
_exptl_crystal.preparation           ? 
# 
_exptl_crystal_grow.crystal_id      1 
_exptl_crystal_grow.method          'VAPOR DIFFUSION, SITTING DROP' 
_exptl_crystal_grow.pH              6.5 
_exptl_crystal_grow.temp            297 
_exptl_crystal_grow.temp_details    ? 
_exptl_crystal_grow.pdbx_details    
'0.1M Na Cacodylate pH6.5,0.2M Ca Acetate, 40% PEG 3000, VAPOR DIFFUSION, SITTING DROP, temperature 297K' 
_exptl_crystal_grow.pdbx_pH_range   ? 
# 
_diffrn.id                     1 
_diffrn.ambient_temp           100 
_diffrn.ambient_temp_details   ? 
_diffrn.crystal_id             1 
# 
_diffrn_detector.diffrn_id              1 
_diffrn_detector.detector               CCD 
_diffrn_detector.type                   'ADSC QUANTUM 315r' 
_diffrn_detector.pdbx_collection_date   2009-03-01 
_diffrn_detector.details                ? 
# 
_diffrn_radiation.diffrn_id                        1 
_diffrn_radiation.wavelength_id                    1 
_diffrn_radiation.pdbx_diffrn_protocol             MAD 
_diffrn_radiation.monochromator                    'SAGITALLY FOCUSED Si(111)' 
_diffrn_radiation.pdbx_monochromatic_or_laue_m_l   M 
_diffrn_radiation.pdbx_scattering_type             x-ray 
# 
loop_
_diffrn_radiation_wavelength.id 
_diffrn_radiation_wavelength.wavelength 
_diffrn_radiation_wavelength.wt 
1 0.97945 1.0 
2 0.97931 1.0 
# 
_diffrn_source.diffrn_id                   1 
_diffrn_source.source                      SYNCHROTRON 
_diffrn_source.type                        'APS BEAMLINE 19-ID' 
_diffrn_source.pdbx_wavelength             ? 
_diffrn_source.pdbx_wavelength_list        0.97945,0.97931 
_diffrn_source.pdbx_synchrotron_site       APS 
_diffrn_source.pdbx_synchrotron_beamline   19-ID 
# 
_reflns.entry_id                     3H36 
_reflns.d_resolution_high            1.700 
_reflns.d_resolution_low             50.000 
_reflns.number_obs                   11267 
_reflns.pdbx_Rmerge_I_obs            0.082 
_reflns.pdbx_netI_over_sigmaI        65.500 
_reflns.pdbx_chi_squared             2.246 
_reflns.pdbx_redundancy              22.700 
_reflns.percent_possible_obs         99.800 
_reflns.observed_criterion_sigma_F   ? 
_reflns.observed_criterion_sigma_I   -3 
_reflns.number_all                   11267 
_reflns.pdbx_Rsym_value              ? 
_reflns.B_iso_Wilson_estimate        28.2 
_reflns.R_free_details               ? 
_reflns.limit_h_max                  ? 
_reflns.limit_h_min                  ? 
_reflns.limit_k_max                  ? 
_reflns.limit_k_min                  ? 
_reflns.limit_l_max                  ? 
_reflns.limit_l_min                  ? 
_reflns.observed_criterion_F_max     ? 
_reflns.observed_criterion_F_min     ? 
_reflns.pdbx_scaling_rejects         ? 
_reflns.pdbx_ordinal                 1 
_reflns.pdbx_diffrn_id               1 
# 
_reflns_shell.d_res_high             1.70 
_reflns_shell.d_res_low              1.73 
_reflns_shell.number_measured_obs    ? 
_reflns_shell.number_measured_all    ? 
_reflns_shell.number_unique_obs      ? 
_reflns_shell.Rmerge_I_obs           0.671 
_reflns_shell.meanI_over_sigI_obs    ? 
_reflns_shell.pdbx_Rsym_value        ? 
_reflns_shell.pdbx_chi_squared       0.824 
_reflns_shell.pdbx_redundancy        22.40 
_reflns_shell.percent_possible_obs   ? 
_reflns_shell.number_unique_all      541 
_reflns_shell.percent_possible_all   100.00 
_reflns_shell.pdbx_ordinal           1 
_reflns_shell.pdbx_diffrn_id         1 
# 
_refine.entry_id                                 3H36 
_refine.ls_d_res_high                            1.800 
_refine.ls_d_res_low                             44.990 
_refine.pdbx_ls_sigma_F                          0.00 
_refine.pdbx_data_cutoff_high_absF               ? 
_refine.pdbx_data_cutoff_low_absF                ? 
_refine.ls_percent_reflns_obs                    99.780 
_refine.ls_number_reflns_obs                     9492 
_refine.ls_number_reflns_all                     9492 
_refine.pdbx_ls_cross_valid_method               THROUGHOUT 
_refine.pdbx_R_Free_selection_details            RANDOM 
_refine.details                                  'HYDROGENS HAVE BEEN ADDED IN THE RIDING POSITIONS U VALUES      : RESIDUAL ONLY' 
_refine.ls_R_factor_all                          0.201 
_refine.ls_R_factor_obs                          0.201 
_refine.ls_R_factor_R_work                       0.199 
_refine.ls_wR_factor_R_work                      0.213 
_refine.ls_R_factor_R_free                       0.236 
_refine.ls_wR_factor_R_free                      0.237 
_refine.ls_percent_reflns_R_free                 4.800 
_refine.ls_number_reflns_R_free                  460 
_refine.ls_R_factor_R_free_error                 ? 
_refine.B_iso_mean                               25.850 
_refine.solvent_model_param_bsol                 ? 
_refine.solvent_model_param_ksol                 ? 
_refine.pdbx_isotropic_thermal_model             ? 
_refine.aniso_B[1][1]                            1.360 
_refine.aniso_B[2][2]                            1.360 
_refine.aniso_B[3][3]                            -2.030 
_refine.aniso_B[1][2]                            0.680 
_refine.aniso_B[1][3]                            0.000 
_refine.aniso_B[2][3]                            0.000 
_refine.correlation_coeff_Fo_to_Fc               0.949 
_refine.correlation_coeff_Fo_to_Fc_free          0.932 
_refine.overall_SU_R_Cruickshank_DPI             0.139 
_refine.overall_SU_R_free                        0.129 
_refine.pdbx_overall_ESU_R                       0.133 
_refine.pdbx_overall_ESU_R_Free                  0.127 
_refine.overall_SU_ML                            0.080 
_refine.overall_SU_B                             5.494 
_refine.solvent_model_details                    MASK 
_refine.pdbx_solvent_vdw_probe_radii             1.200 
_refine.pdbx_solvent_ion_probe_radii             0.800 
_refine.pdbx_solvent_shrinkage_radii             0.800 
_refine.ls_number_parameters                     ? 
_refine.ls_number_restraints                     ? 
_refine.pdbx_starting_model                      ? 
_refine.pdbx_method_to_determine_struct          MAD 
_refine.pdbx_stereochemistry_target_values       'MAXIMUM LIKELIHOOD WITH PHASES' 
_refine.pdbx_stereochem_target_val_spec_case     ? 
_refine.overall_FOM_work_R_set                   0.908 
_refine.B_iso_max                                73.28 
_refine.B_iso_min                                13.21 
_refine.occupancy_max                            1.00 
_refine.occupancy_min                            0.30 
_refine.pdbx_ls_sigma_I                          ? 
_refine.ls_redundancy_reflns_obs                 ? 
_refine.ls_R_factor_R_free_error_details         ? 
_refine.pdbx_data_cutoff_high_rms_absF           ? 
_refine.overall_FOM_free_R_set                   ? 
_refine.pdbx_overall_phase_error                 ? 
_refine.pdbx_refine_id                           'X-RAY DIFFRACTION' 
_refine.pdbx_TLS_residual_ADP_flag               'LIKELY RESIDUAL' 
_refine.pdbx_diffrn_id                           1 
_refine.pdbx_overall_SU_R_free_Cruickshank_DPI   ? 
_refine.pdbx_overall_SU_R_Blow_DPI               ? 
_refine.pdbx_overall_SU_R_free_Blow_DPI          ? 
# 
_refine_hist.pdbx_refine_id                   'X-RAY DIFFRACTION' 
_refine_hist.cycle_id                         LAST 
_refine_hist.pdbx_number_atoms_protein        633 
_refine_hist.pdbx_number_atoms_nucleic_acid   0 
_refine_hist.pdbx_number_atoms_ligand         5 
_refine_hist.number_atoms_solvent             90 
_refine_hist.number_atoms_total               728 
_refine_hist.d_res_high                       1.800 
_refine_hist.d_res_low                        44.990 
# 
loop_
_refine_ls_restr.type 
_refine_ls_restr.number 
_refine_ls_restr.dev_ideal 
_refine_ls_restr.dev_ideal_target 
_refine_ls_restr.weight 
_refine_ls_restr.pdbx_refine_id 
_refine_ls_restr.pdbx_restraint_function 
r_bond_refined_d       703  0.019  0.021  ? 'X-RAY DIFFRACTION' ? 
r_bond_other_d         477  0.004  0.020  ? 'X-RAY DIFFRACTION' ? 
r_angle_refined_deg    951  1.538  1.950  ? 'X-RAY DIFFRACTION' ? 
r_angle_other_deg      1170 0.956  3.000  ? 'X-RAY DIFFRACTION' ? 
r_dihedral_angle_1_deg 89   4.515  5.000  ? 'X-RAY DIFFRACTION' ? 
r_dihedral_angle_2_deg 42   39.158 25.476 ? 'X-RAY DIFFRACTION' ? 
r_dihedral_angle_3_deg 139  12.808 15.000 ? 'X-RAY DIFFRACTION' ? 
r_dihedral_angle_4_deg 6    25.032 15.000 ? 'X-RAY DIFFRACTION' ? 
r_chiral_restr         103  0.091  0.200  ? 'X-RAY DIFFRACTION' ? 
r_gen_planes_refined   817  0.007  0.020  ? 'X-RAY DIFFRACTION' ? 
r_gen_planes_other     133  0.001  0.020  ? 'X-RAY DIFFRACTION' ? 
r_mcbond_it            424  0.869  1.500  ? 'X-RAY DIFFRACTION' ? 
r_mcbond_other         168  0.258  1.500  ? 'X-RAY DIFFRACTION' ? 
r_mcangle_it           687  1.822  2.000  ? 'X-RAY DIFFRACTION' ? 
r_scbond_it            279  3.357  3.000  ? 'X-RAY DIFFRACTION' ? 
r_scangle_it           264  5.846  4.500  ? 'X-RAY DIFFRACTION' ? 
# 
_refine_ls_shell.d_res_high                       1.800 
_refine_ls_shell.d_res_low                        1.847 
_refine_ls_shell.pdbx_total_number_of_bins_used   20 
_refine_ls_shell.percent_reflns_obs               99.850 
_refine_ls_shell.number_reflns_R_work             649 
_refine_ls_shell.R_factor_all                     ? 
_refine_ls_shell.R_factor_R_work                  0.197 
_refine_ls_shell.R_factor_R_free                  0.359 
_refine_ls_shell.percent_reflns_R_free            ? 
_refine_ls_shell.number_reflns_R_free             30 
_refine_ls_shell.R_factor_R_free_error            ? 
_refine_ls_shell.number_reflns_all                679 
_refine_ls_shell.number_reflns_obs                ? 
_refine_ls_shell.redundancy_reflns_obs            ? 
_refine_ls_shell.pdbx_refine_id                   'X-RAY DIFFRACTION' 
# 
_struct.entry_id                  3H36 
_struct.title                     
'Structure of an uncharacterized domain in polyribonucleotide nucleotidyltransferase from Streptococcus mutans UA159' 
_struct.pdbx_model_details        ? 
_struct.pdbx_CASP_flag            ? 
_struct.pdbx_model_type_details   ? 
# 
_struct_keywords.entry_id        3H36 
_struct_keywords.pdbx_keywords   TRANSFERASE 
_struct_keywords.text            
;Streptococcus mutans, polyribonucleotide nucleotidyltransferase, Structural Genomics, PSI-2, Protein Structure Initiative, Midwest Center for Structural Genomics, MCSG, Nucleotidyltransferase, RNA-binding, Transferase
;
# 
loop_
_struct_asym.id 
_struct_asym.pdbx_blank_PDB_chainid_flag 
_struct_asym.pdbx_modified 
_struct_asym.entity_id 
_struct_asym.details 
A N N 1 ? 
B N N 2 ? 
C N N 3 ? 
D N N 4 ? 
# 
_struct_ref.id                         1 
_struct_ref.db_name                    UNP 
_struct_ref.db_code                    PNP_STRMU 
_struct_ref.pdbx_db_accession          Q8DWB2 
_struct_ref.entity_id                  1 
_struct_ref.pdbx_seq_one_letter_code   
;VELLQVDADLQAEIVGKYNADLQKAVQIEEKKAREIATEAVKEHVTAEYEERYAEHEEHDRIMRDVAEILEQMEHAEVRR
LITEDKVRPD
;
_struct_ref.pdbx_align_begin           231 
_struct_ref.pdbx_db_isoform            ? 
# 
_struct_ref_seq.align_id                      1 
_struct_ref_seq.ref_id                        1 
_struct_ref_seq.pdbx_PDB_id_code              3H36 
_struct_ref_seq.pdbx_strand_id                A 
_struct_ref_seq.seq_align_beg                 4 
_struct_ref_seq.pdbx_seq_align_beg_ins_code   ? 
_struct_ref_seq.seq_align_end                 93 
_struct_ref_seq.pdbx_seq_align_end_ins_code   ? 
_struct_ref_seq.pdbx_db_accession             Q8DWB2 
_struct_ref_seq.db_align_beg                  231 
_struct_ref_seq.pdbx_db_align_beg_ins_code    ? 
_struct_ref_seq.db_align_end                  320 
_struct_ref_seq.pdbx_db_align_end_ins_code    ? 
_struct_ref_seq.pdbx_auth_seq_align_beg       231 
_struct_ref_seq.pdbx_auth_seq_align_end       320 
# 
loop_
_struct_ref_seq_dif.align_id 
_struct_ref_seq_dif.pdbx_pdb_id_code 
_struct_ref_seq_dif.mon_id 
_struct_ref_seq_dif.pdbx_pdb_strand_id 
_struct_ref_seq_dif.seq_num 
_struct_ref_seq_dif.pdbx_pdb_ins_code 
_struct_ref_seq_dif.pdbx_seq_db_name 
_struct_ref_seq_dif.pdbx_seq_db_accession_code 
_struct_ref_seq_dif.db_mon_id 
_struct_ref_seq_dif.pdbx_seq_db_seq_num 
_struct_ref_seq_dif.details 
_struct_ref_seq_dif.pdbx_auth_seq_num 
_struct_ref_seq_dif.pdbx_ordinal 
1 3H36 SER A 1  ? UNP Q8DWB2 ?   ?   'expression tag' 228 1 
1 3H36 ASN A 2  ? UNP Q8DWB2 ?   ?   'expression tag' 229 2 
1 3H36 ALA A 3  ? UNP Q8DWB2 ?   ?   'expression tag' 230 3 
1 3H36 SER A 37 ? UNP Q8DWB2 ARG 264 'see remark 999' 264 4 
# 
loop_
_pdbx_struct_assembly.id 
_pdbx_struct_assembly.details 
_pdbx_struct_assembly.method_details 
_pdbx_struct_assembly.oligomeric_details 
_pdbx_struct_assembly.oligomeric_count 
1 software_defined_assembly PISA dimeric 2 
2 software_defined_assembly PISA dimeric 2 
# 
loop_
_pdbx_struct_assembly_prop.biol_id 
_pdbx_struct_assembly_prop.type 
_pdbx_struct_assembly_prop.value 
_pdbx_struct_assembly_prop.details 
1 'ABSA (A^2)' 1730 ? 
1 MORE         -31  ? 
1 'SSA (A^2)'  9400 ? 
2 'ABSA (A^2)' 1550 ? 
2 MORE         -21  ? 
2 'SSA (A^2)'  9590 ? 
# 
loop_
_pdbx_struct_assembly_gen.assembly_id 
_pdbx_struct_assembly_gen.oper_expression 
_pdbx_struct_assembly_gen.asym_id_list 
1 1,2 A,B,C,D 
2 1,3 A,B,C,D 
# 
loop_
_pdbx_struct_oper_list.id 
_pdbx_struct_oper_list.type 
_pdbx_struct_oper_list.name 
_pdbx_struct_oper_list.symmetry_operation 
_pdbx_struct_oper_list.matrix[1][1] 
_pdbx_struct_oper_list.matrix[1][2] 
_pdbx_struct_oper_list.matrix[1][3] 
_pdbx_struct_oper_list.vector[1] 
_pdbx_struct_oper_list.matrix[2][1] 
_pdbx_struct_oper_list.matrix[2][2] 
_pdbx_struct_oper_list.matrix[2][3] 
_pdbx_struct_oper_list.vector[2] 
_pdbx_struct_oper_list.matrix[3][1] 
_pdbx_struct_oper_list.matrix[3][2] 
_pdbx_struct_oper_list.matrix[3][3] 
_pdbx_struct_oper_list.vector[3] 
1 'identity operation'         1_555  x,y,z          1.0000000000  0.0000000000 0.0000000000  0.0000000000   0.0000000000 1.0000000000  0.0000000000  0.0000000000  0.0000000000  0.0000000000  1.0000000000  0.0000000000  
2 'crystal symmetry operation' 12_565 x,x-y+1,-z+1/6 -0.2479968854 0.8760703162 -0.4135194625 -2.1584927769  0.8760703162 0.0206064098  -0.4817428535 11.2857915885 -0.4135194625 -0.4817428535 -0.7726095244 19.9844371658 
3 'crystal symmetry operation' 7_555  y,x,-z+1/3     -0.7266930662 0.3971169191 -0.5605491416 -20.1080142729 0.3971169191 -0.4229862915 -0.8144818904 18.2960360939 -0.5605491416 -0.8144818904 0.1496793577  3.1576281690 
# 
_struct_biol.id        1 
_struct_biol.details   ? 
# 
loop_
_struct_conf.conf_type_id 
_struct_conf.id 
_struct_conf.pdbx_PDB_helix_id 
_struct_conf.beg_label_comp_id 
_struct_conf.beg_label_asym_id 
_struct_conf.beg_label_seq_id 
_struct_conf.pdbx_beg_PDB_ins_code 
_struct_conf.end_label_comp_id 
_struct_conf.end_label_asym_id 
_struct_conf.end_label_seq_id 
_struct_conf.pdbx_end_PDB_ins_code 
_struct_conf.beg_auth_comp_id 
_struct_conf.beg_auth_asym_id 
_struct_conf.beg_auth_seq_id 
_struct_conf.end_auth_comp_id 
_struct_conf.end_auth_asym_id 
_struct_conf.end_auth_seq_id 
_struct_conf.pdbx_PDB_helix_class 
_struct_conf.details 
_struct_conf.pdbx_PDB_helix_length 
HELX_P HELX_P1 1 ASP A 10 ? ILE A 31 ? ASP A 237 ILE A 258 1 ? 22 
HELX_P HELX_P2 2 GLU A 33 ? ALA A 57 ? GLU A 260 ALA A 284 1 ? 25 
HELX_P HELX_P3 3 GLU A 61 ? ILE A 85 ? GLU A 288 ILE A 312 1 ? 25 
# 
_struct_conf_type.id          HELX_P 
_struct_conf_type.criteria    ? 
_struct_conf_type.reference   ? 
# 
loop_
_struct_conn.id 
_struct_conn.conn_type_id 
_struct_conn.pdbx_leaving_atom_flag 
_struct_conn.pdbx_PDB_id 
_struct_conn.ptnr1_label_asym_id 
_struct_conn.ptnr1_label_comp_id 
_struct_conn.ptnr1_label_seq_id 
_struct_conn.ptnr1_label_atom_id 
_struct_conn.pdbx_ptnr1_label_alt_id 
_struct_conn.pdbx_ptnr1_PDB_ins_code 
_struct_conn.pdbx_ptnr1_standard_comp_id 
_struct_conn.ptnr1_symmetry 
_struct_conn.ptnr2_label_asym_id 
_struct_conn.ptnr2_label_comp_id 
_struct_conn.ptnr2_label_seq_id 
_struct_conn.ptnr2_label_atom_id 
_struct_conn.pdbx_ptnr2_label_alt_id 
_struct_conn.pdbx_ptnr2_PDB_ins_code 
_struct_conn.ptnr1_auth_asym_id 
_struct_conn.ptnr1_auth_comp_id 
_struct_conn.ptnr1_auth_seq_id 
_struct_conn.ptnr2_auth_asym_id 
_struct_conn.ptnr2_auth_comp_id 
_struct_conn.ptnr2_auth_seq_id 
_struct_conn.ptnr2_symmetry 
_struct_conn.pdbx_ptnr3_label_atom_id 
_struct_conn.pdbx_ptnr3_label_seq_id 
_struct_conn.pdbx_ptnr3_label_comp_id 
_struct_conn.pdbx_ptnr3_label_asym_id 
_struct_conn.pdbx_ptnr3_label_alt_id 
_struct_conn.pdbx_ptnr3_PDB_ins_code 
_struct_conn.details 
_struct_conn.pdbx_dist_value 
_struct_conn.pdbx_value_order 
_struct_conn.pdbx_role 
covale1 covale both ? A ILE 65 C  ? ? ? 1_555 A MSE 66 N   ? ? A ILE 292 A MSE 293 1_555 ? ? ? ? ? ? ? 1.320 ? ? 
covale2 covale both ? A MSE 66 C  ? ? ? 1_555 A ARG 67 N   A ? A MSE 293 A ARG 294 1_555 ? ? ? ? ? ? ? 1.346 ? ? 
covale3 covale both ? A MSE 66 C  ? ? ? 1_555 A ARG 67 N   B ? A MSE 293 A ARG 294 1_555 ? ? ? ? ? ? ? 1.343 ? ? 
covale4 covale both ? A GLN 75 C  A ? ? 1_555 A MSE 76 N   ? ? A GLN 302 A MSE 303 1_555 ? ? ? ? ? ? ? 1.339 ? ? 
covale5 covale both ? A GLN 75 C  B ? ? 1_555 A MSE 76 N   ? ? A GLN 302 A MSE 303 1_555 ? ? ? ? ? ? ? 1.339 ? ? 
covale6 covale both ? A MSE 76 C  ? ? ? 1_555 A GLU 77 N   ? ? A MSE 303 A GLU 304 1_555 ? ? ? ? ? ? ? 1.334 ? ? 
metalc1 metalc ?    ? B CA  .  CA ? ? ? 1_555 A GLU 74 OE1 ? ? A CA  1   A GLU 301 1_555 ? ? ? ? ? ? ? 2.172 ? ? 
metalc2 metalc ?    ? B CA  .  CA ? ? ? 1_555 A GLU 77 OE1 ? ? A CA  1   A GLU 304 1_555 ? ? ? ? ? ? ? 2.368 ? ? 
# 
loop_
_struct_conn_type.id 
_struct_conn_type.criteria 
_struct_conn_type.reference 
covale ? ? 
metalc ? ? 
# 
_pdbx_struct_conn_angle.id                    1 
_pdbx_struct_conn_angle.ptnr1_label_atom_id   OE1 
_pdbx_struct_conn_angle.ptnr1_label_alt_id    ? 
_pdbx_struct_conn_angle.ptnr1_label_asym_id   A 
_pdbx_struct_conn_angle.ptnr1_label_comp_id   GLU 
_pdbx_struct_conn_angle.ptnr1_label_seq_id    74 
_pdbx_struct_conn_angle.ptnr1_auth_atom_id    ? 
_pdbx_struct_conn_angle.ptnr1_auth_asym_id    A 
_pdbx_struct_conn_angle.ptnr1_auth_comp_id    GLU 
_pdbx_struct_conn_angle.ptnr1_auth_seq_id     301 
_pdbx_struct_conn_angle.ptnr1_PDB_ins_code    ? 
_pdbx_struct_conn_angle.ptnr1_symmetry        1_555 
_pdbx_struct_conn_angle.ptnr2_label_atom_id   CA 
_pdbx_struct_conn_angle.ptnr2_label_alt_id    ? 
_pdbx_struct_conn_angle.ptnr2_label_asym_id   B 
_pdbx_struct_conn_angle.ptnr2_label_comp_id   CA 
_pdbx_struct_conn_angle.ptnr2_label_seq_id    . 
_pdbx_struct_conn_angle.ptnr2_auth_atom_id    ? 
_pdbx_struct_conn_angle.ptnr2_auth_asym_id    A 
_pdbx_struct_conn_angle.ptnr2_auth_comp_id    CA 
_pdbx_struct_conn_angle.ptnr2_auth_seq_id     1 
_pdbx_struct_conn_angle.ptnr2_PDB_ins_code    ? 
_pdbx_struct_conn_angle.ptnr2_symmetry        1_555 
_pdbx_struct_conn_angle.ptnr3_label_atom_id   OE1 
_pdbx_struct_conn_angle.ptnr3_label_alt_id    ? 
_pdbx_struct_conn_angle.ptnr3_label_asym_id   A 
_pdbx_struct_conn_angle.ptnr3_label_comp_id   GLU 
_pdbx_struct_conn_angle.ptnr3_label_seq_id    77 
_pdbx_struct_conn_angle.ptnr3_auth_atom_id    ? 
_pdbx_struct_conn_angle.ptnr3_auth_asym_id    A 
_pdbx_struct_conn_angle.ptnr3_auth_comp_id    GLU 
_pdbx_struct_conn_angle.ptnr3_auth_seq_id     304 
_pdbx_struct_conn_angle.ptnr3_PDB_ins_code    ? 
_pdbx_struct_conn_angle.ptnr3_symmetry        1_555 
_pdbx_struct_conn_angle.value                 86.8 
_pdbx_struct_conn_angle.value_esd             ? 
# 
loop_
_pdbx_modification_feature.ordinal 
_pdbx_modification_feature.label_comp_id 
_pdbx_modification_feature.label_asym_id 
_pdbx_modification_feature.label_seq_id 
_pdbx_modification_feature.label_alt_id 
_pdbx_modification_feature.modified_residue_label_comp_id 
_pdbx_modification_feature.modified_residue_label_asym_id 
_pdbx_modification_feature.modified_residue_label_seq_id 
_pdbx_modification_feature.modified_residue_label_alt_id 
_pdbx_modification_feature.auth_comp_id 
_pdbx_modification_feature.auth_asym_id 
_pdbx_modification_feature.auth_seq_id 
_pdbx_modification_feature.PDB_ins_code 
_pdbx_modification_feature.symmetry 
_pdbx_modification_feature.modified_residue_auth_comp_id 
_pdbx_modification_feature.modified_residue_auth_asym_id 
_pdbx_modification_feature.modified_residue_auth_seq_id 
_pdbx_modification_feature.modified_residue_PDB_ins_code 
_pdbx_modification_feature.modified_residue_symmetry 
_pdbx_modification_feature.comp_id_linking_atom 
_pdbx_modification_feature.modified_residue_id_linking_atom 
_pdbx_modification_feature.modified_residue_id 
_pdbx_modification_feature.ref_pcm_id 
_pdbx_modification_feature.ref_comp_id 
_pdbx_modification_feature.type 
_pdbx_modification_feature.category 
1 MSE A 66 ? . . . . MSE A 293 ? 1_555 . . . . . . . MET 1 MSE Selenomethionine 'Named protein modification' 
2 MSE A 76 ? . . . . MSE A 303 ? 1_555 . . . . . . . MET 1 MSE Selenomethionine 'Named protein modification' 
# 
loop_
_struct_site.id 
_struct_site.pdbx_evidence_code 
_struct_site.pdbx_auth_asym_id 
_struct_site.pdbx_auth_comp_id 
_struct_site.pdbx_auth_seq_id 
_struct_site.pdbx_auth_ins_code 
_struct_site.pdbx_num_residues 
_struct_site.details 
AC1 Software A CA  1   ? 6 'BINDING SITE FOR RESIDUE CA A 1'    
AC2 Software A EDO 321 ? 2 'BINDING SITE FOR RESIDUE EDO A 321' 
# 
loop_
_struct_site_gen.id 
_struct_site_gen.site_id 
_struct_site_gen.pdbx_num_res 
_struct_site_gen.label_comp_id 
_struct_site_gen.label_asym_id 
_struct_site_gen.label_seq_id 
_struct_site_gen.pdbx_auth_ins_code 
_struct_site_gen.auth_comp_id 
_struct_site_gen.auth_asym_id 
_struct_site_gen.auth_seq_id 
_struct_site_gen.label_atom_id 
_struct_site_gen.label_alt_id 
_struct_site_gen.symmetry 
_struct_site_gen.details 
1 AC1 6 HOH D .  ? HOH A 2   . ? 12_565 ? 
2 AC1 6 HOH D .  ? HOH A 3   . ? 12_565 ? 
3 AC1 6 GLU A 38 ? GLU A 265 . ? 12_565 ? 
4 AC1 6 GLU A 74 ? GLU A 301 . ? 1_555  ? 
5 AC1 6 GLU A 77 ? GLU A 304 . ? 1_555  ? 
6 AC1 6 HOH D .  ? HOH A 322 . ? 12_565 ? 
7 AC2 2 HOH D .  ? HOH A 52  . ? 1_555  ? 
8 AC2 2 ASP A 12 ? ASP A 239 . ? 1_555  ? 
# 
_pdbx_entry_details.entry_id                   3H36 
_pdbx_entry_details.compound_details           ? 
_pdbx_entry_details.source_details             ? 
_pdbx_entry_details.nonpolymer_details         ? 
_pdbx_entry_details.sequence_details           
;AUTHORS STATE THAT THE ELECTRON DENSITY MAPS IN THIS REGION ARE OF A HIGH QUALITY AND CLEARLY SHOW A SERINE IN THIS POSITION. THE HYDROGEN-BONDING PATTERN AROUND THE OG OF SER 264 IS ALSO CONSISTENT WITH THIS IDENTIFICATION.  ARG AND SER CODONS DIFFER ONLY BY THE LAST BASE PAIR. AUTHORS ARE NOT SURE ABOUT WHETHER THIS DIFFERENCE OCCURRED DURING SEQUENCING OR CLONING.
;
_pdbx_entry_details.has_ligand_of_interest     ? 
_pdbx_entry_details.has_protein_modification   Y 
# 
loop_
_pdbx_validate_close_contact.id 
_pdbx_validate_close_contact.PDB_model_num 
_pdbx_validate_close_contact.auth_atom_id_1 
_pdbx_validate_close_contact.auth_asym_id_1 
_pdbx_validate_close_contact.auth_comp_id_1 
_pdbx_validate_close_contact.auth_seq_id_1 
_pdbx_validate_close_contact.PDB_ins_code_1 
_pdbx_validate_close_contact.label_alt_id_1 
_pdbx_validate_close_contact.auth_atom_id_2 
_pdbx_validate_close_contact.auth_asym_id_2 
_pdbx_validate_close_contact.auth_comp_id_2 
_pdbx_validate_close_contact.auth_seq_id_2 
_pdbx_validate_close_contact.PDB_ins_code_2 
_pdbx_validate_close_contact.label_alt_id_2 
_pdbx_validate_close_contact.dist 
1 1 OE1 A GLU 280 ? ? O A HOH 73 ? ? 2.09 
2 1 OE2 A GLU 298 ? B O A HOH 74 ? ? 2.17 
# 
_pdbx_SG_project.id                    1 
_pdbx_SG_project.project_name          'PSI, Protein Structure Initiative' 
_pdbx_SG_project.full_name_of_center   'Midwest Center for Structural Genomics' 
_pdbx_SG_project.initial_of_center     MCSG 
# 
loop_
_pdbx_struct_mod_residue.id 
_pdbx_struct_mod_residue.label_asym_id 
_pdbx_struct_mod_residue.label_comp_id 
_pdbx_struct_mod_residue.label_seq_id 
_pdbx_struct_mod_residue.auth_asym_id 
_pdbx_struct_mod_residue.auth_comp_id 
_pdbx_struct_mod_residue.auth_seq_id 
_pdbx_struct_mod_residue.PDB_ins_code 
_pdbx_struct_mod_residue.parent_comp_id 
_pdbx_struct_mod_residue.details 
1 A MSE 66 A MSE 293 ? MET SELENOMETHIONINE 
2 A MSE 76 A MSE 303 ? MET SELENOMETHIONINE 
# 
_pdbx_struct_special_symmetry.id              1 
_pdbx_struct_special_symmetry.PDB_model_num   1 
_pdbx_struct_special_symmetry.auth_asym_id    A 
_pdbx_struct_special_symmetry.auth_comp_id    HOH 
_pdbx_struct_special_symmetry.auth_seq_id     25 
_pdbx_struct_special_symmetry.PDB_ins_code    ? 
_pdbx_struct_special_symmetry.label_asym_id   D 
_pdbx_struct_special_symmetry.label_comp_id   HOH 
_pdbx_struct_special_symmetry.label_seq_id    . 
# 
_diffrn_reflns.diffrn_id                   1 
_diffrn_reflns.pdbx_d_res_high             1.700 
_diffrn_reflns.pdbx_d_res_low              50.000 
_diffrn_reflns.pdbx_number_obs             21470 
_diffrn_reflns.pdbx_Rmerge_I_obs           0.080 
_diffrn_reflns.pdbx_Rsym_value             ? 
_diffrn_reflns.pdbx_chi_squared            2.54 
_diffrn_reflns.av_sigmaI_over_netI         65.50 
_diffrn_reflns.pdbx_redundancy             11.90 
_diffrn_reflns.pdbx_percent_possible_obs   99.90 
_diffrn_reflns.number                      255616 
_diffrn_reflns.pdbx_observed_criterion     ? 
_diffrn_reflns.limit_h_max                 ? 
_diffrn_reflns.limit_h_min                 ? 
_diffrn_reflns.limit_k_max                 ? 
_diffrn_reflns.limit_k_min                 ? 
_diffrn_reflns.limit_l_max                 ? 
_diffrn_reflns.limit_l_min                 ? 
# 
loop_
_pdbx_diffrn_reflns_shell.diffrn_id 
_pdbx_diffrn_reflns_shell.d_res_high 
_pdbx_diffrn_reflns_shell.d_res_low 
_pdbx_diffrn_reflns_shell.number_obs 
_pdbx_diffrn_reflns_shell.rejects 
_pdbx_diffrn_reflns_shell.Rmerge_I_obs 
_pdbx_diffrn_reflns_shell.Rsym_value 
_pdbx_diffrn_reflns_shell.chi_squared 
_pdbx_diffrn_reflns_shell.redundancy 
_pdbx_diffrn_reflns_shell.percent_possible_obs 
1 4.61 50.00 ? ? 0.071 ? 8.885 10.70 97.30  
1 3.66 4.61  ? ? 0.056 ? 5.621 11.40 100.00 
1 3.20 3.66  ? ? 0.075 ? 5.654 11.70 100.00 
1 2.91 3.20  ? ? 0.079 ? 4.258 11.80 100.00 
1 2.70 2.91  ? ? 0.092 ? 4.092 12.00 100.00 
1 2.54 2.70  ? ? 0.090 ? 3.117 12.00 100.00 
1 2.41 2.54  ? ? 0.086 ? 2.440 12.00 100.00 
1 2.31 2.41  ? ? 0.089 ? 2.077 12.00 100.00 
1 2.22 2.31  ? ? 0.098 ? 1.945 12.10 100.00 
1 2.14 2.22  ? ? 0.111 ? 1.644 12.20 100.00 
1 2.07 2.14  ? ? 0.115 ? 1.383 12.00 100.00 
1 2.02 2.07  ? ? 0.140 ? 1.422 12.10 100.00 
1 1.96 2.02  ? ? 0.166 ? 1.212 12.10 100.00 
1 1.91 1.96  ? ? 0.213 ? 1.146 12.20 100.00 
1 1.87 1.91  ? ? 0.254 ? 1.057 12.00 100.00 
1 1.83 1.87  ? ? 0.293 ? 1.033 12.10 100.00 
1 1.79 1.83  ? ? 0.370 ? 1.024 12.20 100.00 
1 1.76 1.79  ? ? 0.470 ? 0.992 11.90 100.00 
1 1.73 1.76  ? ? 0.560 ? 1.003 12.10 100.00 
1 1.70 1.73  ? ? 0.657 ? 0.979 11.50 100.00 
# 
loop_
_pdbx_refine_tls.pdbx_refine_id 
_pdbx_refine_tls.id 
_pdbx_refine_tls.details 
_pdbx_refine_tls.method 
_pdbx_refine_tls.origin_x 
_pdbx_refine_tls.origin_y 
_pdbx_refine_tls.origin_z 
_pdbx_refine_tls.T[1][1] 
_pdbx_refine_tls.T[2][2] 
_pdbx_refine_tls.T[3][3] 
_pdbx_refine_tls.T[1][2] 
_pdbx_refine_tls.T[1][3] 
_pdbx_refine_tls.T[2][3] 
_pdbx_refine_tls.L[1][1] 
_pdbx_refine_tls.L[2][2] 
_pdbx_refine_tls.L[3][3] 
_pdbx_refine_tls.L[1][2] 
_pdbx_refine_tls.L[1][3] 
_pdbx_refine_tls.L[2][3] 
_pdbx_refine_tls.S[1][1] 
_pdbx_refine_tls.S[2][2] 
_pdbx_refine_tls.S[3][3] 
_pdbx_refine_tls.S[1][2] 
_pdbx_refine_tls.S[1][3] 
_pdbx_refine_tls.S[2][3] 
_pdbx_refine_tls.S[2][1] 
_pdbx_refine_tls.S[3][1] 
_pdbx_refine_tls.S[3][2] 
'X-RAY DIFFRACTION' 1 ? refined -2.6698 -0.2959 -0.6193 0.0065 0.0572 0.0500 -0.0041 -0.0092 -0.0171 3.8449 2.9701  2.0761 -2.1225 -1.2343 1.4385  -0.0360 0.0232  0.0128 0.2105  -0.2976 -0.0268 0.0908 0.0681  0.0746 
'X-RAY DIFFRACTION' 2 ? refined 5.2123  -0.1904 1.2691  0.0005 0.1024 0.0331 -0.0039 -0.0036 0.0059  5.5868 10.9002 2.1129 -1.5710 -0.5795 -0.8709 -0.0025 -0.0619 0.0645 -0.1097 0.0786  -0.5773 0.0684 -0.0208 0.4589 
# 
loop_
_pdbx_refine_tls_group.pdbx_refine_id 
_pdbx_refine_tls_group.selection_details 
_pdbx_refine_tls_group.id 
_pdbx_refine_tls_group.refine_tls_id 
_pdbx_refine_tls_group.beg_auth_asym_id 
_pdbx_refine_tls_group.beg_auth_seq_id 
_pdbx_refine_tls_group.end_auth_asym_id 
_pdbx_refine_tls_group.end_auth_seq_id 
_pdbx_refine_tls_group.beg_label_asym_id 
_pdbx_refine_tls_group.beg_label_seq_id 
_pdbx_refine_tls_group.end_label_asym_id 
_pdbx_refine_tls_group.end_label_seq_id 
_pdbx_refine_tls_group.selection 
'X-RAY DIFFRACTION' ? 1 1 A 227 A 287 . . . . ? 
'X-RAY DIFFRACTION' ? 2 2 A 288 A 320 . . . . ? 
# 
loop_
_pdbx_phasing_MAD_set.id 
_pdbx_phasing_MAD_set.d_res_high 
_pdbx_phasing_MAD_set.d_res_low 
_pdbx_phasing_MAD_set.reflns_acentric 
_pdbx_phasing_MAD_set.loc_acentric 
_pdbx_phasing_MAD_set.power_acentric 
_pdbx_phasing_MAD_set.R_cullis_acentric 
_pdbx_phasing_MAD_set.reflns_centric 
_pdbx_phasing_MAD_set.loc_centric 
_pdbx_phasing_MAD_set.power_centric 
_pdbx_phasing_MAD_set.R_cullis_centric 
1 1.70 50.00 8939 0.200 0.000 1.600 2263 0.200 0.000 1.000 
2 1.70 50.00 8935 3.000 1.010 0.830 2262 4.700 0.940 0.700 
# 
loop_
_pdbx_phasing_MAD_set_shell.id 
_pdbx_phasing_MAD_set_shell.d_res_high 
_pdbx_phasing_MAD_set_shell.d_res_low 
_pdbx_phasing_MAD_set_shell.reflns_acentric 
_pdbx_phasing_MAD_set_shell.loc_acentric 
_pdbx_phasing_MAD_set_shell.power_acentric 
_pdbx_phasing_MAD_set_shell.R_cullis_acentric 
_pdbx_phasing_MAD_set_shell.reflns_centric 
_pdbx_phasing_MAD_set_shell.loc_centric 
_pdbx_phasing_MAD_set_shell.power_centric 
_pdbx_phasing_MAD_set_shell.R_cullis_centric 
1 10.99 50.00 14   0.700 0.000 1.330 38  0.400  0.000 1.000 
1 6.17  10.99 117  0.600 0.000 1.210 108 0.400  0.000 1.000 
1 4.29  6.17  326  0.600 0.000 1.450 177 0.400  0.000 1.000 
1 3.29  4.29  640  0.400 0.000 1.280 257 0.300  0.000 1.000 
1 2.67  3.29  1064 0.300 0.000 1.550 318 0.200  0.000 1.000 
1 2.24  2.67  1591 0.200 0.000 1.710 389 0.100  0.000 1.000 
1 1.93  2.24  2222 0.100 0.000 1.930 452 0.000  0.000 1.000 
1 1.70  1.93  2965 0.100 0.000 2.720 524 0.000  0.000 1.000 
2 10.99 50.00 14   8.700 1.810 0.740 37  7.800  1.970 0.540 
2 6.17  10.99 116  9.000 1.590 0.880 108 10.100 1.310 0.700 
2 4.29  6.17  326  6.000 1.810 0.750 177 7.700  1.450 0.550 
2 3.29  4.29  640  4.400 1.810 0.660 257 5.500  1.320 0.600 
2 2.67  3.29  1064 3.700 1.370 0.750 318 4.700  1.060 0.650 
2 2.24  2.67  1591 2.500 1.220 0.790 389 3.500  0.920 0.710 
2 1.93  2.24  2222 2.400 0.720 0.900 452 3.500  0.540 0.810 
2 1.70  1.93  2962 2.600 0.360 0.980 524 4.000  0.250 0.960 
# 
loop_
_pdbx_phasing_MAD_set_site.id 
_pdbx_phasing_MAD_set_site.atom_type_symbol 
_pdbx_phasing_MAD_set_site.fract_x 
_pdbx_phasing_MAD_set_site.fract_y 
_pdbx_phasing_MAD_set_site.fract_z 
_pdbx_phasing_MAD_set_site.b_iso 
_pdbx_phasing_MAD_set_site.occupancy 
1 Se 0.588 0.593 0.010  32.41669 0.000  
2 Se 0.825 0.740 -0.056 41.62799 0.000  
3 Se 0.589 0.593 0.011  34.78328 -0.132 
4 Se 0.825 0.740 -0.056 39.02891 -0.114 
# 
loop_
_pdbx_phasing_MAD_shell.d_res_high 
_pdbx_phasing_MAD_shell.d_res_low 
_pdbx_phasing_MAD_shell.reflns 
_pdbx_phasing_MAD_shell.fom 
_pdbx_phasing_MAD_shell.reflns_centric 
_pdbx_phasing_MAD_shell.fom_centric 
_pdbx_phasing_MAD_shell.reflns_acentric 
_pdbx_phasing_MAD_shell.fom_acentric 
10.99 50.00 52   0.574 38  0.567 14   0.593 
6.17  10.99 225  0.568 108 0.445 117  0.682 
4.29  6.17  503  0.684 177 0.523 326  0.771 
3.29  4.29  897  0.755 257 0.609 640  0.814 
2.67  3.29  1382 0.725 318 0.538 1064 0.781 
2.24  2.67  1980 0.690 389 0.484 1591 0.740 
1.93  2.24  2674 0.515 452 0.331 2222 0.552 
1.70  1.93  3489 0.262 524 0.147 2965 0.282 
# 
_pdbx_phasing_dm.entry_id   3H36 
_pdbx_phasing_dm.method     'Solvent flattening  and Histogram matching' 
_pdbx_phasing_dm.reflns     11202 
# 
loop_
_pdbx_phasing_dm_shell.d_res_high 
_pdbx_phasing_dm_shell.d_res_low 
_pdbx_phasing_dm_shell.delta_phi_final 
_pdbx_phasing_dm_shell.delta_phi_initial 
_pdbx_phasing_dm_shell.fom_acentric 
_pdbx_phasing_dm_shell.fom_centric 
_pdbx_phasing_dm_shell.fom 
_pdbx_phasing_dm_shell.reflns_acentric 
_pdbx_phasing_dm_shell.reflns_centric 
_pdbx_phasing_dm_shell.reflns 
5.010 100.000 46.900 ? ? ? 0.803 ? ? 503  
3.930 5.010   38.300 ? ? ? 0.926 ? ? 502  
3.410 3.930   41.800 ? ? ? 0.920 ? ? 508  
3.080 3.410   38.200 ? ? ? 0.919 ? ? 502  
2.850 3.080   40.200 ? ? ? 0.915 ? ? 505  
2.680 2.850   40.100 ? ? ? 0.905 ? ? 501  
2.540 2.680   36.500 ? ? ? 0.902 ? ? 501  
2.420 2.540   36.600 ? ? ? 0.912 ? ? 514  
2.320 2.420   40.300 ? ? ? 0.909 ? ? 514  
2.240 2.320   41.600 ? ? ? 0.905 ? ? 507  
2.160 2.240   43.900 ? ? ? 0.881 ? ? 507  
2.100 2.160   46.700 ? ? ? 0.873 ? ? 506  
2.040 2.100   50.400 ? ? ? 0.880 ? ? 507  
1.990 2.040   49.500 ? ? ? 0.869 ? ? 508  
1.940 1.990   59.300 ? ? ? 0.851 ? ? 513  
1.900 1.940   57.000 ? ? ? 0.832 ? ? 501  
1.860 1.900   60.900 ? ? ? 0.816 ? ? 502  
1.820 1.860   68.800 ? ? ? 0.816 ? ? 524  
1.790 1.820   65.700 ? ? ? 0.804 ? ? 522  
1.760 1.790   68.800 ? ? ? 0.827 ? ? 529  
1.700 1.760   73.400 ? ? ? 0.735 ? ? 1026 
# 
_phasing.method   MAD 
# 
_phasing_MAD.entry_id               3H36 
_phasing_MAD.pdbx_d_res_high        1.70 
_phasing_MAD.pdbx_d_res_low         50.00 
_phasing_MAD.pdbx_reflns            11202 
_phasing_MAD.pdbx_fom               0.521 
_phasing_MAD.pdbx_reflns_centric    2263 
_phasing_MAD.pdbx_fom_centric       0.400 
_phasing_MAD.pdbx_reflns_acentric   8939 
_phasing_MAD.pdbx_fom_acentric      0.552 
# 
loop_
_pdbx_unobs_or_zero_occ_residues.id 
_pdbx_unobs_or_zero_occ_residues.PDB_model_num 
_pdbx_unobs_or_zero_occ_residues.polymer_flag 
_pdbx_unobs_or_zero_occ_residues.occupancy_flag 
_pdbx_unobs_or_zero_occ_residues.auth_asym_id 
_pdbx_unobs_or_zero_occ_residues.auth_comp_id 
_pdbx_unobs_or_zero_occ_residues.auth_seq_id 
_pdbx_unobs_or_zero_occ_residues.PDB_ins_code 
_pdbx_unobs_or_zero_occ_residues.label_asym_id 
_pdbx_unobs_or_zero_occ_residues.label_comp_id 
_pdbx_unobs_or_zero_occ_residues.label_seq_id 
1  1 Y 1 A SER 228 ? A SER 1  
2  1 Y 1 A ASN 229 ? A ASN 2  
3  1 Y 1 A ALA 230 ? A ALA 3  
4  1 Y 1 A VAL 231 ? A VAL 4  
5  1 Y 1 A GLU 232 ? A GLU 5  
6  1 Y 1 A LEU 233 ? A LEU 6  
7  1 Y 1 A LEU 234 ? A LEU 7  
8  1 Y 1 A THR 313 ? A THR 86 
9  1 Y 1 A GLU 314 ? A GLU 87 
10 1 Y 1 A ASP 315 ? A ASP 88 
11 1 Y 1 A LYS 316 ? A LYS 89 
12 1 Y 1 A VAL 317 ? A VAL 90 
13 1 Y 1 A ARG 318 ? A ARG 91 
14 1 Y 1 A PRO 319 ? A PRO 92 
15 1 Y 1 A ASP 320 ? A ASP 93 
# 
loop_
_chem_comp_atom.comp_id 
_chem_comp_atom.atom_id 
_chem_comp_atom.type_symbol 
_chem_comp_atom.pdbx_aromatic_flag 
_chem_comp_atom.pdbx_stereo_config 
_chem_comp_atom.pdbx_ordinal 
ALA N    N  N N 1   
ALA CA   C  N S 2   
ALA C    C  N N 3   
ALA O    O  N N 4   
ALA CB   C  N N 5   
ALA OXT  O  N N 6   
ALA H    H  N N 7   
ALA H2   H  N N 8   
ALA HA   H  N N 9   
ALA HB1  H  N N 10  
ALA HB2  H  N N 11  
ALA HB3  H  N N 12  
ALA HXT  H  N N 13  
ARG N    N  N N 14  
ARG CA   C  N S 15  
ARG C    C  N N 16  
ARG O    O  N N 17  
ARG CB   C  N N 18  
ARG CG   C  N N 19  
ARG CD   C  N N 20  
ARG NE   N  N N 21  
ARG CZ   C  N N 22  
ARG NH1  N  N N 23  
ARG NH2  N  N N 24  
ARG OXT  O  N N 25  
ARG H    H  N N 26  
ARG H2   H  N N 27  
ARG HA   H  N N 28  
ARG HB2  H  N N 29  
ARG HB3  H  N N 30  
ARG HG2  H  N N 31  
ARG HG3  H  N N 32  
ARG HD2  H  N N 33  
ARG HD3  H  N N 34  
ARG HE   H  N N 35  
ARG HH11 H  N N 36  
ARG HH12 H  N N 37  
ARG HH21 H  N N 38  
ARG HH22 H  N N 39  
ARG HXT  H  N N 40  
ASN N    N  N N 41  
ASN CA   C  N S 42  
ASN C    C  N N 43  
ASN O    O  N N 44  
ASN CB   C  N N 45  
ASN CG   C  N N 46  
ASN OD1  O  N N 47  
ASN ND2  N  N N 48  
ASN OXT  O  N N 49  
ASN H    H  N N 50  
ASN H2   H  N N 51  
ASN HA   H  N N 52  
ASN HB2  H  N N 53  
ASN HB3  H  N N 54  
ASN HD21 H  N N 55  
ASN HD22 H  N N 56  
ASN HXT  H  N N 57  
ASP N    N  N N 58  
ASP CA   C  N S 59  
ASP C    C  N N 60  
ASP O    O  N N 61  
ASP CB   C  N N 62  
ASP CG   C  N N 63  
ASP OD1  O  N N 64  
ASP OD2  O  N N 65  
ASP OXT  O  N N 66  
ASP H    H  N N 67  
ASP H2   H  N N 68  
ASP HA   H  N N 69  
ASP HB2  H  N N 70  
ASP HB3  H  N N 71  
ASP HD2  H  N N 72  
ASP HXT  H  N N 73  
CA  CA   CA N N 74  
EDO C1   C  N N 75  
EDO O1   O  N N 76  
EDO C2   C  N N 77  
EDO O2   O  N N 78  
EDO H11  H  N N 79  
EDO H12  H  N N 80  
EDO HO1  H  N N 81  
EDO H21  H  N N 82  
EDO H22  H  N N 83  
EDO HO2  H  N N 84  
GLN N    N  N N 85  
GLN CA   C  N S 86  
GLN C    C  N N 87  
GLN O    O  N N 88  
GLN CB   C  N N 89  
GLN CG   C  N N 90  
GLN CD   C  N N 91  
GLN OE1  O  N N 92  
GLN NE2  N  N N 93  
GLN OXT  O  N N 94  
GLN H    H  N N 95  
GLN H2   H  N N 96  
GLN HA   H  N N 97  
GLN HB2  H  N N 98  
GLN HB3  H  N N 99  
GLN HG2  H  N N 100 
GLN HG3  H  N N 101 
GLN HE21 H  N N 102 
GLN HE22 H  N N 103 
GLN HXT  H  N N 104 
GLU N    N  N N 105 
GLU CA   C  N S 106 
GLU C    C  N N 107 
GLU O    O  N N 108 
GLU CB   C  N N 109 
GLU CG   C  N N 110 
GLU CD   C  N N 111 
GLU OE1  O  N N 112 
GLU OE2  O  N N 113 
GLU OXT  O  N N 114 
GLU H    H  N N 115 
GLU H2   H  N N 116 
GLU HA   H  N N 117 
GLU HB2  H  N N 118 
GLU HB3  H  N N 119 
GLU HG2  H  N N 120 
GLU HG3  H  N N 121 
GLU HE2  H  N N 122 
GLU HXT  H  N N 123 
GLY N    N  N N 124 
GLY CA   C  N N 125 
GLY C    C  N N 126 
GLY O    O  N N 127 
GLY OXT  O  N N 128 
GLY H    H  N N 129 
GLY H2   H  N N 130 
GLY HA2  H  N N 131 
GLY HA3  H  N N 132 
GLY HXT  H  N N 133 
HIS N    N  N N 134 
HIS CA   C  N S 135 
HIS C    C  N N 136 
HIS O    O  N N 137 
HIS CB   C  N N 138 
HIS CG   C  Y N 139 
HIS ND1  N  Y N 140 
HIS CD2  C  Y N 141 
HIS CE1  C  Y N 142 
HIS NE2  N  Y N 143 
HIS OXT  O  N N 144 
HIS H    H  N N 145 
HIS H2   H  N N 146 
HIS HA   H  N N 147 
HIS HB2  H  N N 148 
HIS HB3  H  N N 149 
HIS HD1  H  N N 150 
HIS HD2  H  N N 151 
HIS HE1  H  N N 152 
HIS HE2  H  N N 153 
HIS HXT  H  N N 154 
HOH O    O  N N 155 
HOH H1   H  N N 156 
HOH H2   H  N N 157 
ILE N    N  N N 158 
ILE CA   C  N S 159 
ILE C    C  N N 160 
ILE O    O  N N 161 
ILE CB   C  N S 162 
ILE CG1  C  N N 163 
ILE CG2  C  N N 164 
ILE CD1  C  N N 165 
ILE OXT  O  N N 166 
ILE H    H  N N 167 
ILE H2   H  N N 168 
ILE HA   H  N N 169 
ILE HB   H  N N 170 
ILE HG12 H  N N 171 
ILE HG13 H  N N 172 
ILE HG21 H  N N 173 
ILE HG22 H  N N 174 
ILE HG23 H  N N 175 
ILE HD11 H  N N 176 
ILE HD12 H  N N 177 
ILE HD13 H  N N 178 
ILE HXT  H  N N 179 
LEU N    N  N N 180 
LEU CA   C  N S 181 
LEU C    C  N N 182 
LEU O    O  N N 183 
LEU CB   C  N N 184 
LEU CG   C  N N 185 
LEU CD1  C  N N 186 
LEU CD2  C  N N 187 
LEU OXT  O  N N 188 
LEU H    H  N N 189 
LEU H2   H  N N 190 
LEU HA   H  N N 191 
LEU HB2  H  N N 192 
LEU HB3  H  N N 193 
LEU HG   H  N N 194 
LEU HD11 H  N N 195 
LEU HD12 H  N N 196 
LEU HD13 H  N N 197 
LEU HD21 H  N N 198 
LEU HD22 H  N N 199 
LEU HD23 H  N N 200 
LEU HXT  H  N N 201 
LYS N    N  N N 202 
LYS CA   C  N S 203 
LYS C    C  N N 204 
LYS O    O  N N 205 
LYS CB   C  N N 206 
LYS CG   C  N N 207 
LYS CD   C  N N 208 
LYS CE   C  N N 209 
LYS NZ   N  N N 210 
LYS OXT  O  N N 211 
LYS H    H  N N 212 
LYS H2   H  N N 213 
LYS HA   H  N N 214 
LYS HB2  H  N N 215 
LYS HB3  H  N N 216 
LYS HG2  H  N N 217 
LYS HG3  H  N N 218 
LYS HD2  H  N N 219 
LYS HD3  H  N N 220 
LYS HE2  H  N N 221 
LYS HE3  H  N N 222 
LYS HZ1  H  N N 223 
LYS HZ2  H  N N 224 
LYS HZ3  H  N N 225 
LYS HXT  H  N N 226 
MSE N    N  N N 227 
MSE CA   C  N S 228 
MSE C    C  N N 229 
MSE O    O  N N 230 
MSE OXT  O  N N 231 
MSE CB   C  N N 232 
MSE CG   C  N N 233 
MSE SE   SE N N 234 
MSE CE   C  N N 235 
MSE H    H  N N 236 
MSE H2   H  N N 237 
MSE HA   H  N N 238 
MSE HXT  H  N N 239 
MSE HB2  H  N N 240 
MSE HB3  H  N N 241 
MSE HG2  H  N N 242 
MSE HG3  H  N N 243 
MSE HE1  H  N N 244 
MSE HE2  H  N N 245 
MSE HE3  H  N N 246 
PRO N    N  N N 247 
PRO CA   C  N S 248 
PRO C    C  N N 249 
PRO O    O  N N 250 
PRO CB   C  N N 251 
PRO CG   C  N N 252 
PRO CD   C  N N 253 
PRO OXT  O  N N 254 
PRO H    H  N N 255 
PRO HA   H  N N 256 
PRO HB2  H  N N 257 
PRO HB3  H  N N 258 
PRO HG2  H  N N 259 
PRO HG3  H  N N 260 
PRO HD2  H  N N 261 
PRO HD3  H  N N 262 
PRO HXT  H  N N 263 
SER N    N  N N 264 
SER CA   C  N S 265 
SER C    C  N N 266 
SER O    O  N N 267 
SER CB   C  N N 268 
SER OG   O  N N 269 
SER OXT  O  N N 270 
SER H    H  N N 271 
SER H2   H  N N 272 
SER HA   H  N N 273 
SER HB2  H  N N 274 
SER HB3  H  N N 275 
SER HG   H  N N 276 
SER HXT  H  N N 277 
THR N    N  N N 278 
THR CA   C  N S 279 
THR C    C  N N 280 
THR O    O  N N 281 
THR CB   C  N R 282 
THR OG1  O  N N 283 
THR CG2  C  N N 284 
THR OXT  O  N N 285 
THR H    H  N N 286 
THR H2   H  N N 287 
THR HA   H  N N 288 
THR HB   H  N N 289 
THR HG1  H  N N 290 
THR HG21 H  N N 291 
THR HG22 H  N N 292 
THR HG23 H  N N 293 
THR HXT  H  N N 294 
TYR N    N  N N 295 
TYR CA   C  N S 296 
TYR C    C  N N 297 
TYR O    O  N N 298 
TYR CB   C  N N 299 
TYR CG   C  Y N 300 
TYR CD1  C  Y N 301 
TYR CD2  C  Y N 302 
TYR CE1  C  Y N 303 
TYR CE2  C  Y N 304 
TYR CZ   C  Y N 305 
TYR OH   O  N N 306 
TYR OXT  O  N N 307 
TYR H    H  N N 308 
TYR H2   H  N N 309 
TYR HA   H  N N 310 
TYR HB2  H  N N 311 
TYR HB3  H  N N 312 
TYR HD1  H  N N 313 
TYR HD2  H  N N 314 
TYR HE1  H  N N 315 
TYR HE2  H  N N 316 
TYR HH   H  N N 317 
TYR HXT  H  N N 318 
VAL N    N  N N 319 
VAL CA   C  N S 320 
VAL C    C  N N 321 
VAL O    O  N N 322 
VAL CB   C  N N 323 
VAL CG1  C  N N 324 
VAL CG2  C  N N 325 
VAL OXT  O  N N 326 
VAL H    H  N N 327 
VAL H2   H  N N 328 
VAL HA   H  N N 329 
VAL HB   H  N N 330 
VAL HG11 H  N N 331 
VAL HG12 H  N N 332 
VAL HG13 H  N N 333 
VAL HG21 H  N N 334 
VAL HG22 H  N N 335 
VAL HG23 H  N N 336 
VAL HXT  H  N N 337 
# 
loop_
_chem_comp_bond.comp_id 
_chem_comp_bond.atom_id_1 
_chem_comp_bond.atom_id_2 
_chem_comp_bond.value_order 
_chem_comp_bond.pdbx_aromatic_flag 
_chem_comp_bond.pdbx_stereo_config 
_chem_comp_bond.pdbx_ordinal 
ALA N   CA   sing N N 1   
ALA N   H    sing N N 2   
ALA N   H2   sing N N 3   
ALA CA  C    sing N N 4   
ALA CA  CB   sing N N 5   
ALA CA  HA   sing N N 6   
ALA C   O    doub N N 7   
ALA C   OXT  sing N N 8   
ALA CB  HB1  sing N N 9   
ALA CB  HB2  sing N N 10  
ALA CB  HB3  sing N N 11  
ALA OXT HXT  sing N N 12  
ARG N   CA   sing N N 13  
ARG N   H    sing N N 14  
ARG N   H2   sing N N 15  
ARG CA  C    sing N N 16  
ARG CA  CB   sing N N 17  
ARG CA  HA   sing N N 18  
ARG C   O    doub N N 19  
ARG C   OXT  sing N N 20  
ARG CB  CG   sing N N 21  
ARG CB  HB2  sing N N 22  
ARG CB  HB3  sing N N 23  
ARG CG  CD   sing N N 24  
ARG CG  HG2  sing N N 25  
ARG CG  HG3  sing N N 26  
ARG CD  NE   sing N N 27  
ARG CD  HD2  sing N N 28  
ARG CD  HD3  sing N N 29  
ARG NE  CZ   sing N N 30  
ARG NE  HE   sing N N 31  
ARG CZ  NH1  sing N N 32  
ARG CZ  NH2  doub N N 33  
ARG NH1 HH11 sing N N 34  
ARG NH1 HH12 sing N N 35  
ARG NH2 HH21 sing N N 36  
ARG NH2 HH22 sing N N 37  
ARG OXT HXT  sing N N 38  
ASN N   CA   sing N N 39  
ASN N   H    sing N N 40  
ASN N   H2   sing N N 41  
ASN CA  C    sing N N 42  
ASN CA  CB   sing N N 43  
ASN CA  HA   sing N N 44  
ASN C   O    doub N N 45  
ASN C   OXT  sing N N 46  
ASN CB  CG   sing N N 47  
ASN CB  HB2  sing N N 48  
ASN CB  HB3  sing N N 49  
ASN CG  OD1  doub N N 50  
ASN CG  ND2  sing N N 51  
ASN ND2 HD21 sing N N 52  
ASN ND2 HD22 sing N N 53  
ASN OXT HXT  sing N N 54  
ASP N   CA   sing N N 55  
ASP N   H    sing N N 56  
ASP N   H2   sing N N 57  
ASP CA  C    sing N N 58  
ASP CA  CB   sing N N 59  
ASP CA  HA   sing N N 60  
ASP C   O    doub N N 61  
ASP C   OXT  sing N N 62  
ASP CB  CG   sing N N 63  
ASP CB  HB2  sing N N 64  
ASP CB  HB3  sing N N 65  
ASP CG  OD1  doub N N 66  
ASP CG  OD2  sing N N 67  
ASP OD2 HD2  sing N N 68  
ASP OXT HXT  sing N N 69  
EDO C1  O1   sing N N 70  
EDO C1  C2   sing N N 71  
EDO C1  H11  sing N N 72  
EDO C1  H12  sing N N 73  
EDO O1  HO1  sing N N 74  
EDO C2  O2   sing N N 75  
EDO C2  H21  sing N N 76  
EDO C2  H22  sing N N 77  
EDO O2  HO2  sing N N 78  
GLN N   CA   sing N N 79  
GLN N   H    sing N N 80  
GLN N   H2   sing N N 81  
GLN CA  C    sing N N 82  
GLN CA  CB   sing N N 83  
GLN CA  HA   sing N N 84  
GLN C   O    doub N N 85  
GLN C   OXT  sing N N 86  
GLN CB  CG   sing N N 87  
GLN CB  HB2  sing N N 88  
GLN CB  HB3  sing N N 89  
GLN CG  CD   sing N N 90  
GLN CG  HG2  sing N N 91  
GLN CG  HG3  sing N N 92  
GLN CD  OE1  doub N N 93  
GLN CD  NE2  sing N N 94  
GLN NE2 HE21 sing N N 95  
GLN NE2 HE22 sing N N 96  
GLN OXT HXT  sing N N 97  
GLU N   CA   sing N N 98  
GLU N   H    sing N N 99  
GLU N   H2   sing N N 100 
GLU CA  C    sing N N 101 
GLU CA  CB   sing N N 102 
GLU CA  HA   sing N N 103 
GLU C   O    doub N N 104 
GLU C   OXT  sing N N 105 
GLU CB  CG   sing N N 106 
GLU CB  HB2  sing N N 107 
GLU CB  HB3  sing N N 108 
GLU CG  CD   sing N N 109 
GLU CG  HG2  sing N N 110 
GLU CG  HG3  sing N N 111 
GLU CD  OE1  doub N N 112 
GLU CD  OE2  sing N N 113 
GLU OE2 HE2  sing N N 114 
GLU OXT HXT  sing N N 115 
GLY N   CA   sing N N 116 
GLY N   H    sing N N 117 
GLY N   H2   sing N N 118 
GLY CA  C    sing N N 119 
GLY CA  HA2  sing N N 120 
GLY CA  HA3  sing N N 121 
GLY C   O    doub N N 122 
GLY C   OXT  sing N N 123 
GLY OXT HXT  sing N N 124 
HIS N   CA   sing N N 125 
HIS N   H    sing N N 126 
HIS N   H2   sing N N 127 
HIS CA  C    sing N N 128 
HIS CA  CB   sing N N 129 
HIS CA  HA   sing N N 130 
HIS C   O    doub N N 131 
HIS C   OXT  sing N N 132 
HIS CB  CG   sing N N 133 
HIS CB  HB2  sing N N 134 
HIS CB  HB3  sing N N 135 
HIS CG  ND1  sing Y N 136 
HIS CG  CD2  doub Y N 137 
HIS ND1 CE1  doub Y N 138 
HIS ND1 HD1  sing N N 139 
HIS CD2 NE2  sing Y N 140 
HIS CD2 HD2  sing N N 141 
HIS CE1 NE2  sing Y N 142 
HIS CE1 HE1  sing N N 143 
HIS NE2 HE2  sing N N 144 
HIS OXT HXT  sing N N 145 
HOH O   H1   sing N N 146 
HOH O   H2   sing N N 147 
ILE N   CA   sing N N 148 
ILE N   H    sing N N 149 
ILE N   H2   sing N N 150 
ILE CA  C    sing N N 151 
ILE CA  CB   sing N N 152 
ILE CA  HA   sing N N 153 
ILE C   O    doub N N 154 
ILE C   OXT  sing N N 155 
ILE CB  CG1  sing N N 156 
ILE CB  CG2  sing N N 157 
ILE CB  HB   sing N N 158 
ILE CG1 CD1  sing N N 159 
ILE CG1 HG12 sing N N 160 
ILE CG1 HG13 sing N N 161 
ILE CG2 HG21 sing N N 162 
ILE CG2 HG22 sing N N 163 
ILE CG2 HG23 sing N N 164 
ILE CD1 HD11 sing N N 165 
ILE CD1 HD12 sing N N 166 
ILE CD1 HD13 sing N N 167 
ILE OXT HXT  sing N N 168 
LEU N   CA   sing N N 169 
LEU N   H    sing N N 170 
LEU N   H2   sing N N 171 
LEU CA  C    sing N N 172 
LEU CA  CB   sing N N 173 
LEU CA  HA   sing N N 174 
LEU C   O    doub N N 175 
LEU C   OXT  sing N N 176 
LEU CB  CG   sing N N 177 
LEU CB  HB2  sing N N 178 
LEU CB  HB3  sing N N 179 
LEU CG  CD1  sing N N 180 
LEU CG  CD2  sing N N 181 
LEU CG  HG   sing N N 182 
LEU CD1 HD11 sing N N 183 
LEU CD1 HD12 sing N N 184 
LEU CD1 HD13 sing N N 185 
LEU CD2 HD21 sing N N 186 
LEU CD2 HD22 sing N N 187 
LEU CD2 HD23 sing N N 188 
LEU OXT HXT  sing N N 189 
LYS N   CA   sing N N 190 
LYS N   H    sing N N 191 
LYS N   H2   sing N N 192 
LYS CA  C    sing N N 193 
LYS CA  CB   sing N N 194 
LYS CA  HA   sing N N 195 
LYS C   O    doub N N 196 
LYS C   OXT  sing N N 197 
LYS CB  CG   sing N N 198 
LYS CB  HB2  sing N N 199 
LYS CB  HB3  sing N N 200 
LYS CG  CD   sing N N 201 
LYS CG  HG2  sing N N 202 
LYS CG  HG3  sing N N 203 
LYS CD  CE   sing N N 204 
LYS CD  HD2  sing N N 205 
LYS CD  HD3  sing N N 206 
LYS CE  NZ   sing N N 207 
LYS CE  HE2  sing N N 208 
LYS CE  HE3  sing N N 209 
LYS NZ  HZ1  sing N N 210 
LYS NZ  HZ2  sing N N 211 
LYS NZ  HZ3  sing N N 212 
LYS OXT HXT  sing N N 213 
MSE N   CA   sing N N 214 
MSE N   H    sing N N 215 
MSE N   H2   sing N N 216 
MSE CA  C    sing N N 217 
MSE CA  CB   sing N N 218 
MSE CA  HA   sing N N 219 
MSE C   O    doub N N 220 
MSE C   OXT  sing N N 221 
MSE OXT HXT  sing N N 222 
MSE CB  CG   sing N N 223 
MSE CB  HB2  sing N N 224 
MSE CB  HB3  sing N N 225 
MSE CG  SE   sing N N 226 
MSE CG  HG2  sing N N 227 
MSE CG  HG3  sing N N 228 
MSE SE  CE   sing N N 229 
MSE CE  HE1  sing N N 230 
MSE CE  HE2  sing N N 231 
MSE CE  HE3  sing N N 232 
PRO N   CA   sing N N 233 
PRO N   CD   sing N N 234 
PRO N   H    sing N N 235 
PRO CA  C    sing N N 236 
PRO CA  CB   sing N N 237 
PRO CA  HA   sing N N 238 
PRO C   O    doub N N 239 
PRO C   OXT  sing N N 240 
PRO CB  CG   sing N N 241 
PRO CB  HB2  sing N N 242 
PRO CB  HB3  sing N N 243 
PRO CG  CD   sing N N 244 
PRO CG  HG2  sing N N 245 
PRO CG  HG3  sing N N 246 
PRO CD  HD2  sing N N 247 
PRO CD  HD3  sing N N 248 
PRO OXT HXT  sing N N 249 
SER N   CA   sing N N 250 
SER N   H    sing N N 251 
SER N   H2   sing N N 252 
SER CA  C    sing N N 253 
SER CA  CB   sing N N 254 
SER CA  HA   sing N N 255 
SER C   O    doub N N 256 
SER C   OXT  sing N N 257 
SER CB  OG   sing N N 258 
SER CB  HB2  sing N N 259 
SER CB  HB3  sing N N 260 
SER OG  HG   sing N N 261 
SER OXT HXT  sing N N 262 
THR N   CA   sing N N 263 
THR N   H    sing N N 264 
THR N   H2   sing N N 265 
THR CA  C    sing N N 266 
THR CA  CB   sing N N 267 
THR CA  HA   sing N N 268 
THR C   O    doub N N 269 
THR C   OXT  sing N N 270 
THR CB  OG1  sing N N 271 
THR CB  CG2  sing N N 272 
THR CB  HB   sing N N 273 
THR OG1 HG1  sing N N 274 
THR CG2 HG21 sing N N 275 
THR CG2 HG22 sing N N 276 
THR CG2 HG23 sing N N 277 
THR OXT HXT  sing N N 278 
TYR N   CA   sing N N 279 
TYR N   H    sing N N 280 
TYR N   H2   sing N N 281 
TYR CA  C    sing N N 282 
TYR CA  CB   sing N N 283 
TYR CA  HA   sing N N 284 
TYR C   O    doub N N 285 
TYR C   OXT  sing N N 286 
TYR CB  CG   sing N N 287 
TYR CB  HB2  sing N N 288 
TYR CB  HB3  sing N N 289 
TYR CG  CD1  doub Y N 290 
TYR CG  CD2  sing Y N 291 
TYR CD1 CE1  sing Y N 292 
TYR CD1 HD1  sing N N 293 
TYR CD2 CE2  doub Y N 294 
TYR CD2 HD2  sing N N 295 
TYR CE1 CZ   doub Y N 296 
TYR CE1 HE1  sing N N 297 
TYR CE2 CZ   sing Y N 298 
TYR CE2 HE2  sing N N 299 
TYR CZ  OH   sing N N 300 
TYR OH  HH   sing N N 301 
TYR OXT HXT  sing N N 302 
VAL N   CA   sing N N 303 
VAL N   H    sing N N 304 
VAL N   H2   sing N N 305 
VAL CA  C    sing N N 306 
VAL CA  CB   sing N N 307 
VAL CA  HA   sing N N 308 
VAL C   O    doub N N 309 
VAL C   OXT  sing N N 310 
VAL CB  CG1  sing N N 311 
VAL CB  CG2  sing N N 312 
VAL CB  HB   sing N N 313 
VAL CG1 HG11 sing N N 314 
VAL CG1 HG12 sing N N 315 
VAL CG1 HG13 sing N N 316 
VAL CG2 HG21 sing N N 317 
VAL CG2 HG22 sing N N 318 
VAL CG2 HG23 sing N N 319 
VAL OXT HXT  sing N N 320 
# 
_atom_sites.entry_id                    3H36 
_atom_sites.fract_transf_matrix[1][1]   -0.01193773 
_atom_sites.fract_transf_matrix[1][2]   -0.01390722 
_atom_sites.fract_transf_matrix[1][3]   0.00656432 
_atom_sites.fract_transf_matrix[2][1]   -0.00052742 
_atom_sites.fract_transf_matrix[2][2]   -0.00420467 
_atom_sites.fract_transf_matrix[2][3]   0.01900120 
_atom_sites.fract_transf_matrix[3][1]   -0.00774494 
_atom_sites.fract_transf_matrix[3][2]   0.00731020 
_atom_sites.fract_transf_matrix[3][3]   0.00140265 
_atom_sites.fract_transf_vector[1]      0.653929 
_atom_sites.fract_transf_vector[2]      0.660249 
_atom_sites.fract_transf_vector[3]      0.019706 
# 
loop_
_atom_type.symbol 
C  
CA 
N  
O  
SE 
# 
loop_
_atom_site.group_PDB 
_atom_site.id 
_atom_site.type_symbol 
_atom_site.label_atom_id 
_atom_site.label_alt_id 
_atom_site.label_comp_id 
_atom_site.label_asym_id 
_atom_site.label_entity_id 
_atom_site.label_seq_id 
_atom_site.pdbx_PDB_ins_code 
_atom_site.Cartn_x 
_atom_site.Cartn_y 
_atom_site.Cartn_z 
_atom_site.occupancy 
_atom_site.B_iso_or_equiv 
_atom_site.pdbx_formal_charge 
_atom_site.auth_seq_id 
_atom_site.auth_comp_id 
_atom_site.auth_asym_id 
_atom_site.auth_atom_id 
_atom_site.pdbx_PDB_model_num 
ATOM   1   N  N   . GLN A 1 8  ? 14.947  -6.299  -1.972  1.00 39.18 ? 235 GLN A N   1 
ATOM   2   C  CA  . GLN A 1 8  ? 14.116  -6.162  -0.732  1.00 38.29 ? 235 GLN A CA  1 
ATOM   3   C  C   . GLN A 1 8  ? 12.710  -6.707  -1.102  1.00 36.10 ? 235 GLN A C   1 
ATOM   4   O  O   . GLN A 1 8  ? 12.385  -7.921  -0.894  1.00 37.98 ? 235 GLN A O   1 
ATOM   5   C  CB  . GLN A 1 8  ? 14.127  -4.695  -0.283  1.00 39.46 ? 235 GLN A CB  1 
ATOM   6   C  CG  . GLN A 1 8  ? 13.289  -4.342  0.925   1.00 43.35 ? 235 GLN A CG  1 
ATOM   7   C  CD  . GLN A 1 8  ? 13.429  -2.863  1.307   1.00 49.71 ? 235 GLN A CD  1 
ATOM   8   O  OE1 . GLN A 1 8  ? 14.515  -2.283  1.186   1.00 55.58 ? 235 GLN A OE1 1 
ATOM   9   N  NE2 . GLN A 1 8  ? 12.336  -2.254  1.782   1.00 53.00 ? 235 GLN A NE2 1 
ATOM   10  N  N   . VAL A 1 9  ? 11.922  -5.878  -1.759  1.00 31.45 ? 236 VAL A N   1 
ATOM   11  C  CA  . VAL A 1 9  ? 10.602  -6.332  -2.185  1.00 27.44 ? 236 VAL A CA  1 
ATOM   12  C  C   . VAL A 1 9  ? 10.636  -6.875  -3.611  1.00 24.56 ? 236 VAL A C   1 
ATOM   13  O  O   . VAL A 1 9  ? 11.496  -6.502  -4.420  1.00 22.27 ? 236 VAL A O   1 
ATOM   14  C  CB  . VAL A 1 9  ? 9.573   -5.233  -2.015  1.00 27.52 ? 236 VAL A CB  1 
ATOM   15  C  CG1 . VAL A 1 9  ? 9.622   -4.680  -0.579  1.00 27.22 ? 236 VAL A CG1 1 
ATOM   16  C  CG2 . VAL A 1 9  ? 9.764   -4.136  -3.046  1.00 28.33 ? 236 VAL A CG2 1 
ATOM   17  N  N   . ASP A 1 10 ? 9.724   -7.801  -3.903  1.00 21.93 ? 237 ASP A N   1 
ATOM   18  C  CA  . ASP A 1 10 ? 9.611   -8.355  -5.219  1.00 20.63 ? 237 ASP A CA  1 
ATOM   19  C  C   . ASP A 1 10 ? 9.225   -7.243  -6.213  1.00 18.68 ? 237 ASP A C   1 
ATOM   20  O  O   . ASP A 1 10 ? 8.268   -6.530  -5.993  1.00 19.06 ? 237 ASP A O   1 
ATOM   21  C  CB  . ASP A 1 10 ? 8.595   -9.490  -5.235  1.00 21.48 ? 237 ASP A CB  1 
ATOM   22  C  CG  . ASP A 1 10 ? 8.416   -10.084 -6.624  1.00 24.86 ? 237 ASP A CG  1 
ATOM   23  O  OD1 . ASP A 1 10 ? 7.872   -9.400  -7.497  1.00 27.42 ? 237 ASP A OD1 1 
ATOM   24  O  OD2 . ASP A 1 10 ? 8.875   -11.215 -6.864  1.00 31.01 ? 237 ASP A OD2 1 
ATOM   25  N  N   . ALA A 1 11 ? 10.004  -7.069  -7.280  1.00 16.46 ? 238 ALA A N   1 
ATOM   26  C  CA  . ALA A 1 11 ? 9.782   -5.957  -8.186  1.00 15.87 ? 238 ALA A CA  1 
ATOM   27  C  C   . ALA A 1 11 ? 8.423   -6.038  -8.896  1.00 15.85 ? 238 ALA A C   1 
ATOM   28  O  O   . ALA A 1 11 ? 7.840   -5.016  -9.238  1.00 15.52 ? 238 ALA A O   1 
ATOM   29  C  CB  . ALA A 1 11 ? 10.890  -5.867  -9.205  1.00 15.54 ? 238 ALA A CB  1 
ATOM   30  N  N   . ASP A 1 12 ? 7.947   -7.254  -9.147  1.00 16.93 ? 239 ASP A N   1 
ATOM   31  C  CA  . ASP A 1 12 ? 6.629   -7.435  -9.828  1.00 17.97 ? 239 ASP A CA  1 
ATOM   32  C  C   . ASP A 1 12 ? 5.487   -7.060  -8.933  1.00 18.15 ? 239 ASP A C   1 
ATOM   33  O  O   . ASP A 1 12 ? 4.551   -6.392  -9.344  1.00 19.11 ? 239 ASP A O   1 
ATOM   34  C  CB  . ASP A 1 12 ? 6.498   -8.873  -10.334 1.00 19.48 ? 239 ASP A CB  1 
ATOM   35  C  CG  . ASP A 1 12 ? 7.532   -9.193  -11.398 1.00 20.59 ? 239 ASP A CG  1 
ATOM   36  O  OD1 . ASP A 1 12 ? 7.472   -8.607  -12.499 1.00 26.91 ? 239 ASP A OD1 1 
ATOM   37  O  OD2 . ASP A 1 12 ? 8.424   -9.981  -11.150 1.00 22.42 ? 239 ASP A OD2 1 
ATOM   38  N  N   . LEU A 1 13 ? 5.595   -7.441  -7.671  1.00 18.75 ? 240 LEU A N   1 
ATOM   39  C  CA  . LEU A 1 13 ? 4.617   -7.077  -6.657  1.00 20.25 ? 240 LEU A CA  1 
ATOM   40  C  C   . LEU A 1 13 ? 4.575   -5.573  -6.482  1.00 19.78 ? 240 LEU A C   1 
ATOM   41  O  O   . LEU A 1 13 ? 3.493   -4.960  -6.431  1.00 19.97 ? 240 LEU A O   1 
ATOM   42  C  CB  . LEU A 1 13 ? 4.965   -7.836  -5.387  1.00 21.67 ? 240 LEU A CB  1 
ATOM   43  C  CG  . LEU A 1 13 ? 4.046   -8.167  -4.262  1.00 27.18 ? 240 LEU A CG  1 
ATOM   44  C  CD1 . LEU A 1 13 ? 2.673   -8.660  -4.812  1.00 30.39 ? 240 LEU A CD1 1 
ATOM   45  C  CD2 . LEU A 1 13 ? 4.771   -9.211  -3.455  1.00 26.57 ? 240 LEU A CD2 1 
ATOM   46  N  N   . GLN A 1 14 ? 5.745   -4.936  -6.475  1.00 17.56 ? 241 GLN A N   1 
ATOM   47  C  CA  . GLN A 1 14 ? 5.799   -3.496  -6.386  1.00 17.11 ? 241 GLN A CA  1 
ATOM   48  C  C   . GLN A 1 14 ? 5.144   -2.804  -7.572  1.00 16.64 ? 241 GLN A C   1 
ATOM   49  O  O   . GLN A 1 14 ? 4.319   -1.888  -7.423  1.00 15.57 ? 241 GLN A O   1 
ATOM   50  C  CB  . GLN A 1 14 ? 7.247   -3.018  -6.269  1.00 17.22 ? 241 GLN A CB  1 
ATOM   51  C  CG  . GLN A 1 14 ? 7.370   -1.531  -6.204  1.00 21.62 ? 241 GLN A CG  1 
ATOM   52  C  CD  . GLN A 1 14 ? 8.788   -1.090  -5.852  1.00 27.17 ? 241 GLN A CD  1 
ATOM   53  O  OE1 . GLN A 1 14 ? 9.721   -1.286  -6.608  1.00 28.93 ? 241 GLN A OE1 1 
ATOM   54  N  NE2 . GLN A 1 14 ? 8.919   -0.447  -4.730  1.00 33.93 ? 241 GLN A NE2 1 
ATOM   55  N  N   . ALA A 1 15 ? 5.454   -3.278  -8.772  1.00 15.63 ? 242 ALA A N   1 
ATOM   56  C  CA  . ALA A 1 15 ? 4.868   -2.669  -9.988  1.00 15.09 ? 242 ALA A CA  1 
ATOM   57  C  C   . ALA A 1 15 ? 3.338   -2.814  -9.999  1.00 14.95 ? 242 ALA A C   1 
ATOM   58  O  O   . ALA A 1 15 ? 2.623   -1.903  -10.386 1.00 15.77 ? 242 ALA A O   1 
ATOM   59  C  CB  . ALA A 1 15 ? 5.458   -3.312  -11.267 1.00 14.39 ? 242 ALA A CB  1 
ATOM   60  N  N   . GLU A 1 16 ? 2.871   -3.958  -9.542  1.00 16.26 ? 243 GLU A N   1 
ATOM   61  C  CA  . GLU A 1 16 ? 1.428   -4.271  -9.594  1.00 18.99 ? 243 GLU A CA  1 
ATOM   62  C  C   . GLU A 1 16 ? 0.687   -3.354  -8.627  1.00 18.12 ? 243 GLU A C   1 
ATOM   63  O  O   . GLU A 1 16 ? -0.310  -2.710  -8.982  1.00 17.56 ? 243 GLU A O   1 
ATOM   64  C  CB  . GLU A 1 16 ? 1.243   -5.781  -9.328  1.00 19.86 ? 243 GLU A CB  1 
ATOM   65  C  CG  . GLU A 1 16 ? -0.161  -6.287  -9.390  1.00 30.27 ? 243 GLU A CG  1 
ATOM   66  C  CD  . GLU A 1 16 ? -0.175  -7.804  -9.290  1.00 37.14 ? 243 GLU A CD  1 
ATOM   67  O  OE1 . GLU A 1 16 ? 0.418   -8.353  -8.316  1.00 39.51 ? 243 GLU A OE1 1 
ATOM   68  O  OE2 . GLU A 1 16 ? -0.708  -8.421  -10.248 1.00 46.92 ? 243 GLU A OE2 1 
ATOM   69  N  N   . ILE A 1 17 ? 1.197   -3.239  -7.402  1.00 18.49 ? 244 ILE A N   1 
ATOM   70  C  CA  . ILE A 1 17 ? 0.515   -2.427  -6.395  1.00 18.55 ? 244 ILE A CA  1 
ATOM   71  C  C   . ILE A 1 17 ? 0.640   -0.929  -6.656  1.00 18.86 ? 244 ILE A C   1 
ATOM   72  O  O   . ILE A 1 17 ? -0.318  -0.179  -6.530  1.00 19.02 ? 244 ILE A O   1 
ATOM   73  C  CB  . ILE A 1 17 ? 1.020   -2.784  -4.964  1.00 17.32 ? 244 ILE A CB  1 
ATOM   74  C  CG1 . ILE A 1 17 ? 0.636   -4.223  -4.627  1.00 18.33 ? 244 ILE A CG1 1 
ATOM   75  C  CG2 . ILE A 1 17 ? 0.455   -1.828  -3.890  1.00 16.13 ? 244 ILE A CG2 1 
ATOM   76  C  CD1 . ILE A 1 17 ? 1.335   -4.759  -3.396  1.00 20.84 ? 244 ILE A CD1 1 
ATOM   77  N  N   . VAL A 1 18 ? 1.839   -0.478  -6.994  1.00 18.79 ? 245 VAL A N   1 
ATOM   78  C  CA  . VAL A 1 18 ? 2.014   0.914   -7.364  1.00 19.46 ? 245 VAL A CA  1 
ATOM   79  C  C   . VAL A 1 18 ? 1.100   1.298   -8.545  1.00 19.94 ? 245 VAL A C   1 
ATOM   80  O  O   . VAL A 1 18 ? 0.412   2.348   -8.521  1.00 19.70 ? 245 VAL A O   1 
ATOM   81  C  CB  . VAL A 1 18 ? 3.502   1.247   -7.684  1.00 19.69 ? 245 VAL A CB  1 
ATOM   82  C  CG1 . VAL A 1 18 ? 3.599   2.653   -8.264  1.00 22.83 ? 245 VAL A CG1 1 
ATOM   83  C  CG2 . VAL A 1 18 ? 4.333   1.111   -6.430  1.00 18.52 ? 245 VAL A CG2 1 
ATOM   84  N  N   . GLY A 1 19 ? 1.073   0.446   -9.559  1.00 20.40 ? 246 GLY A N   1 
ATOM   85  C  CA  . GLY A 1 19 ? 0.305   0.690   -10.765 1.00 20.55 ? 246 GLY A CA  1 
ATOM   86  C  C   . GLY A 1 19 ? -1.184  0.839   -10.495 1.00 21.18 ? 246 GLY A C   1 
ATOM   87  O  O   . GLY A 1 19 ? -1.829  1.758   -11.010 1.00 22.33 ? 246 GLY A O   1 
ATOM   88  N  N   A LYS A 1 20 ? -1.727  -0.094  -9.721  0.50 20.85 ? 247 LYS A N   1 
ATOM   89  N  N   B LYS A 1 20 ? -1.737  -0.054  -9.689  0.50 20.15 ? 247 LYS A N   1 
ATOM   90  C  CA  A LYS A 1 20 ? -3.143  -0.118  -9.407  0.50 21.47 ? 247 LYS A CA  1 
ATOM   91  C  CA  B LYS A 1 20 ? -3.166  -0.051  -9.450  0.50 20.18 ? 247 LYS A CA  1 
ATOM   92  C  C   A LYS A 1 20 ? -3.551  0.973   -8.409  0.50 20.76 ? 247 LYS A C   1 
ATOM   93  C  C   B LYS A 1 20 ? -3.633  0.852   -8.313  0.50 20.10 ? 247 LYS A C   1 
ATOM   94  O  O   A LYS A 1 20 ? -4.570  1.634   -8.599  0.50 21.07 ? 247 LYS A O   1 
ATOM   95  O  O   B LYS A 1 20 ? -4.818  1.215   -8.270  0.50 19.84 ? 247 LYS A O   1 
ATOM   96  C  CB  A LYS A 1 20 ? -3.531  -1.488  -8.836  0.50 21.91 ? 247 LYS A CB  1 
ATOM   97  C  CB  B LYS A 1 20 ? -3.650  -1.455  -9.155  0.50 20.16 ? 247 LYS A CB  1 
ATOM   98  C  CG  A LYS A 1 20 ? -3.473  -2.647  -9.838  0.50 26.02 ? 247 LYS A CG  1 
ATOM   99  C  CG  B LYS A 1 20 ? -5.151  -1.553  -9.154  0.50 20.70 ? 247 LYS A CG  1 
ATOM   100 C  CD  A LYS A 1 20 ? -4.116  -3.928  -9.246  0.50 29.75 ? 247 LYS A CD  1 
ATOM   101 C  CD  B LYS A 1 20 ? -5.594  -2.980  -9.303  0.50 24.43 ? 247 LYS A CD  1 
ATOM   102 C  CE  A LYS A 1 20 ? -3.157  -4.684  -8.285  0.50 31.03 ? 247 LYS A CE  1 
ATOM   103 C  CE  B LYS A 1 20 ? -7.100  -3.103  -9.399  0.50 26.07 ? 247 LYS A CE  1 
ATOM   104 N  NZ  A LYS A 1 20 ? -3.788  -5.917  -7.721  0.50 29.68 ? 247 LYS A NZ  1 
ATOM   105 N  NZ  B LYS A 1 20 ? -7.807  -2.393  -8.338  0.50 30.17 ? 247 LYS A NZ  1 
ATOM   106 N  N   . TYR A 1 21 ? -2.758  1.161   -7.353  1.00 19.14 ? 248 TYR A N   1 
ATOM   107 C  CA  . TYR A 1 21 ? -3.220  1.833   -6.134  1.00 18.87 ? 248 TYR A CA  1 
ATOM   108 C  C   . TYR A 1 21 ? -2.526  3.100   -5.761  1.00 19.07 ? 248 TYR A C   1 
ATOM   109 O  O   . TYR A 1 21 ? -2.936  3.757   -4.805  1.00 19.37 ? 248 TYR A O   1 
ATOM   110 C  CB  . TYR A 1 21 ? -3.158  0.860   -4.968  1.00 18.89 ? 248 TYR A CB  1 
ATOM   111 C  CG  . TYR A 1 21 ? -4.059  -0.309  -5.172  1.00 21.28 ? 248 TYR A CG  1 
ATOM   112 C  CD1 . TYR A 1 21 ? -5.459  -0.127  -5.161  1.00 20.96 ? 248 TYR A CD1 1 
ATOM   113 C  CD2 . TYR A 1 21 ? -3.556  -1.599  -5.393  1.00 20.19 ? 248 TYR A CD2 1 
ATOM   114 C  CE1 . TYR A 1 21 ? -6.300  -1.174  -5.365  1.00 22.90 ? 248 TYR A CE1 1 
ATOM   115 C  CE2 . TYR A 1 21 ? -4.406  -2.649  -5.625  1.00 21.09 ? 248 TYR A CE2 1 
ATOM   116 C  CZ  . TYR A 1 21 ? -5.773  -2.437  -5.579  1.00 23.02 ? 248 TYR A CZ  1 
ATOM   117 O  OH  . TYR A 1 21 ? -6.650  -3.460  -5.784  1.00 25.85 ? 248 TYR A OH  1 
ATOM   118 N  N   . ASN A 1 22 ? -1.431  3.465   -6.440  1.00 19.72 ? 249 ASN A N   1 
ATOM   119 C  CA  . ASN A 1 22 ? -0.713  4.651   -5.994  1.00 20.11 ? 249 ASN A CA  1 
ATOM   120 C  C   . ASN A 1 22 ? -1.578  5.930   -6.059  1.00 19.72 ? 249 ASN A C   1 
ATOM   121 O  O   . ASN A 1 22 ? -1.533  6.749   -5.152  1.00 19.04 ? 249 ASN A O   1 
ATOM   122 C  CB  . ASN A 1 22 ? 0.606   4.862   -6.757  1.00 21.90 ? 249 ASN A CB  1 
ATOM   123 C  CG  . ASN A 1 22 ? 1.543   5.821   -6.029  1.00 23.34 ? 249 ASN A CG  1 
ATOM   124 O  OD1 . ASN A 1 22 ? 1.851   5.626   -4.868  1.00 26.36 ? 249 ASN A OD1 1 
ATOM   125 N  ND2 . ASN A 1 22 ? 1.935   6.891   -6.693  1.00 30.34 ? 249 ASN A ND2 1 
ATOM   126 N  N   . ALA A 1 23 ? -2.343  6.101   -7.128  1.00 18.16 ? 250 ALA A N   1 
ATOM   127 C  CA  . ALA A 1 23 ? -3.153  7.316   -7.287  1.00 18.90 ? 250 ALA A CA  1 
ATOM   128 C  C   . ALA A 1 23 ? -4.162  7.417   -6.126  1.00 18.34 ? 250 ALA A C   1 
ATOM   129 O  O   . ALA A 1 23 ? -4.366  8.494   -5.541  1.00 18.40 ? 250 ALA A O   1 
ATOM   130 C  CB  . ALA A 1 23 ? -3.838  7.296   -8.631  1.00 18.90 ? 250 ALA A CB  1 
ATOM   131 N  N   . ASP A 1 24 ? -4.740  6.284   -5.747  1.00 18.64 ? 251 ASP A N   1 
ATOM   132 C  CA  . ASP A 1 24 ? -5.717  6.244   -4.630  1.00 18.97 ? 251 ASP A CA  1 
ATOM   133 C  C   . ASP A 1 24 ? -5.057  6.568   -3.301  1.00 18.50 ? 251 ASP A C   1 
ATOM   134 O  O   . ASP A 1 24 ? -5.604  7.329   -2.493  1.00 17.81 ? 251 ASP A O   1 
ATOM   135 C  CB  . ASP A 1 24 ? -6.392  4.877   -4.540  1.00 18.24 ? 251 ASP A CB  1 
ATOM   136 C  CG  . ASP A 1 24 ? -7.452  4.664   -5.583  1.00 21.68 ? 251 ASP A CG  1 
ATOM   137 O  OD1 . ASP A 1 24 ? -7.759  5.583   -6.441  1.00 22.19 ? 251 ASP A OD1 1 
ATOM   138 O  OD2 . ASP A 1 24 ? -8.036  3.545   -5.552  1.00 21.99 ? 251 ASP A OD2 1 
ATOM   139 N  N   . LEU A 1 25 ? -3.884  5.965   -3.040  1.00 17.39 ? 252 LEU A N   1 
ATOM   140 C  CA  . LEU A 1 25 ? -3.172  6.264   -1.808  1.00 18.79 ? 252 LEU A CA  1 
ATOM   141 C  C   . LEU A 1 25 ? -2.764  7.728   -1.804  1.00 18.69 ? 252 LEU A C   1 
ATOM   142 O  O   . LEU A 1 25 ? -2.853  8.412   -0.776  1.00 17.60 ? 252 LEU A O   1 
ATOM   143 C  CB  . LEU A 1 25 ? -1.970  5.331   -1.625  1.00 19.41 ? 252 LEU A CB  1 
ATOM   144 C  CG  . LEU A 1 25 ? -1.300  5.340   -0.255  1.00 23.43 ? 252 LEU A CG  1 
ATOM   145 C  CD1 . LEU A 1 25 ? -2.258  4.824   0.813   1.00 26.91 ? 252 LEU A CD1 1 
ATOM   146 C  CD2 . LEU A 1 25 ? -0.110  4.430   -0.300  1.00 28.82 ? 252 LEU A CD2 1 
ATOM   147 N  N   . GLN A 1 26 ? -2.322  8.243   -2.958  1.00 18.50 ? 253 GLN A N   1 
ATOM   148 C  CA  . GLN A 1 26 ? -2.008  9.665   -3.034  1.00 20.00 ? 253 GLN A CA  1 
ATOM   149 C  C   . GLN A 1 26 ? -3.192  10.572  -2.657  1.00 18.94 ? 253 GLN A C   1 
ATOM   150 O  O   . GLN A 1 26 ? -3.031  11.517  -1.903  1.00 16.92 ? 253 GLN A O   1 
ATOM   151 C  CB  . GLN A 1 26 ? -1.534  10.049  -4.445  1.00 20.13 ? 253 GLN A CB  1 
ATOM   152 C  CG  . GLN A 1 26 ? -0.194  9.498   -4.824  1.00 25.43 ? 253 GLN A CG  1 
ATOM   153 C  CD  . GLN A 1 26 ? 0.191   9.995   -6.195  1.00 30.96 ? 253 GLN A CD  1 
ATOM   154 O  OE1 . GLN A 1 26 ? -0.449  9.638   -7.193  1.00 34.90 ? 253 GLN A OE1 1 
ATOM   155 N  NE2 . GLN A 1 26 ? 1.162   10.905  -6.244  1.00 33.16 ? 253 GLN A NE2 1 
ATOM   156 N  N   . LYS A 1 27 ? -4.377  10.282  -3.190  1.00 18.95 ? 254 LYS A N   1 
ATOM   157 C  CA  . LYS A 1 27 ? -5.550  11.089  -2.893  1.00 17.83 ? 254 LYS A CA  1 
ATOM   158 C  C   . LYS A 1 27 ? -5.839  11.052  -1.393  1.00 17.10 ? 254 LYS A C   1 
ATOM   159 O  O   . LYS A 1 27 ? -6.133  12.071  -0.772  1.00 17.98 ? 254 LYS A O   1 
ATOM   160 C  CB  . LYS A 1 27 ? -6.768  10.607  -3.668  1.00 19.56 ? 254 LYS A CB  1 
ATOM   161 C  CG  . LYS A 1 27 ? -6.718  10.648  -5.221  1.00 22.36 ? 254 LYS A CG  1 
ATOM   162 C  CD  . LYS A 1 27 ? -6.788  11.956  -5.779  1.00 29.23 ? 254 LYS A CD  1 
ATOM   163 C  CE  . LYS A 1 27 ? -6.833  11.859  -7.365  1.00 32.93 ? 254 LYS A CE  1 
ATOM   164 N  NZ  . LYS A 1 27 ? -6.147  10.574  -7.848  1.00 36.90 ? 254 LYS A NZ  1 
ATOM   165 N  N   . ALA A 1 28 ? -5.768  9.854   -0.815  1.00 16.38 ? 255 ALA A N   1 
ATOM   166 C  CA  . ALA A 1 28 ? -5.991  9.689   0.626   1.00 16.52 ? 255 ALA A CA  1 
ATOM   167 C  C   . ALA A 1 28 ? -5.026  10.552  1.443   1.00 16.32 ? 255 ALA A C   1 
ATOM   168 O  O   . ALA A 1 28 ? -5.431  11.208  2.417   1.00 17.67 ? 255 ALA A O   1 
ATOM   169 C  CB  . ALA A 1 28 ? -5.903  8.198   1.016   1.00 15.43 ? 255 ALA A CB  1 
ATOM   170 N  N   . VAL A 1 29 ? -3.725  10.524  1.093   1.00 16.05 ? 256 VAL A N   1 
ATOM   171 C  CA  . VAL A 1 29 ? -2.719  11.292  1.805   1.00 16.48 ? 256 VAL A CA  1 
ATOM   172 C  C   . VAL A 1 29 ? -2.919  12.786  1.626   1.00 17.51 ? 256 VAL A C   1 
ATOM   173 O  O   . VAL A 1 29 ? -2.643  13.604  2.535   1.00 18.23 ? 256 VAL A O   1 
ATOM   174 C  CB  . VAL A 1 29 ? -1.247  10.803  1.400   1.00 16.35 ? 256 VAL A CB  1 
ATOM   175 C  CG1 . VAL A 1 29 ? -0.186  11.780  1.922   1.00 17.30 ? 256 VAL A CG1 1 
ATOM   176 C  CG2 . VAL A 1 29 ? -1.041  9.363   1.922   1.00 17.87 ? 256 VAL A CG2 1 
ATOM   177 N  N   . GLN A 1 30 ? -3.434  13.162  0.464   1.00 17.95 ? 257 GLN A N   1 
ATOM   178 C  CA  . GLN A 1 30 ? -3.650  14.579  0.111   1.00 18.20 ? 257 GLN A CA  1 
ATOM   179 C  C   . GLN A 1 30 ? -4.827  15.257  0.805   1.00 17.60 ? 257 GLN A C   1 
ATOM   180 O  O   . GLN A 1 30 ? -4.943  16.467  0.786   1.00 17.70 ? 257 GLN A O   1 
ATOM   181 C  CB  . GLN A 1 30 ? -3.835  14.697  -1.378  1.00 18.49 ? 257 GLN A CB  1 
ATOM   182 C  CG  . GLN A 1 30 ? -2.537  14.556  -2.172  1.00 21.95 ? 257 GLN A CG  1 
ATOM   183 C  CD  . GLN A 1 30 ? -2.777  14.356  -3.675  1.00 27.52 ? 257 GLN A CD  1 
ATOM   184 O  OE1 . GLN A 1 30 ? -3.879  14.574  -4.196  1.00 27.53 ? 257 GLN A OE1 1 
ATOM   185 N  NE2 . GLN A 1 30 ? -1.733  13.921  -4.377  1.00 30.25 ? 257 GLN A NE2 1 
ATOM   186 N  N   . ILE A 1 31 ? -5.727  14.472  1.389   1.00 16.84 ? 258 ILE A N   1 
ATOM   187 C  CA  . ILE A 1 31 ? -6.814  15.029  2.175   1.00 15.48 ? 258 ILE A CA  1 
ATOM   188 C  C   . ILE A 1 31 ? -6.213  15.799  3.348   1.00 17.45 ? 258 ILE A C   1 
ATOM   189 O  O   . ILE A 1 31 ? -5.398  15.234  4.098   1.00 17.09 ? 258 ILE A O   1 
ATOM   190 C  CB  . ILE A 1 31 ? -7.759  13.913  2.681   1.00 15.76 ? 258 ILE A CB  1 
ATOM   191 C  CG1 . ILE A 1 31 ? -8.517  13.272  1.489   1.00 15.57 ? 258 ILE A CG1 1 
ATOM   192 C  CG2 . ILE A 1 31 ? -8.707  14.462  3.764   1.00 13.21 ? 258 ILE A CG2 1 
ATOM   193 C  CD1 . ILE A 1 31 ? -9.323  11.972  1.839   1.00 16.85 ? 258 ILE A CD1 1 
ATOM   194 N  N   . GLU A 1 32 ? -6.560  17.079  3.485   1.00 16.45 ? 259 GLU A N   1 
ATOM   195 C  CA  . GLU A 1 32 ? -5.971  17.959  4.479   1.00 18.06 ? 259 GLU A CA  1 
ATOM   196 C  C   . GLU A 1 32 ? -6.492  17.725  5.881   1.00 17.94 ? 259 GLU A C   1 
ATOM   197 O  O   . GLU A 1 32 ? -5.712  17.815  6.860   1.00 19.75 ? 259 GLU A O   1 
ATOM   198 C  CB  . GLU A 1 32 ? -6.098  19.433  4.079   1.00 18.75 ? 259 GLU A CB  1 
ATOM   199 C  CG  . GLU A 1 32 ? -5.274  19.668  2.829   1.00 25.68 ? 259 GLU A CG  1 
ATOM   200 C  CD  . GLU A 1 32 ? -4.886  21.103  2.626   1.00 33.17 ? 259 GLU A CD  1 
ATOM   201 O  OE1 . GLU A 1 32 ? -5.724  21.972  2.944   1.00 37.19 ? 259 GLU A OE1 1 
ATOM   202 O  OE2 . GLU A 1 32 ? -3.750  21.349  2.131   1.00 42.44 ? 259 GLU A OE2 1 
ATOM   203 N  N   . GLU A 1 33 ? -7.763  17.350  6.003   1.00 16.60 ? 260 GLU A N   1 
ATOM   204 C  CA  . GLU A 1 33 ? -8.351  17.063  7.310   1.00 16.32 ? 260 GLU A CA  1 
ATOM   205 C  C   . GLU A 1 33 ? -7.696  15.760  7.788   1.00 16.39 ? 260 GLU A C   1 
ATOM   206 O  O   . GLU A 1 33 ? -7.842  14.711  7.185   1.00 16.09 ? 260 GLU A O   1 
ATOM   207 C  CB  . GLU A 1 33 ? -9.866  16.956  7.201   1.00 16.86 ? 260 GLU A CB  1 
ATOM   208 C  CG  . GLU A 1 33 ? -10.607 17.069  8.508   1.00 19.47 ? 260 GLU A CG  1 
ATOM   209 C  CD  . GLU A 1 33 ? -10.394 15.843  9.396   1.00 21.97 ? 260 GLU A CD  1 
ATOM   210 O  OE1 . GLU A 1 33 ? -10.997 14.803  9.087   1.00 20.82 ? 260 GLU A OE1 1 
ATOM   211 O  OE2 . GLU A 1 33 ? -9.660  15.926  10.413  1.00 21.64 ? 260 GLU A OE2 1 
ATOM   212 N  N   . LYS A 1 34 ? -6.906  15.859  8.844   1.00 17.07 ? 261 LYS A N   1 
ATOM   213 C  CA  . LYS A 1 34 ? -5.959  14.770  9.167   1.00 18.21 ? 261 LYS A CA  1 
ATOM   214 C  C   . LYS A 1 34 ? -6.615  13.477  9.638   1.00 17.40 ? 261 LYS A C   1 
ATOM   215 O  O   . LYS A 1 34 ? -6.131  12.400  9.327   1.00 17.02 ? 261 LYS A O   1 
ATOM   216 C  CB  . LYS A 1 34 ? -4.985  15.259  10.219  1.00 19.92 ? 261 LYS A CB  1 
ATOM   217 C  CG  . LYS A 1 34 ? -3.951  16.259  9.640   1.00 24.00 ? 261 LYS A CG  1 
ATOM   218 C  CD  . LYS A 1 34 ? -3.156  16.865  10.747  1.00 31.03 ? 261 LYS A CD  1 
ATOM   219 C  CE  . LYS A 1 34 ? -2.299  18.068  10.258  1.00 34.24 ? 261 LYS A CE  1 
ATOM   220 N  NZ  . LYS A 1 34 ? -3.065  19.382  10.283  1.00 34.17 ? 261 LYS A NZ  1 
ATOM   221 N  N   . LYS A 1 35 ? -7.755  13.584  10.308  1.00 17.52 ? 262 LYS A N   1 
ATOM   222 C  CA  . LYS A 1 35 ? -8.487  12.366  10.720  1.00 18.28 ? 262 LYS A CA  1 
ATOM   223 C  C   . LYS A 1 35 ? -9.024  11.617  9.497   1.00 17.11 ? 262 LYS A C   1 
ATOM   224 O  O   . LYS A 1 35 ? -8.850  10.388  9.376   1.00 17.30 ? 262 LYS A O   1 
ATOM   225 C  CB  . LYS A 1 35 ? -9.665  12.707  11.662  1.00 19.15 ? 262 LYS A CB  1 
ATOM   226 C  CG  . LYS A 1 35 ? -9.364  13.379  12.976  1.00 23.21 ? 262 LYS A CG  1 
ATOM   227 C  CD  . LYS A 1 35 ? -10.656 13.579  13.873  1.00 23.37 ? 262 LYS A CD  1 
ATOM   228 C  CE  . LYS A 1 35 ? -11.793 14.517  13.274  1.00 24.53 ? 262 LYS A CE  1 
ATOM   229 N  NZ  . LYS A 1 35 ? -11.240 15.736  12.622  1.00 25.57 ? 262 LYS A NZ  1 
ATOM   230 N  N   . ALA A 1 36 ? -9.671  12.351  8.589   1.00 16.12 ? 263 ALA A N   1 
ATOM   231 C  CA  . ALA A 1 36 ? -10.214 11.754  7.386   1.00 16.22 ? 263 ALA A CA  1 
ATOM   232 C  C   . ALA A 1 36 ? -9.110  11.198  6.540   1.00 16.29 ? 263 ALA A C   1 
ATOM   233 O  O   . ALA A 1 36 ? -9.255  10.116  5.962   1.00 16.06 ? 263 ALA A O   1 
ATOM   234 C  CB  . ALA A 1 36 ? -11.081 12.724  6.573   1.00 15.95 ? 263 ALA A CB  1 
ATOM   235 N  N   . SER A 1 37 ? -7.985  11.913  6.461   1.00 15.64 ? 264 SER A N   1 
ATOM   236 C  CA  . SER A 1 37 ? -6.833  11.380  5.708   1.00 15.38 ? 264 SER A CA  1 
ATOM   237 C  C   . SER A 1 37 ? -6.316  10.059  6.290   1.00 15.32 ? 264 SER A C   1 
ATOM   238 O  O   . SER A 1 37 ? -6.015  9.112   5.582   1.00 15.47 ? 264 SER A O   1 
ATOM   239 C  CB  . SER A 1 37 ? -5.688  12.417  5.707   1.00 15.77 ? 264 SER A CB  1 
ATOM   240 O  OG  . SER A 1 37 ? -4.626  11.953  4.907   1.00 16.71 ? 264 SER A OG  1 
ATOM   241 N  N   . GLU A 1 38 ? -6.224  9.998   7.595   1.00 15.75 ? 265 GLU A N   1 
ATOM   242 C  CA  . GLU A 1 38 ? -5.773  8.786   8.268   1.00 16.28 ? 265 GLU A CA  1 
ATOM   243 C  C   . GLU A 1 38 ? -6.735  7.646   7.983   1.00 17.53 ? 265 GLU A C   1 
ATOM   244 O  O   . GLU A 1 38 ? -6.282  6.547   7.617   1.00 17.81 ? 265 GLU A O   1 
ATOM   245 C  CB  . GLU A 1 38 ? -5.718  9.029   9.752   1.00 17.57 ? 265 GLU A CB  1 
ATOM   246 C  CG  . GLU A 1 38 ? -5.096  7.956   10.520  1.00 20.96 ? 265 GLU A CG  1 
ATOM   247 C  CD  . GLU A 1 38 ? -3.604  7.778   10.300  1.00 26.17 ? 265 GLU A CD  1 
ATOM   248 O  OE1 . GLU A 1 38 ? -2.853  8.692   9.914   1.00 24.96 ? 265 GLU A OE1 1 
ATOM   249 O  OE2 . GLU A 1 38 ? -3.187  6.696   10.643  1.00 29.70 ? 265 GLU A OE2 1 
ATOM   250 N  N   . ILE A 1 39 ? -8.034  7.904   8.104   1.00 16.27 ? 266 ILE A N   1 
ATOM   251 C  CA  . ILE A 1 39 ? -9.065  6.884   7.816   1.00 17.32 ? 266 ILE A CA  1 
ATOM   252 C  C   . ILE A 1 39 ? -8.990  6.401   6.361   1.00 16.86 ? 266 ILE A C   1 
ATOM   253 O  O   . ILE A 1 39 ? -9.057  5.171   6.084   1.00 17.26 ? 266 ILE A O   1 
ATOM   254 C  CB  . ILE A 1 39 ? -10.491 7.459   8.180   1.00 18.32 ? 266 ILE A CB  1 
ATOM   255 C  CG1 . ILE A 1 39 ? -10.614 7.575   9.699   1.00 21.85 ? 266 ILE A CG1 1 
ATOM   256 C  CG2 . ILE A 1 39 ? -11.632 6.643   7.498   1.00 20.02 ? 266 ILE A CG2 1 
ATOM   257 C  CD1 . ILE A 1 39 ? -11.757 8.512   10.160  1.00 22.46 ? 266 ILE A CD1 1 
ATOM   258 N  N   . ALA A 1 40 ? -8.830  7.354   5.446   1.00 15.95 ? 267 ALA A N   1 
ATOM   259 C  CA  . ALA A 1 40 ? -8.800  7.070   4.004   1.00 15.87 ? 267 ALA A CA  1 
ATOM   260 C  C   . ALA A 1 40 ? -7.549  6.250   3.663   1.00 16.21 ? 267 ALA A C   1 
ATOM   261 O  O   . ALA A 1 40 ? -7.609  5.275   2.909   1.00 16.75 ? 267 ALA A O   1 
ATOM   262 C  CB  . ALA A 1 40 ? -8.849  8.354   3.196   1.00 14.68 ? 267 ALA A CB  1 
ATOM   263 N  N   . THR A 1 41 ? -6.412  6.623   4.230   1.00 16.40 ? 268 THR A N   1 
ATOM   264 C  CA  . THR A 1 41 ? -5.151  5.942   3.927   1.00 17.29 ? 268 THR A CA  1 
ATOM   265 C  C   . THR A 1 41 ? -5.210  4.523   4.455   1.00 17.66 ? 268 THR A C   1 
ATOM   266 O  O   . THR A 1 41 ? -4.851  3.544   3.762   1.00 17.50 ? 268 THR A O   1 
ATOM   267 C  CB  . THR A 1 41 ? -3.920  6.739   4.553   1.00 18.96 ? 268 THR A CB  1 
ATOM   268 O  OG1 . THR A 1 41 ? -3.868  8.072   3.947   1.00 19.89 ? 268 THR A OG1 1 
ATOM   269 C  CG2 . THR A 1 41 ? -2.647  6.063   4.163   1.00 23.05 ? 268 THR A CG2 1 
ATOM   270 N  N   . GLU A 1 42 ? -5.741  4.370   5.644   1.00 17.35 ? 269 GLU A N   1 
ATOM   271 C  CA  . GLU A 1 42 ? -5.861  3.051   6.208   1.00 19.06 ? 269 GLU A CA  1 
ATOM   272 C  C   . GLU A 1 42 ? -6.819  2.180   5.389   1.00 17.21 ? 269 GLU A C   1 
ATOM   273 O  O   . GLU A 1 42 ? -6.559  0.946   5.247   1.00 16.22 ? 269 GLU A O   1 
ATOM   274 C  CB  . GLU A 1 42 ? -6.227  3.125   7.684   1.00 20.33 ? 269 GLU A CB  1 
ATOM   275 C  CG  . GLU A 1 42 ? -5.029  3.687   8.581   1.00 28.26 ? 269 GLU A CG  1 
ATOM   276 C  CD  . GLU A 1 42 ? -3.680  2.931   8.298   1.00 36.79 ? 269 GLU A CD  1 
ATOM   277 O  OE1 . GLU A 1 42 ? -3.753  1.694   8.440   1.00 37.29 ? 269 GLU A OE1 1 
ATOM   278 O  OE2 . GLU A 1 42 ? -2.616  3.526   7.835   1.00 37.32 ? 269 GLU A OE2 1 
ATOM   279 N  N   . ALA A 1 43 ? -7.891  2.776   4.874   1.00 16.89 ? 270 ALA A N   1 
ATOM   280 C  CA  . ALA A 1 43 ? -8.853  2.022   4.048   1.00 16.52 ? 270 ALA A CA  1 
ATOM   281 C  C   . ALA A 1 43 ? -8.218  1.488   2.749   1.00 16.90 ? 270 ALA A C   1 
ATOM   282 O  O   . ALA A 1 43 ? -8.482  0.336   2.327   1.00 17.13 ? 270 ALA A O   1 
ATOM   283 C  CB  . ALA A 1 43 ? -10.110 2.869   3.722   1.00 17.54 ? 270 ALA A CB  1 
ATOM   284 N  N   . VAL A 1 44 ? -7.395  2.308   2.121   1.00 17.18 ? 271 VAL A N   1 
ATOM   285 C  CA  . VAL A 1 44 ? -6.666  1.890   0.920   1.00 16.75 ? 271 VAL A CA  1 
ATOM   286 C  C   . VAL A 1 44 ? -5.721  0.747   1.272   1.00 16.79 ? 271 VAL A C   1 
ATOM   287 O  O   . VAL A 1 44 ? -5.744  -0.307  0.592   1.00 17.06 ? 271 VAL A O   1 
ATOM   288 C  CB  . VAL A 1 44 ? -5.971  3.077   0.239   1.00 16.64 ? 271 VAL A CB  1 
ATOM   289 C  CG1 . VAL A 1 44 ? -5.082  2.557   -0.932  1.00 17.41 ? 271 VAL A CG1 1 
ATOM   290 C  CG2 . VAL A 1 44 ? -7.011  4.101   -0.239  1.00 16.58 ? 271 VAL A CG2 1 
ATOM   291 N  N   . LYS A 1 45 ? -4.941  0.910   2.349   1.00 17.99 ? 272 LYS A N   1 
ATOM   292 C  CA  . LYS A 1 45 ? -4.016  -0.139  2.764   1.00 17.97 ? 272 LYS A CA  1 
ATOM   293 C  C   . LYS A 1 45 ? -4.719  -1.442  3.096   1.00 18.22 ? 272 LYS A C   1 
ATOM   294 O  O   . LYS A 1 45 ? -4.260  -2.521  2.731   1.00 17.36 ? 272 LYS A O   1 
ATOM   295 C  CB  . LYS A 1 45 ? -3.157  0.309   3.933   1.00 17.68 ? 272 LYS A CB  1 
ATOM   296 C  CG  . LYS A 1 45 ? -2.218  1.418   3.586   1.00 18.50 ? 272 LYS A CG  1 
ATOM   297 C  CD  . LYS A 1 45 ? -1.356  1.627   4.875   1.00 22.28 ? 272 LYS A CD  1 
ATOM   298 C  CE  . LYS A 1 45 ? -0.584  2.862   4.899   1.00 25.76 ? 272 LYS A CE  1 
ATOM   299 N  NZ  . LYS A 1 45 ? -0.011  3.009   6.317   1.00 21.80 ? 272 LYS A NZ  1 
ATOM   300 N  N   A GLU A 1 46 ? -5.839  -1.347  3.799   0.70 18.92 ? 273 GLU A N   1 
ATOM   301 N  N   B GLU A 1 46 ? -5.840  -1.340  3.803   0.30 17.92 ? 273 GLU A N   1 
ATOM   302 C  CA  A GLU A 1 46 ? -6.581  -2.535  4.188   0.70 19.58 ? 273 GLU A CA  1 
ATOM   303 C  CA  B GLU A 1 46 ? -6.584  -2.521  4.199   0.30 17.76 ? 273 GLU A CA  1 
ATOM   304 C  C   A GLU A 1 46 ? -7.129  -3.297  2.993   0.70 18.37 ? 273 GLU A C   1 
ATOM   305 C  C   B GLU A 1 46 ? -7.128  -3.294  3.001   0.30 17.52 ? 273 GLU A C   1 
ATOM   306 O  O   A GLU A 1 46 ? -7.096  -4.518  2.975   0.70 17.24 ? 273 GLU A O   1 
ATOM   307 O  O   B GLU A 1 46 ? -7.113  -4.522  2.998   0.30 17.05 ? 273 GLU A O   1 
ATOM   308 C  CB  A GLU A 1 46 ? -7.717  -2.175  5.148   0.70 21.12 ? 273 GLU A CB  1 
ATOM   309 C  CB  B GLU A 1 46 ? -7.743  -2.162  5.124   0.30 18.24 ? 273 GLU A CB  1 
ATOM   310 C  CG  A GLU A 1 46 ? -7.192  -1.910  6.540   0.70 27.93 ? 273 GLU A CG  1 
ATOM   311 C  CG  B GLU A 1 46 ? -8.623  -3.360  5.375   0.30 18.66 ? 273 GLU A CG  1 
ATOM   312 C  CD  A GLU A 1 46 ? -8.268  -1.554  7.554   0.70 35.37 ? 273 GLU A CD  1 
ATOM   313 C  CD  B GLU A 1 46 ? -9.558  -3.192  6.527   0.30 23.98 ? 273 GLU A CD  1 
ATOM   314 O  OE1 A GLU A 1 46 ? -7.889  -1.132  8.678   0.70 39.96 ? 273 GLU A OE1 1 
ATOM   315 O  OE1 B GLU A 1 46 ? -9.078  -3.034  7.676   0.30 27.52 ? 273 GLU A OE1 1 
ATOM   316 O  OE2 A GLU A 1 46 ? -9.479  -1.700  7.220   0.70 37.57 ? 273 GLU A OE2 1 
ATOM   317 O  OE2 B GLU A 1 46 ? -10.778 -3.271  6.287   0.30 22.73 ? 273 GLU A OE2 1 
ATOM   318 N  N   . HIS A 1 47 ? -7.616  -2.573  1.995   1.00 17.09 ? 274 HIS A N   1 
ATOM   319 C  CA  . HIS A 1 47 ? -8.101  -3.194  0.769   1.00 17.22 ? 274 HIS A CA  1 
ATOM   320 C  C   . HIS A 1 47 ? -6.989  -3.958  0.052   1.00 16.52 ? 274 HIS A C   1 
ATOM   321 O  O   . HIS A 1 47 ? -7.156  -5.097  -0.342  1.00 16.40 ? 274 HIS A O   1 
ATOM   322 C  CB  . HIS A 1 47 ? -8.661  -2.150  -0.191  1.00 17.95 ? 274 HIS A CB  1 
ATOM   323 C  CG  . HIS A 1 47 ? -8.886  -2.702  -1.574  1.00 18.17 ? 274 HIS A CG  1 
ATOM   324 N  ND1 . HIS A 1 47 ? -10.040 -3.371  -1.924  1.00 20.70 ? 274 HIS A ND1 1 
ATOM   325 C  CD2 . HIS A 1 47 ? -8.083  -2.718  -2.663  1.00 21.27 ? 274 HIS A CD2 1 
ATOM   326 C  CE1 . HIS A 1 47 ? -9.940  -3.743  -3.192  1.00 21.73 ? 274 HIS A CE1 1 
ATOM   327 N  NE2 . HIS A 1 47 ? -8.766  -3.364  -3.658  1.00 19.86 ? 274 HIS A NE2 1 
ATOM   328 N  N   . VAL A 1 48 ? -5.857  -3.301  -0.119  1.00 15.14 ? 275 VAL A N   1 
ATOM   329 C  CA  . VAL A 1 48 ? -4.726  -3.906  -0.849  1.00 16.31 ? 275 VAL A CA  1 
ATOM   330 C  C   . VAL A 1 48 ? -4.254  -5.160  -0.076  1.00 16.15 ? 275 VAL A C   1 
ATOM   331 O  O   . VAL A 1 48 ? -4.047  -6.238  -0.668  1.00 15.62 ? 275 VAL A O   1 
ATOM   332 C  CB  . VAL A 1 48 ? -3.561  -2.908  -1.087  1.00 16.33 ? 275 VAL A CB  1 
ATOM   333 C  CG1 . VAL A 1 48 ? -2.319  -3.634  -1.719  1.00 15.97 ? 275 VAL A CG1 1 
ATOM   334 C  CG2 . VAL A 1 48 ? -4.045  -1.698  -1.935  1.00 16.38 ? 275 VAL A CG2 1 
ATOM   335 N  N   . THR A 1 49 ? -4.124  -5.038  1.238   1.00 16.58 ? 276 THR A N   1 
ATOM   336 C  CA  . THR A 1 49 ? -3.687  -6.162  2.062   1.00 16.83 ? 276 THR A CA  1 
ATOM   337 C  C   . THR A 1 49 ? -4.644  -7.358  1.934   1.00 16.84 ? 276 THR A C   1 
ATOM   338 O  O   . THR A 1 49 ? -4.237  -8.482  1.701   1.00 16.73 ? 276 THR A O   1 
ATOM   339 C  CB  . THR A 1 49 ? -3.564  -5.725  3.541   1.00 17.73 ? 276 THR A CB  1 
ATOM   340 O  OG1 . THR A 1 49 ? -2.652  -4.619  3.637   1.00 18.66 ? 276 THR A OG1 1 
ATOM   341 C  CG2 . THR A 1 49 ? -3.130  -6.912  4.478   1.00 17.91 ? 276 THR A CG2 1 
ATOM   342 N  N   . ALA A 1 50 ? -5.936  -7.083  1.983   1.00 16.07 ? 277 ALA A N   1 
ATOM   343 C  CA  . ALA A 1 50 ? -6.943  -8.112  1.846   1.00 16.20 ? 277 ALA A CA  1 
ATOM   344 C  C   . ALA A 1 50 ? -6.964  -8.761  0.471   1.00 16.64 ? 277 ALA A C   1 
ATOM   345 O  O   . ALA A 1 50 ? -7.128  -9.983  0.382   1.00 17.78 ? 277 ALA A O   1 
ATOM   346 C  CB  . ALA A 1 50 ? -8.340  -7.551  2.251   1.00 16.44 ? 277 ALA A CB  1 
ATOM   347 N  N   . GLU A 1 51 ? -6.760  -7.983  -0.589  1.00 16.96 ? 278 GLU A N   1 
ATOM   348 C  CA  . GLU A 1 51 ? -6.700  -8.490  -1.959  1.00 18.57 ? 278 GLU A CA  1 
ATOM   349 C  C   . GLU A 1 51 ? -5.581  -9.523  -2.070  1.00 17.66 ? 278 GLU A C   1 
ATOM   350 O  O   . GLU A 1 51 ? -5.784  -10.649 -2.579  1.00 17.22 ? 278 GLU A O   1 
ATOM   351 C  CB  . GLU A 1 51 ? -6.490  -7.343  -2.978  1.00 20.07 ? 278 GLU A CB  1 
ATOM   352 C  CG  . GLU A 1 51 ? -6.367  -7.793  -4.436  1.00 27.19 ? 278 GLU A CG  1 
ATOM   353 C  CD  . GLU A 1 51 ? -5.817  -6.737  -5.454  1.00 35.62 ? 278 GLU A CD  1 
ATOM   354 O  OE1 . GLU A 1 51 ? -5.993  -5.536  -5.301  1.00 39.06 ? 278 GLU A OE1 1 
ATOM   355 O  OE2 . GLU A 1 51 ? -5.166  -7.148  -6.452  1.00 45.57 ? 278 GLU A OE2 1 
ATOM   356 N  N   . TYR A 1 52 ? -4.383  -9.160  -1.599  1.00 17.66 ? 279 TYR A N   1 
ATOM   357 C  CA  . TYR A 1 52 ? -3.229  -10.046 -1.640  1.00 18.15 ? 279 TYR A CA  1 
ATOM   358 C  C   . TYR A 1 52 ? -3.317  -11.264 -0.691  1.00 18.34 ? 279 TYR A C   1 
ATOM   359 O  O   . TYR A 1 52 ? -2.943  -12.399 -1.054  1.00 19.30 ? 279 TYR A O   1 
ATOM   360 C  CB  . TYR A 1 52 ? -1.952  -9.234  -1.449  1.00 18.81 ? 279 TYR A CB  1 
ATOM   361 C  CG  . TYR A 1 52 ? -1.638  -8.565  -2.742  1.00 20.00 ? 279 TYR A CG  1 
ATOM   362 C  CD1 . TYR A 1 52 ? -2.251  -7.366  -3.099  1.00 21.96 ? 279 TYR A CD1 1 
ATOM   363 C  CD2 . TYR A 1 52 ? -0.784  -9.160  -3.661  1.00 21.29 ? 279 TYR A CD2 1 
ATOM   364 C  CE1 . TYR A 1 52 ? -2.049  -6.798  -4.314  1.00 22.91 ? 279 TYR A CE1 1 
ATOM   365 C  CE2 . TYR A 1 52 ? -0.572  -8.585  -4.882  1.00 21.49 ? 279 TYR A CE2 1 
ATOM   366 C  CZ  . TYR A 1 52 ? -1.192  -7.407  -5.214  1.00 23.91 ? 279 TYR A CZ  1 
ATOM   367 O  OH  . TYR A 1 52 ? -0.990  -6.801  -6.445  1.00 22.96 ? 279 TYR A OH  1 
ATOM   368 N  N   . GLU A 1 53 ? -3.871  -11.044 0.495   1.00 18.21 ? 280 GLU A N   1 
ATOM   369 C  CA  . GLU A 1 53 ? -4.124  -12.139 1.414   1.00 19.53 ? 280 GLU A CA  1 
ATOM   370 C  C   . GLU A 1 53 ? -5.056  -13.182 0.778   1.00 19.64 ? 280 GLU A C   1 
ATOM   371 O  O   . GLU A 1 53 ? -4.774  -14.360 0.813   1.00 20.33 ? 280 GLU A O   1 
ATOM   372 C  CB  . GLU A 1 53 ? -4.690  -11.602 2.730   1.00 18.82 ? 280 GLU A CB  1 
ATOM   373 C  CG  . GLU A 1 53 ? -5.077  -12.685 3.709   1.00 23.40 ? 280 GLU A CG  1 
ATOM   374 C  CD  . GLU A 1 53 ? -3.924  -13.561 4.132   1.00 24.95 ? 280 GLU A CD  1 
ATOM   375 O  OE1 . GLU A 1 53 ? -2.855  -13.006 4.454   1.00 26.20 ? 280 GLU A OE1 1 
ATOM   376 O  OE2 . GLU A 1 53 ? -4.111  -14.803 4.159   1.00 28.49 ? 280 GLU A OE2 1 
ATOM   377 N  N   . GLU A 1 54 ? -6.133  -12.736 0.153   1.00 20.74 ? 281 GLU A N   1 
ATOM   378 C  CA  . GLU A 1 54 ? -7.064  -13.634 -0.535  1.00 21.46 ? 281 GLU A CA  1 
ATOM   379 C  C   . GLU A 1 54 ? -6.363  -14.345 -1.670  1.00 22.83 ? 281 GLU A C   1 
ATOM   380 O  O   . GLU A 1 54 ? -6.489  -15.565 -1.818  1.00 22.09 ? 281 GLU A O   1 
ATOM   381 C  CB  . GLU A 1 54 ? -8.313  -12.870 -1.046  1.00 21.26 ? 281 GLU A CB  1 
ATOM   382 C  CG  . GLU A 1 54 ? -9.247  -13.698 -1.936  1.00 24.34 ? 281 GLU A CG  1 
ATOM   383 C  CD  . GLU A 1 54 ? -10.612 -13.048 -2.233  1.00 24.73 ? 281 GLU A CD  1 
ATOM   384 O  OE1 . GLU A 1 54 ? -10.792 -11.856 -1.928  1.00 26.03 ? 281 GLU A OE1 1 
ATOM   385 O  OE2 . GLU A 1 54 ? -11.500 -13.778 -2.750  1.00 28.75 ? 281 GLU A OE2 1 
ATOM   386 N  N   . ARG A 1 55 ? -5.606  -13.606 -2.477  1.00 24.24 ? 282 ARG A N   1 
ATOM   387 C  CA  . ARG A 1 55 ? -4.957  -14.190 -3.663  1.00 26.14 ? 282 ARG A CA  1 
ATOM   388 C  C   . ARG A 1 55 ? -3.898  -15.221 -3.279  1.00 25.67 ? 282 ARG A C   1 
ATOM   389 O  O   . ARG A 1 55 ? -3.839  -16.287 -3.892  1.00 25.90 ? 282 ARG A O   1 
ATOM   390 C  CB  . ARG A 1 55 ? -4.389  -13.081 -4.556  1.00 26.75 ? 282 ARG A CB  1 
ATOM   391 C  CG  . ARG A 1 55 ? -3.788  -13.538 -5.914  1.00 31.77 ? 282 ARG A CG  1 
ATOM   392 C  CD  . ARG A 1 55 ? -3.288  -12.279 -6.701  1.00 36.53 ? 282 ARG A CD  1 
ATOM   393 N  NE  . ARG A 1 55 ? -4.431  -11.434 -7.062  1.00 41.71 ? 282 ARG A NE  1 
ATOM   394 C  CZ  . ARG A 1 55 ? -4.436  -10.102 -7.171  1.00 44.80 ? 282 ARG A CZ  1 
ATOM   395 N  NH1 . ARG A 1 55 ? -3.348  -9.385  -6.957  1.00 47.58 ? 282 ARG A NH1 1 
ATOM   396 N  NH2 . ARG A 1 55 ? -5.566  -9.475  -7.492  1.00 45.69 ? 282 ARG A NH2 1 
ATOM   397 N  N   . TYR A 1 56 ? -3.122  -14.955 -2.230  1.00 25.74 ? 283 TYR A N   1 
ATOM   398 C  CA  . TYR A 1 56 ? -1.949  -15.784 -1.874  1.00 25.81 ? 283 TYR A CA  1 
ATOM   399 C  C   . TYR A 1 56 ? -2.072  -16.533 -0.545  1.00 25.72 ? 283 TYR A C   1 
ATOM   400 O  O   . TYR A 1 56 ? -1.069  -16.953 0.031   1.00 25.14 ? 283 TYR A O   1 
ATOM   401 C  CB  . TYR A 1 56 ? -0.702  -14.875 -1.870  1.00 25.00 ? 283 TYR A CB  1 
ATOM   402 C  CG  . TYR A 1 56 ? -0.426  -14.342 -3.248  1.00 27.55 ? 283 TYR A CG  1 
ATOM   403 C  CD1 . TYR A 1 56 ? -0.013  -15.207 -4.272  1.00 30.08 ? 283 TYR A CD1 1 
ATOM   404 C  CD2 . TYR A 1 56 ? -0.567  -12.991 -3.551  1.00 29.49 ? 283 TYR A CD2 1 
ATOM   405 C  CE1 . TYR A 1 56 ? 0.228   -14.742 -5.556  1.00 32.42 ? 283 TYR A CE1 1 
ATOM   406 C  CE2 . TYR A 1 56 ? -0.326  -12.513 -4.841  1.00 31.48 ? 283 TYR A CE2 1 
ATOM   407 C  CZ  . TYR A 1 56 ? 0.086   -13.392 -5.838  1.00 34.61 ? 283 TYR A CZ  1 
ATOM   408 O  OH  . TYR A 1 56 ? 0.318   -12.924 -7.118  1.00 36.89 ? 283 TYR A OH  1 
ATOM   409 N  N   . ALA A 1 57 ? -3.300  -16.730 -0.067  1.00 25.82 ? 284 ALA A N   1 
ATOM   410 C  CA  . ALA A 1 57 ? -3.534  -17.349 1.256   1.00 26.39 ? 284 ALA A CA  1 
ATOM   411 C  C   . ALA A 1 57 ? -2.880  -18.729 1.396   1.00 27.17 ? 284 ALA A C   1 
ATOM   412 O  O   . ALA A 1 57 ? -2.360  -19.078 2.448   1.00 27.65 ? 284 ALA A O   1 
ATOM   413 C  CB  . ALA A 1 57 ? -5.054  -17.455 1.559   1.00 25.87 ? 284 ALA A CB  1 
ATOM   414 N  N   . GLU A 1 58 ? -2.903  -19.508 0.337   1.00 27.49 ? 285 GLU A N   1 
ATOM   415 C  CA  . GLU A 1 58 ? -2.323  -20.859 0.396   1.00 28.82 ? 285 GLU A CA  1 
ATOM   416 C  C   . GLU A 1 58 ? -0.946  -20.974 -0.283  1.00 28.54 ? 285 GLU A C   1 
ATOM   417 O  O   . GLU A 1 58 ? -0.359  -22.063 -0.339  1.00 28.68 ? 285 GLU A O   1 
ATOM   418 C  CB  . GLU A 1 58 ? -3.319  -21.859 -0.202  1.00 29.46 ? 285 GLU A CB  1 
ATOM   419 C  CG  . GLU A 1 58 ? -4.753  -21.739 0.356   1.00 32.50 ? 285 GLU A CG  1 
ATOM   420 C  CD  . GLU A 1 58 ? -5.583  -23.000 0.141   1.00 37.66 ? 285 GLU A CD  1 
ATOM   421 O  OE1 . GLU A 1 58 ? -5.116  -23.947 -0.548  1.00 41.93 ? 285 GLU A OE1 1 
ATOM   422 O  OE2 . GLU A 1 58 ? -6.708  -23.064 0.687   1.00 42.75 ? 285 GLU A OE2 1 
ATOM   423 N  N   . HIS A 1 59 ? -0.413  -19.870 -0.794  1.00 28.15 ? 286 HIS A N   1 
ATOM   424 C  CA  . HIS A 1 59 ? 0.869   -19.899 -1.498  1.00 27.99 ? 286 HIS A CA  1 
ATOM   425 C  C   . HIS A 1 59 ? 1.999   -20.200 -0.505  1.00 27.96 ? 286 HIS A C   1 
ATOM   426 O  O   . HIS A 1 59 ? 1.909   -19.833 0.671   1.00 27.48 ? 286 HIS A O   1 
ATOM   427 C  CB  . HIS A 1 59 ? 1.086   -18.551 -2.169  1.00 28.37 ? 286 HIS A CB  1 
ATOM   428 C  CG  . HIS A 1 59 ? 2.092   -18.556 -3.271  1.00 29.08 ? 286 HIS A CG  1 
ATOM   429 N  ND1 . HIS A 1 59 ? 3.452   -18.649 -3.044  1.00 28.04 ? 286 HIS A ND1 1 
ATOM   430 C  CD2 . HIS A 1 59 ? 1.938   -18.418 -4.612  1.00 30.06 ? 286 HIS A CD2 1 
ATOM   431 C  CE1 . HIS A 1 59 ? 4.089   -18.567 -4.201  1.00 29.46 ? 286 HIS A CE1 1 
ATOM   432 N  NE2 . HIS A 1 59 ? 3.196   -18.425 -5.166  1.00 28.91 ? 286 HIS A NE2 1 
ATOM   433 N  N   . GLU A 1 60 ? 3.041   -20.894 -0.974  1.00 27.68 ? 287 GLU A N   1 
ATOM   434 C  CA  . GLU A 1 60 ? 4.179   -21.264 -0.141  1.00 27.51 ? 287 GLU A CA  1 
ATOM   435 C  C   . GLU A 1 60 ? 4.959   -20.037 0.323   1.00 28.15 ? 287 GLU A C   1 
ATOM   436 O  O   . GLU A 1 60 ? 5.510   -20.017 1.424   1.00 28.43 ? 287 GLU A O   1 
ATOM   437 C  CB  . GLU A 1 60 ? 5.108   -22.235 -0.905  1.00 27.73 ? 287 GLU A CB  1 
ATOM   438 N  N   . GLU A 1 61 ? 4.969   -18.984 -0.483  1.00 28.16 ? 288 GLU A N   1 
ATOM   439 C  CA  . GLU A 1 61 ? 5.696   -17.775 -0.111  1.00 28.85 ? 288 GLU A CA  1 
ATOM   440 C  C   . GLU A 1 61 ? 4.782   -16.696 0.497   1.00 28.17 ? 288 GLU A C   1 
ATOM   441 O  O   . GLU A 1 61 ? 5.160   -15.534 0.574   1.00 27.78 ? 288 GLU A O   1 
ATOM   442 C  CB  . GLU A 1 61 ? 6.444   -17.238 -1.329  1.00 29.25 ? 288 GLU A CB  1 
ATOM   443 C  CG  . GLU A 1 61 ? 7.548   -18.177 -1.834  1.00 31.71 ? 288 GLU A CG  1 
ATOM   444 C  CD  . GLU A 1 61 ? 8.156   -17.678 -3.131  1.00 35.39 ? 288 GLU A CD  1 
ATOM   445 O  OE1 . GLU A 1 61 ? 8.571   -16.501 -3.186  1.00 36.51 ? 288 GLU A OE1 1 
ATOM   446 O  OE2 . GLU A 1 61 ? 8.206   -18.463 -4.106  1.00 40.05 ? 288 GLU A OE2 1 
ATOM   447 N  N   . HIS A 1 62 ? 3.626   -17.117 1.000   1.00 28.41 ? 289 HIS A N   1 
ATOM   448 C  CA  . HIS A 1 62 ? 2.639   -16.215 1.588   1.00 28.11 ? 289 HIS A CA  1 
ATOM   449 C  C   . HIS A 1 62 ? 3.253   -15.222 2.560   1.00 28.81 ? 289 HIS A C   1 
ATOM   450 O  O   . HIS A 1 62 ? 3.002   -14.018 2.448   1.00 28.14 ? 289 HIS A O   1 
ATOM   451 C  CB  . HIS A 1 62 ? 1.539   -17.008 2.292   1.00 28.84 ? 289 HIS A CB  1 
ATOM   452 C  CG  . HIS A 1 62 ? 0.613   -16.164 3.114   1.00 28.60 ? 289 HIS A CG  1 
ATOM   453 N  ND1 . HIS A 1 62 ? 0.902   -15.808 4.412   1.00 28.71 ? 289 HIS A ND1 1 
ATOM   454 C  CD2 . HIS A 1 62 ? -0.576  -15.585 2.815   1.00 28.52 ? 289 HIS A CD2 1 
ATOM   455 C  CE1 . HIS A 1 62 ? -0.065  -15.039 4.877   1.00 30.02 ? 289 HIS A CE1 1 
ATOM   456 N  NE2 . HIS A 1 62 ? -0.975  -14.890 3.928   1.00 29.57 ? 289 HIS A NE2 1 
ATOM   457 N  N   . ASP A 1 63 ? 4.033   -15.694 3.524   1.00 28.55 ? 290 ASP A N   1 
ATOM   458 C  CA  . ASP A 1 63 ? 4.521   -14.770 4.546   1.00 29.18 ? 290 ASP A CA  1 
ATOM   459 C  C   . ASP A 1 63 ? 5.427   -13.696 3.958   1.00 28.62 ? 290 ASP A C   1 
ATOM   460 O  O   . ASP A 1 63 ? 5.328   -12.519 4.324   1.00 28.10 ? 290 ASP A O   1 
ATOM   461 C  CB  . ASP A 1 63 ? 5.247   -15.501 5.656   1.00 29.28 ? 290 ASP A CB  1 
ATOM   462 C  CG  . ASP A 1 63 ? 4.334   -16.414 6.445   1.00 31.60 ? 290 ASP A CG  1 
ATOM   463 O  OD1 . ASP A 1 63 ? 3.105   -16.338 6.271   1.00 32.88 ? 290 ASP A OD1 1 
ATOM   464 O  OD2 . ASP A 1 63 ? 4.860   -17.228 7.241   1.00 33.06 ? 290 ASP A OD2 1 
ATOM   465 N  N   . ARG A 1 64 ? 6.310   -14.116 3.050   1.00 28.47 ? 291 ARG A N   1 
ATOM   466 C  CA  . ARG A 1 64 ? 7.210   -13.193 2.385   1.00 28.12 ? 291 ARG A CA  1 
ATOM   467 C  C   . ARG A 1 64 ? 6.443   -12.168 1.534   1.00 26.89 ? 291 ARG A C   1 
ATOM   468 O  O   . ARG A 1 64 ? 6.739   -10.985 1.572   1.00 26.69 ? 291 ARG A O   1 
ATOM   469 C  CB  . ARG A 1 64 ? 8.193   -13.969 1.517   1.00 29.27 ? 291 ARG A CB  1 
ATOM   470 C  CG  . ARG A 1 64 ? 9.360   -13.139 1.024   1.00 32.47 ? 291 ARG A CG  1 
ATOM   471 C  CD  . ARG A 1 64 ? 9.012   -12.377 -0.245  1.00 35.87 ? 291 ARG A CD  1 
ATOM   472 N  NE  . ARG A 1 64 ? 8.756   -13.284 -1.368  1.00 38.80 ? 291 ARG A NE  1 
ATOM   473 C  CZ  . ARG A 1 64 ? 8.039   -12.988 -2.458  1.00 39.47 ? 291 ARG A CZ  1 
ATOM   474 N  NH1 . ARG A 1 64 ? 7.455   -11.790 -2.604  1.00 38.26 ? 291 ARG A NH1 1 
ATOM   475 N  NH2 . ARG A 1 64 ? 7.906   -13.915 -3.412  1.00 40.24 ? 291 ARG A NH2 1 
ATOM   476 N  N   . ILE A 1 65 ? 5.481   -12.653 0.763   1.00 25.34 ? 292 ILE A N   1 
ATOM   477 C  CA  . ILE A 1 65 ? 4.604   -11.804 -0.038  1.00 25.08 ? 292 ILE A CA  1 
ATOM   478 C  C   . ILE A 1 65 ? 3.907   -10.768 0.845   1.00 23.68 ? 292 ILE A C   1 
ATOM   479 O  O   . ILE A 1 65 ? 3.881   -9.591  0.517   1.00 23.53 ? 292 ILE A O   1 
ATOM   480 C  CB  . ILE A 1 65 ? 3.554   -12.649 -0.829  1.00 24.77 ? 292 ILE A CB  1 
ATOM   481 C  CG1 . ILE A 1 65 ? 4.243   -13.446 -1.962  1.00 26.58 ? 292 ILE A CG1 1 
ATOM   482 C  CG2 . ILE A 1 65 ? 2.433   -11.767 -1.407  1.00 23.50 ? 292 ILE A CG2 1 
ATOM   483 C  CD1 . ILE A 1 65 ? 3.349   -14.574 -2.604  1.00 24.34 ? 292 ILE A CD1 1 
HETATM 484 N  N   . MSE A 1 66 ? 3.321   -11.201 1.945   1.00 23.15 ? 293 MSE A N   1 
HETATM 485 C  CA  . MSE A 1 66 ? 2.562   -10.276 2.771   1.00 22.43 ? 293 MSE A CA  1 
HETATM 486 C  C   . MSE A 1 66 ? 3.477   -9.237  3.410   1.00 22.64 ? 293 MSE A C   1 
HETATM 487 O  O   . MSE A 1 66 ? 3.072   -8.098  3.551   1.00 21.79 ? 293 MSE A O   1 
HETATM 488 C  CB  . MSE A 1 66 ? 1.701   -11.007 3.799   1.00 22.08 ? 293 MSE A CB  1 
HETATM 489 C  CG  . MSE A 1 66 ? 0.552   -11.849 3.189   1.00 21.89 ? 293 MSE A CG  1 
HETATM 490 SE SE  . MSE A 1 66 ? -0.439  -11.122 1.709   1.00 25.48 ? 293 MSE A SE  1 
HETATM 491 C  CE  . MSE A 1 66 ? -1.163  -9.516  2.579   1.00 18.82 ? 293 MSE A CE  1 
ATOM   492 N  N   A ARG A 1 67 ? 4.723   -9.604  3.763   0.50 22.71 ? 294 ARG A N   1 
ATOM   493 N  N   B ARG A 1 67 ? 4.719   -9.617  3.753   0.50 22.78 ? 294 ARG A N   1 
ATOM   494 C  CA  A ARG A 1 67 ? 5.679   -8.600  4.257   0.50 23.06 ? 294 ARG A CA  1 
ATOM   495 C  CA  B ARG A 1 67 ? 5.688   -8.646  4.269   0.50 23.20 ? 294 ARG A CA  1 
ATOM   496 C  C   A ARG A 1 67 ? 6.035   -7.596  3.178   0.50 22.32 ? 294 ARG A C   1 
ATOM   497 C  C   B ARG A 1 67 ? 6.086   -7.627  3.200   0.50 22.34 ? 294 ARG A C   1 
ATOM   498 O  O   A ARG A 1 67 ? 6.128   -6.392  3.443   0.50 22.93 ? 294 ARG A O   1 
ATOM   499 O  O   B ARG A 1 67 ? 6.254   -6.443  3.497   0.50 22.83 ? 294 ARG A O   1 
ATOM   500 C  CB  A ARG A 1 67 ? 6.960   -9.234  4.798   0.50 22.79 ? 294 ARG A CB  1 
ATOM   501 C  CB  B ARG A 1 67 ? 6.926   -9.348  4.838   0.50 22.98 ? 294 ARG A CB  1 
ATOM   502 C  CG  A ARG A 1 67 ? 6.769   -9.837  6.136   0.50 25.04 ? 294 ARG A CG  1 
ATOM   503 C  CG  B ARG A 1 67 ? 6.609   -10.176 6.058   0.50 25.78 ? 294 ARG A CG  1 
ATOM   504 C  CD  A ARG A 1 67 ? 8.066   -9.899  6.965   0.50 23.87 ? 294 ARG A CD  1 
ATOM   505 C  CD  B ARG A 1 67 ? 7.846   -10.893 6.655   0.50 25.49 ? 294 ARG A CD  1 
ATOM   506 N  NE  A ARG A 1 67 ? 9.302   -9.742  6.203   0.50 25.65 ? 294 ARG A NE  1 
ATOM   507 N  NE  B ARG A 1 67 ? 7.445   -12.124 7.346   0.50 28.02 ? 294 ARG A NE  1 
ATOM   508 C  CZ  A ARG A 1 67 ? 10.183  -8.777  6.441   0.50 27.25 ? 294 ARG A CZ  1 
ATOM   509 C  CZ  B ARG A 1 67 ? 7.008   -12.165 8.598   0.50 29.62 ? 294 ARG A CZ  1 
ATOM   510 N  NH1 A ARG A 1 67 ? 11.311  -8.709  5.748   0.50 28.95 ? 294 ARG A NH1 1 
ATOM   511 N  NH1 B ARG A 1 67 ? 6.938   -11.049 9.318   0.50 31.08 ? 294 ARG A NH1 1 
ATOM   512 N  NH2 A ARG A 1 67 ? 9.942   -7.892  7.402   0.50 25.13 ? 294 ARG A NH2 1 
ATOM   513 N  NH2 B ARG A 1 67 ? 6.657   -13.320 9.135   0.50 31.32 ? 294 ARG A NH2 1 
ATOM   514 N  N   . ASP A 1 68 ? 6.218   -8.092  1.961   1.00 21.64 ? 295 ASP A N   1 
ATOM   515 C  CA  . ASP A 1 68 ? 6.468   -7.218  0.812   1.00 21.36 ? 295 ASP A CA  1 
ATOM   516 C  C   . ASP A 1 68 ? 5.273   -6.245  0.586   1.00 19.87 ? 295 ASP A C   1 
ATOM   517 O  O   . ASP A 1 68 ? 5.469   -5.070  0.313   1.00 19.89 ? 295 ASP A O   1 
ATOM   518 C  CB  . ASP A 1 68 ? 6.680   -8.032  -0.475  1.00 20.54 ? 295 ASP A CB  1 
ATOM   519 C  CG  . ASP A 1 68 ? 8.066   -8.600  -0.623  1.00 23.19 ? 295 ASP A CG  1 
ATOM   520 O  OD1 . ASP A 1 68 ? 8.867   -8.398  0.269   1.00 23.34 ? 295 ASP A OD1 1 
ATOM   521 O  OD2 . ASP A 1 68 ? 8.383   -9.170  -1.672  1.00 21.75 ? 295 ASP A OD2 1 
ATOM   522 N  N   . VAL A 1 69 ? 4.040   -6.748  0.655   1.00 20.01 ? 296 VAL A N   1 
ATOM   523 C  CA  . VAL A 1 69 ? 2.869   -5.889  0.443   1.00 19.27 ? 296 VAL A CA  1 
ATOM   524 C  C   . VAL A 1 69 ? 2.878   -4.764  1.504   1.00 20.49 ? 296 VAL A C   1 
ATOM   525 O  O   . VAL A 1 69 ? 2.680   -3.609  1.184   1.00 20.78 ? 296 VAL A O   1 
ATOM   526 C  CB  . VAL A 1 69 ? 1.545   -6.717  0.517   1.00 19.89 ? 296 VAL A CB  1 
ATOM   527 C  CG1 . VAL A 1 69 ? 0.280   -5.811  0.643   1.00 17.48 ? 296 VAL A CG1 1 
ATOM   528 C  CG2 . VAL A 1 69 ? 1.422   -7.698  -0.671  1.00 19.55 ? 296 VAL A CG2 1 
ATOM   529 N  N   . ALA A 1 70 ? 3.114   -5.116  2.766   1.00 20.68 ? 297 ALA A N   1 
ATOM   530 C  CA  . ALA A 1 70 ? 3.149   -4.146  3.857   1.00 20.97 ? 297 ALA A CA  1 
ATOM   531 C  C   . ALA A 1 70 ? 4.243   -3.086  3.622   1.00 20.90 ? 297 ALA A C   1 
ATOM   532 O  O   . ALA A 1 70 ? 3.994   -1.881  3.789   1.00 20.93 ? 297 ALA A O   1 
ATOM   533 C  CB  . ALA A 1 70 ? 3.352   -4.872  5.201   1.00 20.18 ? 297 ALA A CB  1 
ATOM   534 N  N   A GLU A 1 71 ? 5.421   -3.521  3.177   0.50 21.26 ? 298 GLU A N   1 
ATOM   535 N  N   B GLU A 1 71 ? 5.412   -3.557  3.188   0.50 20.90 ? 298 GLU A N   1 
ATOM   536 C  CA  A GLU A 1 71 ? 6.541   -2.599  2.906   0.50 21.06 ? 298 GLU A CA  1 
ATOM   537 C  CA  B GLU A 1 71 ? 6.558   -2.701  2.856   0.50 20.34 ? 298 GLU A CA  1 
ATOM   538 C  C   A GLU A 1 71 ? 6.288   -1.682  1.719   0.50 20.71 ? 298 GLU A C   1 
ATOM   539 C  C   B GLU A 1 71 ? 6.231   -1.710  1.768   0.50 20.36 ? 298 GLU A C   1 
ATOM   540 O  O   A GLU A 1 71 ? 6.644   -0.502  1.728   0.50 20.98 ? 298 GLU A O   1 
ATOM   541 O  O   B GLU A 1 71 ? 6.474   -0.517  1.908   0.50 20.86 ? 298 GLU A O   1 
ATOM   542 C  CB  A GLU A 1 71 ? 7.847   -3.384  2.704   0.50 21.33 ? 298 GLU A CB  1 
ATOM   543 C  CB  B GLU A 1 71 ? 7.722   -3.570  2.389   0.50 20.58 ? 298 GLU A CB  1 
ATOM   544 C  CG  A GLU A 1 71 ? 8.465   -3.899  4.010   0.50 22.89 ? 298 GLU A CG  1 
ATOM   545 C  CG  B GLU A 1 71 ? 9.079   -2.916  2.445   0.50 19.33 ? 298 GLU A CG  1 
ATOM   546 C  CD  A GLU A 1 71 ? 9.407   -5.102  3.837   0.50 25.49 ? 298 GLU A CD  1 
ATOM   547 C  CD  B GLU A 1 71 ? 9.607   -2.859  3.871   0.50 21.34 ? 298 GLU A CD  1 
ATOM   548 O  OE1 A GLU A 1 71 ? 9.593   -5.608  2.696   0.50 28.94 ? 298 GLU A OE1 1 
ATOM   549 O  OE1 B GLU A 1 71 ? 10.005  -3.915  4.434   0.50 18.82 ? 298 GLU A OE1 1 
ATOM   550 O  OE2 A GLU A 1 71 ? 9.968   -5.542  4.855   0.50 23.05 ? 298 GLU A OE2 1 
ATOM   551 O  OE2 B GLU A 1 71 ? 9.608   -1.744  4.418   0.50 19.85 ? 298 GLU A OE2 1 
ATOM   552 N  N   . ILE A 1 72 ? 5.697   -2.230  0.670   1.00 20.00 ? 299 ILE A N   1 
ATOM   553 C  CA  . ILE A 1 72 ? 5.350   -1.447  -0.500  1.00 19.67 ? 299 ILE A CA  1 
ATOM   554 C  C   . ILE A 1 72 ? 4.368   -0.359  -0.113  1.00 18.99 ? 299 ILE A C   1 
ATOM   555 O  O   . ILE A 1 72 ? 4.538   0.816   -0.521  1.00 19.22 ? 299 ILE A O   1 
ATOM   556 C  CB  . ILE A 1 72 ? 4.795   -2.343  -1.615  1.00 18.76 ? 299 ILE A CB  1 
ATOM   557 C  CG1 . ILE A 1 72 ? 5.922   -3.244  -2.167  1.00 20.08 ? 299 ILE A CG1 1 
ATOM   558 C  CG2 . ILE A 1 72 ? 4.165   -1.461  -2.780  1.00 19.89 ? 299 ILE A CG2 1 
ATOM   559 C  CD1 . ILE A 1 72 ? 5.438   -4.509  -2.909  1.00 19.05 ? 299 ILE A CD1 1 
ATOM   560 N  N   . LEU A 1 73 ? 3.334   -0.739  0.660   1.00 19.80 ? 300 LEU A N   1 
ATOM   561 C  CA  . LEU A 1 73 ? 2.305   0.227   1.076   1.00 19.65 ? 300 LEU A CA  1 
ATOM   562 C  C   . LEU A 1 73 ? 2.917   1.350   1.959   1.00 19.08 ? 300 LEU A C   1 
ATOM   563 O  O   . LEU A 1 73 ? 2.625   2.535   1.729   1.00 19.01 ? 300 LEU A O   1 
ATOM   564 C  CB  . LEU A 1 73 ? 1.144   -0.470  1.811   1.00 19.36 ? 300 LEU A CB  1 
ATOM   565 C  CG  . LEU A 1 73 ? 0.245   -1.316  0.873   1.00 18.52 ? 300 LEU A CG  1 
ATOM   566 C  CD1 . LEU A 1 73 ? -0.648  -2.205  1.783   1.00 18.79 ? 300 LEU A CD1 1 
ATOM   567 C  CD2 . LEU A 1 73 ? -0.526  -0.423  -0.133  1.00 18.17 ? 300 LEU A CD2 1 
ATOM   568 N  N   . GLU A 1 74 ? 3.773   0.983   2.902   1.00 19.55 ? 301 GLU A N   1 
ATOM   569 C  CA  . GLU A 1 74 ? 4.401   1.983   3.760   1.00 19.97 ? 301 GLU A CA  1 
ATOM   570 C  C   . GLU A 1 74 ? 5.336   2.898   2.950   1.00 20.00 ? 301 GLU A C   1 
ATOM   571 O  O   . GLU A 1 74 ? 5.423   4.096   3.233   1.00 20.73 ? 301 GLU A O   1 
ATOM   572 C  CB  . GLU A 1 74 ? 5.148   1.361   4.943   1.00 20.46 ? 301 GLU A CB  1 
ATOM   573 C  CG  . GLU A 1 74 ? 4.223   0.620   5.937   1.00 20.02 ? 301 GLU A CG  1 
ATOM   574 C  CD  . GLU A 1 74 ? 3.061   1.454   6.430   1.00 22.06 ? 301 GLU A CD  1 
ATOM   575 O  OE1 . GLU A 1 74 ? 3.304   2.632   6.808   1.00 20.70 ? 301 GLU A OE1 1 
ATOM   576 O  OE2 . GLU A 1 74 ? 1.906   0.944   6.492   1.00 21.81 ? 301 GLU A OE2 1 
ATOM   577 N  N   A GLN A 1 75 ? 6.047   2.341   1.972   0.50 20.54 ? 302 GLN A N   1 
ATOM   578 N  N   B GLN A 1 75 ? 6.039   2.322   1.982   0.50 20.20 ? 302 GLN A N   1 
ATOM   579 C  CA  A GLN A 1 75 ? 6.927   3.171   1.155   0.50 20.49 ? 302 GLN A CA  1 
ATOM   580 C  CA  B GLN A 1 75 ? 6.928   3.093   1.132   0.50 19.89 ? 302 GLN A CA  1 
ATOM   581 C  C   A GLN A 1 75 ? 6.120   4.121   0.281   0.50 20.24 ? 302 GLN A C   1 
ATOM   582 C  C   B GLN A 1 75 ? 6.140   4.083   0.272   0.50 19.90 ? 302 GLN A C   1 
ATOM   583 O  O   A GLN A 1 75 ? 6.512   5.286   0.100   0.50 19.79 ? 302 GLN A O   1 
ATOM   584 O  O   B GLN A 1 75 ? 6.561   5.239   0.104   0.50 19.49 ? 302 GLN A O   1 
ATOM   585 C  CB  A GLN A 1 75 ? 7.869   2.347   0.285   0.50 21.28 ? 302 GLN A CB  1 
ATOM   586 C  CB  B GLN A 1 75 ? 7.762   2.148   0.271   0.50 20.39 ? 302 GLN A CB  1 
ATOM   587 C  CG  A GLN A 1 75 ? 8.982   3.222   -0.319  0.50 23.19 ? 302 GLN A CG  1 
ATOM   588 C  CG  B GLN A 1 75 ? 8.806   1.380   1.076   0.50 20.84 ? 302 GLN A CG  1 
ATOM   589 C  CD  A GLN A 1 75 ? 9.591   4.180   0.729   0.50 25.78 ? 302 GLN A CD  1 
ATOM   590 C  CD  B GLN A 1 75 ? 9.921   2.271   1.598   0.50 23.76 ? 302 GLN A CD  1 
ATOM   591 O  OE1 A GLN A 1 75 ? 10.058  3.720   1.772   0.50 28.54 ? 302 GLN A OE1 1 
ATOM   592 O  OE1 B GLN A 1 75 ? 10.318  2.178   2.771   0.50 26.37 ? 302 GLN A OE1 1 
ATOM   593 N  NE2 A GLN A 1 75 ? 9.540   5.503   0.474   0.50 24.81 ? 302 GLN A NE2 1 
ATOM   594 N  NE2 B GLN A 1 75 ? 10.454  3.127   0.720   0.50 24.27 ? 302 GLN A NE2 1 
HETATM 595 N  N   . MSE A 1 76 ? 5.001   3.640   -0.276  1.00 20.24 ? 303 MSE A N   1 
HETATM 596 C  CA  . MSE A 1 76 ? 4.130   4.516   -1.066  1.00 20.06 ? 303 MSE A CA  1 
HETATM 597 C  C   . MSE A 1 76 ? 3.610   5.694   -0.229  1.00 18.92 ? 303 MSE A C   1 
HETATM 598 O  O   . MSE A 1 76 ? 3.642   6.843   -0.687  1.00 18.91 ? 303 MSE A O   1 
HETATM 599 C  CB  . MSE A 1 76 ? 2.952   3.729   -1.672  1.00 20.87 ? 303 MSE A CB  1 
HETATM 600 C  CG  . MSE A 1 76 ? 3.393   2.817   -2.767  1.00 21.58 ? 303 MSE A CG  1 
HETATM 601 SE SE  . MSE A 1 76 ? 2.045   1.449   -3.146  1.00 28.76 ? 303 MSE A SE  1 
HETATM 602 C  CE  . MSE A 1 76 ? 0.750   2.627   -3.709  1.00 24.88 ? 303 MSE A CE  1 
ATOM   603 N  N   . GLU A 1 77 ? 3.167   5.399   0.994   1.00 19.31 ? 304 GLU A N   1 
ATOM   604 C  CA  . GLU A 1 77 ? 2.681   6.423   1.904   1.00 19.74 ? 304 GLU A CA  1 
ATOM   605 C  C   . GLU A 1 77 ? 3.796   7.418   2.218   1.00 18.93 ? 304 GLU A C   1 
ATOM   606 O  O   . GLU A 1 77 ? 3.579   8.621   2.143   1.00 19.76 ? 304 GLU A O   1 
ATOM   607 C  CB  . GLU A 1 77 ? 2.129   5.803   3.181   1.00 19.89 ? 304 GLU A CB  1 
ATOM   608 C  CG  . GLU A 1 77 ? 1.701   6.810   4.170   1.00 21.18 ? 304 GLU A CG  1 
ATOM   609 C  CD  . GLU A 1 77 ? 1.152   6.178   5.438   1.00 23.85 ? 304 GLU A CD  1 
ATOM   610 O  OE1 . GLU A 1 77 ? 1.664   5.146   5.953   1.00 22.25 ? 304 GLU A OE1 1 
ATOM   611 O  OE2 . GLU A 1 77 ? 0.197   6.748   5.909   1.00 24.96 ? 304 GLU A OE2 1 
ATOM   612 N  N   . HIS A 1 78 ? 4.993   6.917   2.537   1.00 19.81 ? 305 HIS A N   1 
ATOM   613 C  CA  . HIS A 1 78 ? 6.113   7.768   2.884   1.00 19.80 ? 305 HIS A CA  1 
ATOM   614 C  C   . HIS A 1 78 ? 6.470   8.662   1.706   1.00 18.47 ? 305 HIS A C   1 
ATOM   615 O  O   . HIS A 1 78 ? 6.676   9.859   1.888   1.00 18.81 ? 305 HIS A O   1 
ATOM   616 C  CB  . HIS A 1 78 ? 7.303   6.910   3.322   1.00 20.23 ? 305 HIS A CB  1 
ATOM   617 C  CG  . HIS A 1 78 ? 8.501   7.702   3.724   1.00 26.64 ? 305 HIS A CG  1 
ATOM   618 N  ND1 . HIS A 1 78 ? 9.674   7.683   2.993   1.00 32.23 ? 305 HIS A ND1 1 
ATOM   619 C  CD2 . HIS A 1 78 ? 8.716   8.531   4.772   1.00 29.99 ? 305 HIS A CD2 1 
ATOM   620 C  CE1 . HIS A 1 78 ? 10.563  8.469   3.578   1.00 31.55 ? 305 HIS A CE1 1 
ATOM   621 N  NE2 . HIS A 1 78 ? 10.006  8.997   4.656   1.00 30.67 ? 305 HIS A NE2 1 
ATOM   622 N  N   . ALA A 1 79 ? 6.501   8.102   0.505   1.00 18.77 ? 306 ALA A N   1 
ATOM   623 C  CA  . ALA A 1 79 ? 6.855   8.879   -0.685  1.00 18.91 ? 306 ALA A CA  1 
ATOM   624 C  C   . ALA A 1 79 ? 5.904   10.029  -0.938  1.00 19.20 ? 306 ALA A C   1 
ATOM   625 O  O   . ALA A 1 79 ? 6.321   11.127  -1.326  1.00 17.86 ? 306 ALA A O   1 
ATOM   626 C  CB  . ALA A 1 79 ? 6.964   7.976   -1.931  1.00 18.33 ? 306 ALA A CB  1 
ATOM   627 N  N   . GLU A 1 80 ? 4.597   9.785   -0.757  1.00 19.60 ? 307 GLU A N   1 
ATOM   628 C  CA  . GLU A 1 80 ? 3.623   10.845  -0.963  1.00 21.10 ? 307 GLU A CA  1 
ATOM   629 C  C   . GLU A 1 80 ? 3.616   11.884  0.142   1.00 20.14 ? 307 GLU A C   1 
ATOM   630 O  O   . GLU A 1 80 ? 3.536   13.069  -0.139  1.00 21.97 ? 307 GLU A O   1 
ATOM   631 C  CB  . GLU A 1 80 ? 2.216   10.240  -1.179  1.00 20.94 ? 307 GLU A CB  1 
ATOM   632 C  CG  . GLU A 1 80 ? 1.185   11.320  -1.575  1.00 24.01 ? 307 GLU A CG  1 
ATOM   633 C  CD  . GLU A 1 80 ? 1.478   12.036  -2.889  1.00 28.09 ? 307 GLU A CD  1 
ATOM   634 O  OE1 . GLU A 1 80 ? 2.270   11.499  -3.712  1.00 27.04 ? 307 GLU A OE1 1 
ATOM   635 O  OE2 . GLU A 1 80 ? 0.856   13.102  -3.104  1.00 29.55 ? 307 GLU A OE2 1 
ATOM   636 N  N   . VAL A 1 81 ? 3.757   11.470  1.399   1.00 21.06 ? 308 VAL A N   1 
ATOM   637 C  CA  . VAL A 1 81 ? 3.833   12.430  2.494   1.00 22.69 ? 308 VAL A CA  1 
ATOM   638 C  C   . VAL A 1 81 ? 5.049   13.365  2.281   1.00 24.24 ? 308 VAL A C   1 
ATOM   639 O  O   . VAL A 1 81 ? 4.954   14.604  2.394   1.00 24.62 ? 308 VAL A O   1 
ATOM   640 C  CB  . VAL A 1 81 ? 3.978   11.738  3.851   1.00 22.16 ? 308 VAL A CB  1 
ATOM   641 C  CG1 . VAL A 1 81 ? 4.403   12.759  4.903   1.00 24.39 ? 308 VAL A CG1 1 
ATOM   642 C  CG2 . VAL A 1 81 ? 2.711   11.015  4.231   1.00 23.99 ? 308 VAL A CG2 1 
ATOM   643 N  N   . ARG A 1 82 ? 6.185   12.762  1.913   1.00 25.58 ? 309 ARG A N   1 
ATOM   644 C  CA  . ARG A 1 82 ? 7.422   13.504  1.609   1.00 27.78 ? 309 ARG A CA  1 
ATOM   645 C  C   . ARG A 1 82 ? 7.171   14.451  0.435   1.00 27.90 ? 309 ARG A C   1 
ATOM   646 O  O   . ARG A 1 82 ? 7.493   15.637  0.498   1.00 27.98 ? 309 ARG A O   1 
ATOM   647 C  CB  . ARG A 1 82 ? 8.578   12.514  1.285   1.00 27.93 ? 309 ARG A CB  1 
ATOM   648 C  CG  . ARG A 1 82 ? 9.995   13.077  1.295   1.00 33.94 ? 309 ARG A CG  1 
ATOM   649 C  CD  . ARG A 1 82 ? 11.044  12.165  0.520   1.00 40.15 ? 309 ARG A CD  1 
ATOM   650 N  NE  . ARG A 1 82 ? 10.827  10.704  0.673   1.00 47.65 ? 309 ARG A NE  1 
ATOM   651 C  CZ  . ARG A 1 82 ? 10.664  9.788   -0.315  1.00 51.72 ? 309 ARG A CZ  1 
ATOM   652 N  NH1 . ARG A 1 82 ? 10.688  10.118  -1.615  1.00 52.53 ? 309 ARG A NH1 1 
ATOM   653 N  NH2 . ARG A 1 82 ? 10.475  8.498   -0.001  1.00 52.73 ? 309 ARG A NH2 1 
ATOM   654 N  N   . ARG A 1 83 ? 6.588   13.925  -0.632  1.00 29.24 ? 310 ARG A N   1 
ATOM   655 C  CA  . ARG A 1 83 ? 6.360   14.679  -1.850  1.00 30.12 ? 310 ARG A CA  1 
ATOM   656 C  C   . ARG A 1 83 ? 5.448   15.862  -1.662  1.00 31.13 ? 310 ARG A C   1 
ATOM   657 O  O   . ARG A 1 83 ? 5.686   16.910  -2.285  1.00 31.38 ? 310 ARG A O   1 
ATOM   658 C  CB  . ARG A 1 83 ? 5.791   13.783  -2.937  1.00 31.08 ? 310 ARG A CB  1 
ATOM   659 C  CG  . ARG A 1 83 ? 5.509   14.445  -4.261  1.00 33.18 ? 310 ARG A CG  1 
ATOM   660 C  CD  . ARG A 1 83 ? 4.541   13.625  -5.074  1.00 38.92 ? 310 ARG A CD  1 
ATOM   661 N  NE  . ARG A 1 83 ? 3.982   14.471  -6.107  1.00 45.10 ? 310 ARG A NE  1 
ATOM   662 C  CZ  . ARG A 1 83 ? 2.828   15.142  -6.038  1.00 47.47 ? 310 ARG A CZ  1 
ATOM   663 N  NH1 . ARG A 1 83 ? 2.001   15.036  -4.989  1.00 47.29 ? 310 ARG A NH1 1 
ATOM   664 N  NH2 . ARG A 1 83 ? 2.488   15.918  -7.066  1.00 47.89 ? 310 ARG A NH2 1 
ATOM   665 N  N   A LEU A 1 84 ? 4.421   15.726  -0.830  0.50 30.96 ? 311 LEU A N   1 
ATOM   666 N  N   B LEU A 1 84 ? 4.412   15.740  -0.826  0.50 31.70 ? 311 LEU A N   1 
ATOM   667 C  CA  A LEU A 1 84 ? 3.562   16.863  -0.544  0.50 31.04 ? 311 LEU A CA  1 
ATOM   668 C  CA  B LEU A 1 84 ? 3.569   16.909  -0.555  0.50 32.38 ? 311 LEU A CA  1 
ATOM   669 C  C   A LEU A 1 84 ? 4.302   17.916  0.288   0.50 31.87 ? 311 LEU A C   1 
ATOM   670 C  C   B LEU A 1 84 ? 4.276   17.941  0.322   0.50 32.62 ? 311 LEU A C   1 
ATOM   671 O  O   A LEU A 1 84 ? 4.215   19.099  -0.025  0.50 31.89 ? 311 LEU A O   1 
ATOM   672 O  O   B LEU A 1 84 ? 4.129   19.136  0.080   0.50 32.66 ? 311 LEU A O   1 
ATOM   673 C  CB  A LEU A 1 84 ? 2.273   16.428  0.127   0.50 30.57 ? 311 LEU A CB  1 
ATOM   674 C  CB  B LEU A 1 84 ? 2.179   16.570  -0.006  0.50 32.54 ? 311 LEU A CB  1 
ATOM   675 C  CG  A LEU A 1 84 ? 1.357   15.609  -0.804  0.50 28.23 ? 311 LEU A CG  1 
ATOM   676 C  CG  B LEU A 1 84 ? 1.857   15.778  1.266   0.50 33.28 ? 311 LEU A CG  1 
ATOM   677 C  CD1 A LEU A 1 84 ? 0.193   15.066  -0.027  0.50 25.57 ? 311 LEU A CD1 1 
ATOM   678 C  CD1 B LEU A 1 84 ? 2.347   16.434  2.528   0.50 32.88 ? 311 LEU A CD1 1 
ATOM   679 C  CD2 A LEU A 1 84 ? 0.871   16.423  -1.996  0.50 24.77 ? 311 LEU A CD2 1 
ATOM   680 C  CD2 B LEU A 1 84 ? 0.351   15.640  1.324   0.50 33.04 ? 311 LEU A CD2 1 
ATOM   681 N  N   . ILE A 1 85 ? 5.019   17.480  1.332   1.00 32.88 ? 312 ILE A N   1 
ATOM   682 C  CA  . ILE A 1 85 ? 5.939   18.369  2.135   1.00 32.96 ? 312 ILE A CA  1 
ATOM   683 C  C   . ILE A 1 85 ? 7.207   18.684  1.327   1.00 32.76 ? 312 ILE A C   1 
ATOM   684 O  O   . ILE A 1 85 ? 7.290   19.657  0.536   1.00 34.37 ? 312 ILE A O   1 
ATOM   685 C  CB  . ILE A 1 85 ? 6.371   17.705  3.533   1.00 32.60 ? 312 ILE A CB  1 
ATOM   686 C  CG1 . ILE A 1 85 ? 5.167   17.309  4.396   1.00 34.83 ? 312 ILE A CG1 1 
ATOM   687 C  CG2 . ILE A 1 85 ? 7.250   18.660  4.342   1.00 33.90 ? 312 ILE A CG2 1 
ATOM   688 C  CD1 . ILE A 1 85 ? 5.451   16.297  5.549   1.00 34.77 ? 312 ILE A CD1 1 
HETATM 689 CA CA  . CA  B 2 .  ? 3.478   4.711   7.411   1.00 29.08 ? 1   CA  A CA  1 
HETATM 690 C  C1  . EDO C 3 .  ? 5.468   -13.449 -10.002 1.00 72.99 ? 321 EDO A C1  1 
HETATM 691 O  O1  . EDO C 3 .  ? 6.628   -12.673 -9.682  1.00 73.28 ? 321 EDO A O1  1 
HETATM 692 C  C2  . EDO C 3 .  ? 5.284   -13.458 -11.520 1.00 73.00 ? 321 EDO A C2  1 
HETATM 693 O  O2  . EDO C 3 .  ? 5.322   -12.115 -12.011 1.00 71.83 ? 321 EDO A O2  1 
HETATM 694 O  O   . HOH D 4 .  ? -0.178  10.758  8.947   1.00 27.34 ? 2   HOH A O   1 
HETATM 695 O  O   . HOH D 4 .  ? -3.353  11.848  8.837   1.00 18.12 ? 3   HOH A O   1 
HETATM 696 O  O   . HOH D 4 .  ? -6.564  18.490  10.183  1.00 28.73 ? 4   HOH A O   1 
HETATM 697 O  O   . HOH D 4 .  ? 0.163   8.353   -9.313  1.00 47.32 ? 5   HOH A O   1 
HETATM 698 O  O   . HOH D 4 .  ? -10.126 3.182   7.667   1.00 21.99 ? 6   HOH A O   1 
HETATM 699 O  O   . HOH D 4 .  ? -5.069  4.174   -7.732  1.00 23.10 ? 7   HOH A O   1 
HETATM 700 O  O   . HOH D 4 .  ? 7.480   -16.876 3.318   1.00 32.62 ? 8   HOH A O   1 
HETATM 701 O  O   . HOH D 4 .  ? -8.937  3.265   10.206  1.00 46.72 ? 9   HOH A O   1 
HETATM 702 O  O   . HOH D 4 .  ? 8.638   11.583  -2.639  1.00 29.59 ? 10  HOH A O   1 
HETATM 703 O  O   . HOH D 4 .  ? -3.201  18.172  -0.159  1.00 41.22 ? 11  HOH A O   1 
HETATM 704 O  O   . HOH D 4 .  ? 0.672   13.056  9.200   1.00 46.75 ? 12  HOH A O   1 
HETATM 705 O  O   . HOH D 4 .  ? -2.076  4.326   -9.594  1.00 26.97 ? 13  HOH A O   1 
HETATM 706 O  O   . HOH D 4 .  ? -11.129 -0.120  1.500   1.00 24.00 ? 14  HOH A O   1 
HETATM 707 O  O   . HOH D 4 .  ? -12.753 2.956   8.707   1.00 40.84 ? 15  HOH A O   1 
HETATM 708 O  O   . HOH D 4 .  ? -0.059  -4.922  4.527   1.00 27.19 ? 16  HOH A O   1 
HETATM 709 O  O   . HOH D 4 .  ? -6.845  -6.024  5.313   1.00 25.76 ? 17  HOH A O   1 
HETATM 710 O  O   . HOH D 4 .  ? 3.525   0.091   -11.933 1.00 21.17 ? 18  HOH A O   1 
HETATM 711 O  O   . HOH D 4 .  ? 3.524   7.171   -3.604  1.00 28.01 ? 19  HOH A O   1 
HETATM 712 O  O   . HOH D 4 .  ? 1.512   -1.464  5.542   1.00 34.24 ? 20  HOH A O   1 
HETATM 713 O  O   . HOH D 4 .  ? -7.487  7.873   -7.622  1.00 27.96 ? 21  HOH A O   1 
HETATM 714 O  O   . HOH D 4 .  ? 12.462  -8.631  -7.545  1.00 24.69 ? 22  HOH A O   1 
HETATM 715 O  O   . HOH D 4 .  ? -1.530  18.432  4.273   1.00 48.10 ? 23  HOH A O   1 
HETATM 716 O  O   . HOH D 4 .  ? 0.622   -7.447  4.655   1.00 27.17 ? 24  HOH A O   1 
HETATM 717 O  O   . HOH D 4 .  ? 8.956   -2.392  -9.650  0.50 18.07 ? 25  HOH A O   1 
HETATM 718 O  O   . HOH D 4 .  ? -7.664  1.633   -7.440  1.00 26.32 ? 26  HOH A O   1 
HETATM 719 O  O   . HOH D 4 .  ? -1.647  0.998   9.426   1.00 43.49 ? 27  HOH A O   1 
HETATM 720 O  O   . HOH D 4 .  ? -11.667 -0.923  5.775   1.00 46.20 ? 28  HOH A O   1 
HETATM 721 O  O   . HOH D 4 .  ? 3.783   9.615   -4.440  1.00 33.76 ? 29  HOH A O   1 
HETATM 722 O  O   . HOH D 4 .  ? 12.640  -0.504  -6.129  0.50 22.65 ? 30  HOH A O   1 
HETATM 723 O  O   . HOH D 4 .  ? -3.348  -2.752  6.322   1.00 37.95 ? 31  HOH A O   1 
HETATM 724 O  O   . HOH D 4 .  ? -6.263  -8.698  5.234   1.00 33.24 ? 32  HOH A O   1 
HETATM 725 O  O   . HOH D 4 .  ? 1.388   -2.081  -13.368 1.00 47.20 ? 33  HOH A O   1 
HETATM 726 O  O   . HOH D 4 .  ? -0.966  -2.689  -11.789 1.00 33.68 ? 34  HOH A O   1 
HETATM 727 O  O   . HOH D 4 .  ? -10.178 0.548   6.865   1.00 40.02 ? 35  HOH A O   1 
HETATM 728 O  O   . HOH D 4 .  ? 3.782   -6.640  -12.186 1.00 33.57 ? 36  HOH A O   1 
HETATM 729 O  O   . HOH D 4 .  ? -8.857  18.255  11.171  1.00 35.21 ? 37  HOH A O   1 
HETATM 730 O  O   . HOH D 4 .  ? -7.883  -11.216 -4.345  1.00 35.80 ? 38  HOH A O   1 
HETATM 731 O  O   . HOH D 4 .  ? 3.712   2.760   -11.844 1.00 44.41 ? 39  HOH A O   1 
HETATM 732 O  O   . HOH D 4 .  ? -4.537  -9.853  6.673   1.00 41.54 ? 40  HOH A O   1 
HETATM 733 O  O   . HOH D 4 .  ? -10.696 -10.864 0.666   1.00 37.37 ? 41  HOH A O   1 
HETATM 734 O  O   . HOH D 4 .  ? 4.976   -18.365 3.686   1.00 30.58 ? 42  HOH A O   1 
HETATM 735 O  O   . HOH D 4 .  ? 4.014   -12.113 6.660   1.00 36.32 ? 43  HOH A O   1 
HETATM 736 O  O   . HOH D 4 .  ? -3.505  11.029  -7.583  1.00 43.88 ? 44  HOH A O   1 
HETATM 737 O  O   . HOH D 4 .  ? 6.436   1.128   -3.127  1.00 44.56 ? 45  HOH A O   1 
HETATM 738 O  O   . HOH D 4 .  ? -9.578  -0.083  -7.598  1.00 39.00 ? 46  HOH A O   1 
HETATM 739 O  O   . HOH D 4 .  ? -2.413  11.373  6.265   1.00 39.03 ? 47  HOH A O   1 
HETATM 740 O  O   . HOH D 4 .  ? -3.139  14.480  4.636   1.00 27.28 ? 48  HOH A O   1 
HETATM 741 O  O   . HOH D 4 .  ? 9.762   -11.832 -12.775 1.00 46.37 ? 49  HOH A O   1 
HETATM 742 O  O   . HOH D 4 .  ? -0.198  -3.180  6.142   1.00 53.57 ? 50  HOH A O   1 
HETATM 743 O  O   . HOH D 4 .  ? -4.826  -4.891  7.096   1.00 41.63 ? 51  HOH A O   1 
HETATM 744 O  O   . HOH D 4 .  ? 8.858   -11.487 -9.550  1.00 16.62 ? 52  HOH A O   1 
HETATM 745 O  O   . HOH D 4 .  ? 7.919   -8.293  9.565   1.00 25.98 ? 53  HOH A O   1 
HETATM 746 O  O   . HOH D 4 .  ? 13.190  -0.891  -2.708  1.00 54.20 ? 54  HOH A O   1 
HETATM 747 O  O   . HOH D 4 .  ? -7.044  -15.614 4.250   1.00 31.97 ? 55  HOH A O   1 
HETATM 748 O  O   . HOH D 4 .  ? 13.703  -4.358  -6.564  1.00 58.39 ? 56  HOH A O   1 
HETATM 749 O  O   . HOH D 4 .  ? 13.690  -7.388  5.176   1.00 52.65 ? 57  HOH A O   1 
HETATM 750 O  O   . HOH D 4 .  ? -1.055  13.336  5.050   1.00 46.90 ? 58  HOH A O   1 
HETATM 751 O  O   . HOH D 4 .  ? -2.415  16.315  3.671   1.00 48.00 ? 59  HOH A O   1 
HETATM 752 O  O   . HOH D 4 .  ? -5.670  10.066  -10.683 1.00 56.00 ? 60  HOH A O   1 
HETATM 753 O  O   . HOH D 4 .  ? -9.453  -4.967  -6.295  1.00 50.94 ? 61  HOH A O   1 
HETATM 754 O  O   . HOH D 4 .  ? -5.019  -0.411  7.838   1.00 55.96 ? 62  HOH A O   1 
HETATM 755 O  O   . HOH D 4 .  ? 13.602  -8.980  -4.330  1.00 50.21 ? 63  HOH A O   1 
HETATM 756 O  O   . HOH D 4 .  ? -1.737  20.301  5.523   1.00 49.16 ? 64  HOH A O   1 
HETATM 757 O  O   . HOH D 4 .  ? -3.290  -1.718  10.821  1.00 56.87 ? 65  HOH A O   1 
HETATM 758 O  O   . HOH D 4 .  ? -7.869  -10.415 4.835   1.00 42.91 ? 66  HOH A O   1 
HETATM 759 O  O   . HOH D 4 .  ? -10.144 -2.331  -6.661  1.00 45.14 ? 67  HOH A O   1 
HETATM 760 O  O   . HOH D 4 .  ? -1.608  3.322   -13.612 1.00 58.72 ? 68  HOH A O   1 
HETATM 761 O  O   . HOH D 4 .  ? -12.180 -1.545  3.194   1.00 39.40 ? 69  HOH A O   1 
HETATM 762 O  O   . HOH D 4 .  ? -3.378  -19.038 -1.974  1.00 32.31 ? 70  HOH A O   1 
HETATM 763 O  O   . HOH D 4 .  ? -0.977  -24.501 -0.583  1.00 25.83 ? 71  HOH A O   1 
HETATM 764 O  O   . HOH D 4 .  ? 14.561  -8.606  0.736   1.00 55.38 ? 72  HOH A O   1 
HETATM 765 O  O   . HOH D 4 .  ? -2.411  -11.202 5.401   1.00 43.62 ? 73  HOH A O   1 
HETATM 766 O  O   . HOH D 4 .  ? 8.923   0.166   3.657   1.00 47.41 ? 74  HOH A O   1 
HETATM 767 O  O   . HOH D 4 .  ? 3.074   -10.430 -9.682  1.00 54.48 ? 75  HOH A O   1 
HETATM 768 O  O   . HOH D 4 .  ? -0.983  -10.692 -7.913  1.00 50.26 ? 76  HOH A O   1 
HETATM 769 O  O   . HOH D 4 .  ? 5.769   16.332  -7.692  1.00 41.93 ? 77  HOH A O   1 
HETATM 770 O  O   . HOH D 4 .  ? -8.613  -11.304 2.220   1.00 36.35 ? 78  HOH A O   1 
HETATM 771 O  O   . HOH D 4 .  ? -12.206 -3.485  8.119   1.00 60.74 ? 79  HOH A O   1 
HETATM 772 O  O   . HOH D 4 .  ? 2.518   11.675  -9.015  1.00 56.30 ? 80  HOH A O   1 
HETATM 773 O  O   . HOH D 4 .  ? -3.246  18.501  7.294   1.00 42.67 ? 81  HOH A O   1 
HETATM 774 O  O   . HOH D 4 .  ? -3.483  -22.197 3.353   1.00 50.08 ? 82  HOH A O   1 
HETATM 775 O  O   . HOH D 4 .  ? -8.490  -17.088 -0.536  1.00 42.54 ? 83  HOH A O   1 
HETATM 776 O  O   . HOH D 4 .  ? 1.463   4.649   -10.344 1.00 57.79 ? 84  HOH A O   1 
HETATM 777 O  O   . HOH D 4 .  ? -11.286 -1.165  9.707   1.00 70.54 ? 85  HOH A O   1 
HETATM 778 O  O   . HOH D 4 .  ? -10.497 -10.594 3.807   1.00 53.86 ? 86  HOH A O   1 
HETATM 779 O  O   . HOH D 4 .  ? 2.525   -8.879  -12.293 1.00 40.33 ? 87  HOH A O   1 
HETATM 780 O  O   . HOH D 4 .  ? -0.763  -9.248  6.243   1.00 38.98 ? 88  HOH A O   1 
HETATM 781 O  O   . HOH D 4 .  ? 4.367   -9.499  -14.878 1.00 54.35 ? 89  HOH A O   1 
HETATM 782 O  O   . HOH D 4 .  ? -2.702  -24.267 4.624   1.00 50.53 ? 90  HOH A O   1 
HETATM 783 O  O   . HOH D 4 .  ? -1.201  13.111  10.962  1.00 20.87 ? 322 HOH A O   1 
# 
